data_9MEC
#
_entry.id   9MEC
#
_cell.length_a   86.909
_cell.length_b   86.909
_cell.length_c   473.809
_cell.angle_alpha   90.00
_cell.angle_beta   90.00
_cell.angle_gamma   90.00
#
_symmetry.space_group_name_H-M   'P 43 21 2'
#
loop_
_entity.id
_entity.type
_entity.pdbx_description
1 polymer 'Pyrophosphate--fructose 6-phosphate 1-phosphotransferase 1'
2 non-polymer 'ADENOSINE MONOPHOSPHATE'
3 non-polymer PYROPHOSPHATE
4 non-polymer GLYCEROL
5 non-polymer 6-O-phosphono-alpha-D-glucopyranose
6 non-polymer 'PHOSPHATE ION'
7 non-polymer 'CHLORIDE ION'
8 non-polymer 'MAGNESIUM ION'
9 water water
#
_entity_poly.entity_id   1
_entity_poly.type   'polypeptide(L)'
_entity_poly.pdbx_seq_one_letter_code
;MAHHHHHHMSTEAPVLGILCGGGPAPGLNGVIAGATLYALRLGWKVIGFMEGFKYLCTGDVDVVKAHTIDLTYDIVSRIH
FQGGTIIQTSRANPRKSPELQENVRKCLRALKVRYFLTIGGDDTASSAVSVASGMNGNEISVISCPKTIDNDLPLPADQS
TFGFHTARSLGMEIIRNLMVDSKSAPRWFLVEAMGRSAGHLALGMAEASGAHLCLIPEEFKQDEIEFEDVVELVEATILK
RLAYGKNYGVCVLAEGLVSKMSKKALYKLFGNREPPTDPHGHILLDDAELARSLSEELLKRLGNLGIRITPKKIGYELRC
ADPVAFDAVYTRELGYGAIDAFLNGHSAALIVRENGQVKPVQFKDLLDPATGRVRTRLVDVTSQSFKVARVYMWRMSKKD
YENKDLVARVAAAGKMTPEAFTEKFAHLTDVVVE
;
_entity_poly.pdbx_strand_id   A,B,C,D
#
loop_
_chem_comp.id
_chem_comp.type
_chem_comp.name
_chem_comp.formula
AMP non-polymer 'ADENOSINE MONOPHOSPHATE' 'C10 H14 N5 O7 P'
CL non-polymer 'CHLORIDE ION' 'Cl -1'
G6P D-saccharide, alpha linking 6-O-phosphono-alpha-D-glucopyranose 'C6 H13 O9 P'
GOL non-polymer GLYCEROL 'C3 H8 O3'
MG non-polymer 'MAGNESIUM ION' 'Mg 2'
PO4 non-polymer 'PHOSPHATE ION' 'O4 P -3'
PPV non-polymer PYROPHOSPHATE 'H4 O7 P2'
#
# COMPACT_ATOMS: atom_id res chain seq x y z
N ALA A 13 -6.71 42.77 7.75
CA ALA A 13 -5.59 41.88 7.47
C ALA A 13 -5.47 41.62 5.97
N PRO A 14 -4.25 41.42 5.49
CA PRO A 14 -4.06 41.14 4.05
C PRO A 14 -4.70 39.83 3.64
N VAL A 15 -5.14 39.78 2.38
CA VAL A 15 -5.88 38.64 1.84
C VAL A 15 -4.98 37.86 0.89
N LEU A 16 -4.87 36.56 1.14
CA LEU A 16 -4.17 35.63 0.26
C LEU A 16 -5.23 34.78 -0.43
N GLY A 17 -5.20 34.77 -1.76
CA GLY A 17 -6.13 33.97 -2.55
C GLY A 17 -5.35 32.86 -3.24
N ILE A 18 -5.89 31.65 -3.20
CA ILE A 18 -5.21 30.48 -3.72
C ILE A 18 -6.13 29.76 -4.69
N LEU A 19 -5.57 29.31 -5.81
CA LEU A 19 -6.31 28.49 -6.75
C LEU A 19 -5.39 27.44 -7.34
N CYS A 20 -5.99 26.38 -7.88
CA CYS A 20 -5.27 25.33 -8.56
C CYS A 20 -5.67 25.32 -10.03
N GLY A 21 -4.68 25.11 -10.91
CA GLY A 21 -4.95 25.00 -12.33
C GLY A 21 -4.31 23.77 -12.92
N GLY A 22 -4.89 23.32 -14.02
CA GLY A 22 -4.40 22.16 -14.72
C GLY A 22 -4.99 20.88 -14.16
N GLY A 23 -4.39 19.78 -14.56
CA GLY A 23 -4.77 18.49 -14.05
C GLY A 23 -4.18 18.31 -12.67
N PRO A 24 -4.90 17.63 -11.78
CA PRO A 24 -4.39 17.48 -10.41
C PRO A 24 -3.08 16.71 -10.40
N ALA A 25 -2.28 16.96 -9.35
CA ALA A 25 -1.11 16.15 -9.04
C ALA A 25 -1.02 15.95 -7.53
N PRO A 26 -0.49 14.82 -7.07
CA PRO A 26 -0.39 14.58 -5.63
C PRO A 26 0.48 15.64 -4.94
N GLY A 27 -0.05 16.22 -3.87
CA GLY A 27 0.64 17.27 -3.14
C GLY A 27 0.05 18.65 -3.29
N LEU A 28 -0.98 18.82 -4.14
CA LEU A 28 -1.67 20.09 -4.21
C LEU A 28 -2.11 20.54 -2.83
N ASN A 29 -2.75 19.65 -2.08
CA ASN A 29 -3.17 19.97 -0.73
C ASN A 29 -1.98 20.29 0.17
N GLY A 30 -0.81 19.71 -0.10
CA GLY A 30 0.36 20.05 0.67
C GLY A 30 0.76 21.50 0.52
N VAL A 31 0.70 22.01 -0.71
CA VAL A 31 1.00 23.42 -0.95
C VAL A 31 -0.06 24.31 -0.31
N ILE A 32 -1.33 23.93 -0.42
CA ILE A 32 -2.39 24.72 0.17
C ILE A 32 -2.23 24.79 1.68
N ALA A 33 -1.86 23.67 2.31
CA ALA A 33 -1.73 23.65 3.76
C ALA A 33 -0.46 24.36 4.23
N GLY A 34 0.63 24.22 3.48
CA GLY A 34 1.85 24.92 3.83
C GLY A 34 1.70 26.43 3.75
N ALA A 35 1.09 26.90 2.66
CA ALA A 35 0.85 28.33 2.49
C ALA A 35 -0.20 28.85 3.47
N THR A 36 -1.29 28.11 3.65
CA THR A 36 -2.39 28.63 4.46
C THR A 36 -2.01 28.69 5.94
N LEU A 37 -1.40 27.62 6.47
CA LEU A 37 -1.07 27.58 7.89
C LEU A 37 -0.10 28.71 8.26
N TYR A 38 0.96 28.87 7.47
CA TYR A 38 1.94 29.93 7.74
C TYR A 38 1.29 31.30 7.62
N ALA A 39 0.48 31.50 6.58
CA ALA A 39 -0.18 32.79 6.42
C ALA A 39 -1.10 33.08 7.59
N LEU A 40 -1.78 32.05 8.11
CA LEU A 40 -2.63 32.25 9.28
C LEU A 40 -1.82 32.61 10.51
N ARG A 41 -0.61 32.05 10.66
CA ARG A 41 0.24 32.44 11.77
C ARG A 41 0.67 33.90 11.65
N LEU A 42 0.73 34.42 10.43
CA LEU A 42 1.04 35.82 10.20
C LEU A 42 -0.19 36.72 10.32
N GLY A 43 -1.36 36.16 10.62
CA GLY A 43 -2.55 36.98 10.75
C GLY A 43 -3.27 37.27 9.47
N TRP A 44 -2.84 36.69 8.35
CA TRP A 44 -3.49 36.91 7.08
C TRP A 44 -4.84 36.20 7.02
N LYS A 45 -5.70 36.72 6.14
CA LYS A 45 -6.94 36.05 5.75
C LYS A 45 -6.65 35.26 4.47
N VAL A 46 -7.08 34.01 4.44
CA VAL A 46 -6.82 33.13 3.30
C VAL A 46 -8.16 32.69 2.72
N ILE A 47 -8.30 32.82 1.39
CA ILE A 47 -9.46 32.35 0.67
C ILE A 47 -8.98 31.48 -0.49
N GLY A 48 -9.85 30.60 -0.94
CA GLY A 48 -9.52 29.72 -2.05
C GLY A 48 -10.57 29.75 -3.14
N PHE A 49 -10.11 29.95 -4.38
CA PHE A 49 -11.01 29.94 -5.53
C PHE A 49 -11.21 28.50 -6.01
N MET A 50 -12.47 28.08 -6.12
CA MET A 50 -12.80 26.76 -6.59
C MET A 50 -12.63 26.67 -8.10
N GLU A 51 -12.10 25.54 -8.57
CA GLU A 51 -11.97 25.25 -10.00
C GLU A 51 -11.11 26.27 -10.73
N GLY A 52 -9.98 26.63 -10.13
CA GLY A 52 -9.00 27.43 -10.84
C GLY A 52 -9.56 28.75 -11.33
N PHE A 53 -9.27 29.06 -12.60
CA PHE A 53 -9.67 30.33 -13.21
C PHE A 53 -11.09 30.28 -13.79
N LYS A 54 -11.82 29.18 -13.60
CA LYS A 54 -13.07 28.98 -14.31
C LYS A 54 -14.03 30.13 -14.07
N TYR A 55 -14.19 30.53 -12.81
CA TYR A 55 -15.15 31.59 -12.47
C TYR A 55 -14.54 32.98 -12.52
N LEU A 56 -13.24 33.10 -12.26
CA LEU A 56 -12.59 34.40 -12.37
C LEU A 56 -12.61 34.91 -13.82
N CYS A 57 -12.67 34.01 -14.80
CA CYS A 57 -12.72 34.42 -16.19
C CYS A 57 -14.05 35.02 -16.59
N THR A 58 -15.14 34.68 -15.88
CA THR A 58 -16.44 35.20 -16.28
C THR A 58 -16.48 36.72 -16.15
N GLY A 59 -15.81 37.26 -15.14
CA GLY A 59 -15.92 38.65 -14.83
C GLY A 59 -17.09 38.96 -13.94
N ASP A 60 -17.99 38.01 -13.74
CA ASP A 60 -19.14 38.20 -12.84
C ASP A 60 -18.65 37.92 -11.43
N VAL A 61 -18.55 38.98 -10.63
CA VAL A 61 -18.05 38.85 -9.26
C VAL A 61 -19.04 38.08 -8.40
N ASP A 62 -20.34 38.14 -8.73
CA ASP A 62 -21.31 37.39 -7.95
C ASP A 62 -21.06 35.89 -8.07
N VAL A 63 -20.76 35.42 -9.28
CA VAL A 63 -20.50 34.00 -9.50
C VAL A 63 -19.22 33.57 -8.79
N VAL A 64 -18.17 34.40 -8.86
CA VAL A 64 -16.91 34.06 -8.22
C VAL A 64 -17.09 33.93 -6.71
N LYS A 65 -17.85 34.84 -6.10
CA LYS A 65 -18.08 34.79 -4.67
C LYS A 65 -18.77 33.50 -4.24
N ALA A 66 -19.68 32.99 -5.08
CA ALA A 66 -20.35 31.74 -4.80
C ALA A 66 -19.41 30.53 -4.89
N HIS A 67 -18.23 30.71 -5.45
CA HIS A 67 -17.25 29.65 -5.62
C HIS A 67 -15.90 30.06 -5.05
N THR A 68 -15.92 30.68 -3.87
CA THR A 68 -14.74 30.85 -3.04
C THR A 68 -15.08 30.36 -1.64
N ILE A 69 -14.07 29.88 -0.92
CA ILE A 69 -14.23 29.38 0.45
C ILE A 69 -13.13 29.98 1.31
N ASP A 70 -13.39 30.04 2.62
CA ASP A 70 -12.42 30.56 3.57
C ASP A 70 -11.51 29.42 4.03
N LEU A 71 -10.22 29.52 3.75
CA LEU A 71 -9.26 28.49 4.11
C LEU A 71 -8.80 28.73 5.55
N THR A 72 -9.37 27.98 6.47
CA THR A 72 -9.10 28.09 7.89
C THR A 72 -8.13 27.00 8.36
N TYR A 73 -7.72 27.12 9.63
CA TYR A 73 -6.85 26.09 10.21
C TYR A 73 -7.54 24.73 10.22
N ASP A 74 -8.80 24.67 10.65
CA ASP A 74 -9.47 23.38 10.76
C ASP A 74 -9.61 22.72 9.40
N ILE A 75 -9.77 23.52 8.34
CA ILE A 75 -9.91 22.97 7.00
C ILE A 75 -8.62 22.30 6.54
N VAL A 76 -7.47 22.93 6.81
CA VAL A 76 -6.22 22.54 6.16
C VAL A 76 -5.25 21.80 7.08
N SER A 77 -5.58 21.58 8.36
CA SER A 77 -4.57 21.08 9.28
C SER A 77 -4.07 19.68 8.93
N ARG A 78 -4.89 18.87 8.25
CA ARG A 78 -4.52 17.49 7.97
C ARG A 78 -4.75 17.08 6.52
N ILE A 79 -4.86 18.05 5.61
CA ILE A 79 -4.99 17.70 4.19
C ILE A 79 -3.67 17.37 3.54
N HIS A 80 -2.54 17.53 4.24
CA HIS A 80 -1.26 17.16 3.67
C HIS A 80 -1.14 15.66 3.44
N PHE A 81 -2.03 14.87 4.05
CA PHE A 81 -2.12 13.44 3.80
C PHE A 81 -2.90 13.08 2.54
N GLN A 82 -3.61 14.03 1.94
CA GLN A 82 -4.66 13.72 0.98
C GLN A 82 -4.28 14.09 -0.44
N GLY A 83 -4.53 13.17 -1.39
CA GLY A 83 -4.40 13.49 -2.79
C GLY A 83 -5.56 14.35 -3.28
N GLY A 84 -5.45 14.83 -4.51
CA GLY A 84 -6.45 15.74 -5.03
C GLY A 84 -6.25 17.14 -4.48
N THR A 85 -7.28 17.95 -4.63
CA THR A 85 -7.26 19.33 -4.16
C THR A 85 -8.63 19.70 -3.61
N ILE A 86 -8.65 20.23 -2.38
CA ILE A 86 -9.92 20.55 -1.74
C ILE A 86 -10.61 21.74 -2.39
N ILE A 87 -9.88 22.58 -3.12
CA ILE A 87 -10.48 23.68 -3.87
C ILE A 87 -10.64 23.34 -5.35
N GLN A 88 -10.52 22.07 -5.71
CA GLN A 88 -10.72 21.62 -7.08
C GLN A 88 -9.78 22.32 -8.06
N THR A 89 -9.92 22.04 -9.35
CA THR A 89 -9.03 22.61 -10.35
C THR A 89 -9.74 22.67 -11.69
N SER A 90 -9.17 23.43 -12.60
CA SER A 90 -9.70 23.53 -13.95
C SER A 90 -8.60 23.98 -14.90
N ARG A 91 -8.85 23.78 -16.19
CA ARG A 91 -7.97 24.26 -17.26
C ARG A 91 -8.46 25.56 -17.87
N ALA A 92 -9.44 26.21 -17.23
CA ALA A 92 -9.88 27.54 -17.67
C ALA A 92 -8.67 28.46 -17.75
N ASN A 93 -8.59 29.20 -18.86
CA ASN A 93 -7.35 29.85 -19.27
C ASN A 93 -7.60 31.28 -19.72
N PRO A 94 -7.28 32.26 -18.87
CA PRO A 94 -7.42 33.66 -19.29
C PRO A 94 -6.37 34.15 -20.26
N ARG A 95 -5.36 33.32 -20.54
CA ARG A 95 -4.30 33.75 -21.43
C ARG A 95 -4.78 34.06 -22.86
N LYS A 96 -5.88 33.45 -23.29
CA LYS A 96 -6.29 33.50 -24.69
C LYS A 96 -6.84 34.88 -25.09
N SER A 97 -7.57 35.55 -24.21
CA SER A 97 -8.27 36.77 -24.59
C SER A 97 -7.89 37.90 -23.63
N PRO A 98 -7.62 39.10 -24.16
CA PRO A 98 -7.47 40.24 -23.24
C PRO A 98 -8.75 40.60 -22.52
N GLU A 99 -9.89 40.25 -23.12
CA GLU A 99 -11.17 40.45 -22.46
C GLU A 99 -11.26 39.63 -21.18
N LEU A 100 -10.84 38.37 -21.23
CA LEU A 100 -10.83 37.49 -20.06
C LEU A 100 -9.80 37.97 -19.03
N GLN A 101 -8.63 38.39 -19.49
CA GLN A 101 -7.58 38.80 -18.56
C GLN A 101 -8.06 39.92 -17.66
N GLU A 102 -8.83 40.87 -18.23
CA GLU A 102 -9.35 41.97 -17.42
C GLU A 102 -10.48 41.50 -16.51
N ASN A 103 -11.21 40.44 -16.90
CA ASN A 103 -12.22 39.88 -16.00
C ASN A 103 -11.59 39.32 -14.74
N VAL A 104 -10.45 38.63 -14.88
CA VAL A 104 -9.75 38.09 -13.72
C VAL A 104 -9.23 39.23 -12.84
N ARG A 105 -8.68 40.28 -13.46
CA ARG A 105 -8.21 41.43 -12.69
C ARG A 105 -9.36 42.10 -11.95
N LYS A 106 -10.53 42.20 -12.59
CA LYS A 106 -11.66 42.87 -11.96
C LYS A 106 -12.13 42.11 -10.72
N CYS A 107 -12.16 40.78 -10.79
CA CYS A 107 -12.66 40.01 -9.67
C CYS A 107 -11.68 40.01 -8.50
N LEU A 108 -10.38 39.95 -8.80
CA LEU A 108 -9.37 39.95 -7.75
C LEU A 108 -9.38 41.25 -6.96
N ARG A 109 -9.48 42.38 -7.65
CA ARG A 109 -9.55 43.67 -6.96
C ARG A 109 -10.83 43.76 -6.13
N ALA A 110 -11.93 43.23 -6.67
CA ALA A 110 -13.20 43.26 -5.94
C ALA A 110 -13.10 42.52 -4.62
N LEU A 111 -12.42 41.37 -4.61
CA LEU A 111 -12.22 40.62 -3.38
C LEU A 111 -11.03 41.13 -2.58
N LYS A 112 -10.34 42.15 -3.07
CA LYS A 112 -9.26 42.80 -2.34
C LYS A 112 -8.13 41.81 -2.02
N VAL A 113 -7.84 40.94 -2.99
CA VAL A 113 -6.76 39.98 -2.87
C VAL A 113 -5.43 40.71 -3.06
N ARG A 114 -4.63 40.78 -2.00
CA ARG A 114 -3.29 41.36 -2.12
C ARG A 114 -2.28 40.34 -2.66
N TYR A 115 -2.33 39.10 -2.18
CA TYR A 115 -1.38 38.06 -2.59
C TYR A 115 -2.15 36.96 -3.30
N PHE A 116 -1.65 36.57 -4.48
CA PHE A 116 -2.36 35.66 -5.37
C PHE A 116 -1.41 34.52 -5.74
N LEU A 117 -1.73 33.32 -5.26
CA LEU A 117 -0.91 32.12 -5.46
C LEU A 117 -1.67 31.16 -6.36
N THR A 118 -1.05 30.78 -7.48
CA THR A 118 -1.60 29.80 -8.39
C THR A 118 -0.73 28.55 -8.32
N ILE A 119 -1.36 27.38 -8.26
CA ILE A 119 -0.66 26.12 -8.13
C ILE A 119 -0.96 25.29 -9.38
N GLY A 120 0.02 25.16 -10.26
CA GLY A 120 -0.22 24.47 -11.51
C GLY A 120 1.05 24.33 -12.33
N GLY A 121 0.87 23.78 -13.53
CA GLY A 121 1.94 23.52 -14.46
C GLY A 121 2.32 24.73 -15.29
N ASP A 122 2.90 24.43 -16.46
CA ASP A 122 3.38 25.52 -17.33
C ASP A 122 2.23 26.36 -17.87
N ASP A 123 1.12 25.74 -18.26
CA ASP A 123 -0.03 26.52 -18.74
C ASP A 123 -0.59 27.42 -17.65
N THR A 124 -0.67 26.91 -16.41
CA THR A 124 -1.19 27.73 -15.32
C THR A 124 -0.29 28.90 -15.01
N ALA A 125 1.03 28.69 -14.98
CA ALA A 125 1.94 29.78 -14.70
C ALA A 125 1.85 30.85 -15.77
N SER A 126 1.77 30.45 -17.04
CA SER A 126 1.69 31.42 -18.12
C SER A 126 0.41 32.23 -18.02
N SER A 127 -0.70 31.58 -17.67
CA SER A 127 -1.95 32.30 -17.48
C SER A 127 -1.83 33.32 -16.35
N ALA A 128 -1.13 32.95 -15.28
CA ALA A 128 -0.97 33.86 -14.15
C ALA A 128 -0.22 35.11 -14.55
N VAL A 129 0.84 34.96 -15.37
CA VAL A 129 1.65 36.12 -15.76
C VAL A 129 0.86 37.05 -16.68
N SER A 130 0.03 36.48 -17.57
CA SER A 130 -0.78 37.32 -18.43
C SER A 130 -1.63 38.26 -17.59
N VAL A 131 -2.19 37.75 -16.51
CA VAL A 131 -2.91 38.58 -15.55
C VAL A 131 -1.95 39.54 -14.86
N ALA A 132 -0.69 39.12 -14.68
CA ALA A 132 0.25 39.88 -13.85
C ALA A 132 0.78 41.13 -14.54
N SER A 133 1.09 41.07 -15.83
CA SER A 133 1.77 42.19 -16.46
C SER A 133 0.89 43.43 -16.53
N GLY A 134 -0.41 43.26 -16.72
CA GLY A 134 -1.31 44.40 -16.74
C GLY A 134 -1.71 44.92 -15.38
N MET A 135 -1.34 44.20 -14.32
CA MET A 135 -1.62 44.63 -12.96
C MET A 135 -0.33 45.17 -12.36
N ASN A 136 -0.47 46.09 -11.41
CA ASN A 136 0.69 46.64 -10.72
C ASN A 136 1.29 45.60 -9.77
N GLY A 137 2.62 45.48 -9.80
CA GLY A 137 3.26 44.53 -8.91
C GLY A 137 3.13 44.90 -7.45
N ASN A 138 2.93 46.17 -7.16
CA ASN A 138 2.73 46.62 -5.79
C ASN A 138 1.30 46.36 -5.32
N GLU A 139 0.33 46.47 -6.23
CA GLU A 139 -1.08 46.30 -5.88
C GLU A 139 -1.42 44.84 -5.66
N ILE A 140 -0.87 43.96 -6.49
CA ILE A 140 -1.14 42.52 -6.42
C ILE A 140 0.19 41.82 -6.66
N SER A 141 0.47 40.79 -5.89
CA SER A 141 1.64 39.98 -6.09
C SER A 141 1.18 38.59 -6.50
N VAL A 142 1.78 38.06 -7.57
CA VAL A 142 1.34 36.82 -8.19
C VAL A 142 2.53 35.87 -8.16
N ILE A 143 2.35 34.74 -7.51
CA ILE A 143 3.36 33.71 -7.39
C ILE A 143 2.72 32.37 -7.77
N SER A 144 3.48 31.49 -8.41
CA SER A 144 2.99 30.18 -8.80
C SER A 144 3.98 29.11 -8.36
N CYS A 145 3.43 27.94 -7.98
CA CYS A 145 4.12 26.75 -7.51
C CYS A 145 4.11 25.65 -8.57
N PRO A 146 5.25 24.98 -8.80
CA PRO A 146 5.34 24.03 -9.92
C PRO A 146 4.61 22.73 -9.63
N LYS A 147 3.56 22.45 -10.40
CA LYS A 147 2.77 21.24 -10.23
C LYS A 147 2.78 20.51 -11.57
N THR A 148 3.23 19.27 -11.58
CA THR A 148 3.00 18.44 -12.76
C THR A 148 3.47 17.01 -12.47
N ILE A 149 2.65 16.01 -12.76
CA ILE A 149 3.18 14.65 -12.72
C ILE A 149 4.04 14.37 -13.95
N ASP A 150 4.03 15.26 -14.94
CA ASP A 150 4.81 15.09 -16.16
C ASP A 150 6.23 15.64 -16.03
N ASN A 151 6.54 16.33 -14.93
CA ASN A 151 7.91 16.74 -14.62
C ASN A 151 8.49 17.66 -15.70
N ASP A 152 7.63 18.38 -16.43
CA ASP A 152 8.06 19.12 -17.60
C ASP A 152 8.18 20.63 -17.37
N LEU A 153 8.23 21.08 -16.11
CA LEU A 153 8.55 22.48 -15.89
C LEU A 153 10.07 22.67 -15.93
N PRO A 154 10.54 23.89 -16.31
CA PRO A 154 11.98 24.14 -16.49
C PRO A 154 12.72 24.40 -15.17
N LEU A 155 12.56 23.49 -14.21
CA LEU A 155 13.29 23.57 -12.96
C LEU A 155 14.76 23.20 -13.16
N PRO A 156 15.62 23.53 -12.20
CA PRO A 156 17.03 23.13 -12.30
C PRO A 156 17.17 21.63 -12.52
N ALA A 157 18.14 21.24 -13.34
CA ALA A 157 18.23 19.85 -13.77
C ALA A 157 18.35 18.93 -12.55
N ASP A 158 17.70 17.78 -12.64
CA ASP A 158 17.65 16.72 -11.63
C ASP A 158 16.67 17.06 -10.52
N GLN A 159 16.04 18.23 -10.55
CA GLN A 159 15.03 18.60 -9.57
C GLN A 159 13.64 18.37 -10.15
N SER A 160 12.83 17.61 -9.43
CA SER A 160 11.54 17.17 -9.95
C SER A 160 10.47 18.20 -9.59
N THR A 161 9.42 18.21 -10.40
CA THR A 161 8.22 18.92 -9.99
C THR A 161 7.45 18.07 -8.99
N PHE A 162 6.63 18.71 -8.16
CA PHE A 162 5.92 17.96 -7.14
C PHE A 162 4.79 17.15 -7.77
N GLY A 163 4.54 15.97 -7.19
CA GLY A 163 3.62 15.01 -7.74
C GLY A 163 4.27 13.96 -8.61
N PHE A 164 5.47 14.24 -9.15
CA PHE A 164 6.12 13.28 -10.04
C PHE A 164 6.56 12.04 -9.29
N HIS A 165 7.12 12.19 -8.09
CA HIS A 165 7.54 11.02 -7.33
C HIS A 165 6.38 10.12 -6.99
N THR A 166 5.25 10.70 -6.59
CA THR A 166 4.08 9.90 -6.26
C THR A 166 3.56 9.17 -7.48
N ALA A 167 3.45 9.88 -8.60
CA ALA A 167 2.95 9.27 -9.82
C ALA A 167 3.88 8.17 -10.29
N ARG A 168 5.19 8.40 -10.24
CA ARG A 168 6.13 7.40 -10.71
C ARG A 168 6.10 6.16 -9.82
N SER A 169 5.89 6.35 -8.52
CA SER A 169 5.92 5.22 -7.60
C SER A 169 4.67 4.37 -7.73
N LEU A 170 3.51 4.99 -7.84
CA LEU A 170 2.29 4.21 -8.09
C LEU A 170 2.34 3.55 -9.47
N GLY A 171 2.90 4.24 -10.46
CA GLY A 171 3.07 3.62 -11.76
C GLY A 171 3.93 2.38 -11.69
N MET A 172 5.00 2.43 -10.88
CA MET A 172 5.87 1.26 -10.73
C MET A 172 5.09 0.10 -10.14
N GLU A 173 4.26 0.37 -9.15
CA GLU A 173 3.52 -0.69 -8.47
C GLU A 173 2.47 -1.31 -9.38
N ILE A 174 1.82 -0.50 -10.20
CA ILE A 174 0.85 -1.05 -11.14
C ILE A 174 1.56 -1.94 -12.16
N ILE A 175 2.67 -1.44 -12.71
CA ILE A 175 3.42 -2.21 -13.70
C ILE A 175 3.99 -3.46 -13.07
N ARG A 176 4.33 -3.42 -11.80
CA ARG A 176 4.82 -4.63 -11.14
C ARG A 176 3.77 -5.74 -11.21
N ASN A 177 2.51 -5.40 -10.96
CA ASN A 177 1.44 -6.39 -11.08
C ASN A 177 1.33 -6.90 -12.49
N LEU A 178 1.50 -6.02 -13.48
CA LEU A 178 1.44 -6.45 -14.87
C LEU A 178 2.66 -7.27 -15.24
N MET A 179 3.79 -7.03 -14.59
CA MET A 179 4.98 -7.83 -14.82
C MET A 179 4.80 -9.25 -14.30
N VAL A 180 4.19 -9.40 -13.13
CA VAL A 180 3.94 -10.72 -12.57
C VAL A 180 2.91 -11.45 -13.42
N ASP A 181 1.91 -10.72 -13.93
CA ASP A 181 0.87 -11.37 -14.72
C ASP A 181 1.39 -11.76 -16.11
N SER A 182 2.25 -10.94 -16.71
CA SER A 182 2.78 -11.29 -18.02
C SER A 182 3.66 -12.53 -17.93
N LYS A 183 4.43 -12.68 -16.85
CA LYS A 183 5.26 -13.86 -16.73
C LYS A 183 4.43 -15.09 -16.31
N SER A 184 3.48 -14.91 -15.39
CA SER A 184 2.71 -16.05 -14.92
C SER A 184 1.88 -16.65 -16.05
N ALA A 185 1.26 -15.80 -16.86
CA ALA A 185 0.42 -16.21 -17.99
C ALA A 185 0.98 -15.50 -19.22
N PRO A 186 2.02 -16.08 -19.86
CA PRO A 186 2.80 -15.33 -20.86
C PRO A 186 2.01 -14.45 -21.79
N ARG A 187 2.32 -13.15 -21.75
CA ARG A 187 1.76 -12.18 -22.68
C ARG A 187 2.62 -10.93 -22.61
N TRP A 188 2.43 -10.05 -23.58
CA TRP A 188 3.04 -8.74 -23.60
C TRP A 188 1.98 -7.71 -23.28
N PHE A 189 2.29 -6.80 -22.35
CA PHE A 189 1.45 -5.64 -22.09
C PHE A 189 2.09 -4.42 -22.75
N LEU A 190 1.30 -3.67 -23.52
CA LEU A 190 1.70 -2.35 -24.02
C LEU A 190 1.06 -1.32 -23.08
N VAL A 191 1.84 -0.80 -22.15
CA VAL A 191 1.36 0.21 -21.22
C VAL A 191 1.49 1.58 -21.89
N GLU A 192 0.40 2.33 -21.91
CA GLU A 192 0.40 3.69 -22.44
C GLU A 192 0.37 4.63 -21.24
N ALA A 193 1.49 5.33 -21.01
CA ALA A 193 1.62 6.28 -19.91
C ALA A 193 1.08 7.63 -20.33
N MET A 194 0.04 8.09 -19.63
CA MET A 194 -0.64 9.32 -20.03
C MET A 194 0.32 10.53 -19.94
N GLY A 195 0.09 11.48 -20.84
CA GLY A 195 0.95 12.65 -20.92
C GLY A 195 1.65 12.79 -22.26
N ARG A 196 1.35 13.86 -23.00
CA ARG A 196 1.97 14.06 -24.29
C ARG A 196 3.11 15.08 -24.30
N SER A 197 3.36 15.75 -23.17
CA SER A 197 4.35 16.82 -23.14
C SER A 197 5.78 16.28 -23.19
N ALA A 198 6.06 15.25 -22.39
CA ALA A 198 7.44 14.79 -22.24
C ALA A 198 7.43 13.33 -21.81
N GLY A 199 8.62 12.75 -21.78
CA GLY A 199 8.78 11.35 -21.46
C GLY A 199 9.27 11.06 -20.06
N HIS A 200 9.27 12.04 -19.17
CA HIS A 200 9.78 11.81 -17.82
C HIS A 200 9.00 10.72 -17.12
N LEU A 201 7.66 10.80 -17.18
CA LEU A 201 6.84 9.86 -16.42
C LEU A 201 6.93 8.46 -16.99
N ALA A 202 6.87 8.32 -18.33
CA ALA A 202 6.96 6.98 -18.92
C ALA A 202 8.30 6.35 -18.63
N LEU A 203 9.38 7.12 -18.81
CA LEU A 203 10.71 6.55 -18.58
C LEU A 203 10.93 6.24 -17.12
N GLY A 204 10.40 7.07 -16.22
CA GLY A 204 10.57 6.82 -14.80
C GLY A 204 9.91 5.55 -14.32
N MET A 205 8.65 5.34 -14.71
CA MET A 205 7.96 4.12 -14.34
C MET A 205 8.65 2.90 -14.93
N ALA A 206 9.06 2.99 -16.20
CA ALA A 206 9.67 1.84 -16.88
C ALA A 206 10.98 1.46 -16.21
N GLU A 207 11.83 2.44 -15.90
CA GLU A 207 13.12 2.15 -15.28
C GLU A 207 12.95 1.54 -13.90
N ALA A 208 12.08 2.13 -13.07
CA ALA A 208 11.91 1.63 -11.72
C ALA A 208 11.35 0.22 -11.72
N SER A 209 10.43 -0.07 -12.64
CA SER A 209 9.77 -1.37 -12.68
C SER A 209 10.56 -2.40 -13.49
N GLY A 210 11.66 -2.01 -14.10
CA GLY A 210 12.38 -2.94 -14.94
C GLY A 210 11.60 -3.40 -16.16
N ALA A 211 10.79 -2.51 -16.73
CA ALA A 211 10.08 -2.84 -17.96
C ALA A 211 11.07 -3.10 -19.08
N HIS A 212 10.69 -3.97 -20.00
CA HIS A 212 11.59 -4.42 -21.05
C HIS A 212 11.83 -3.38 -22.14
N LEU A 213 10.97 -2.39 -22.28
CA LEU A 213 11.16 -1.40 -23.32
C LEU A 213 10.47 -0.12 -22.90
N CYS A 214 11.04 1.01 -23.30
CA CYS A 214 10.37 2.28 -23.12
C CYS A 214 10.60 3.13 -24.36
N LEU A 215 9.53 3.70 -24.90
CA LEU A 215 9.61 4.58 -26.06
C LEU A 215 9.07 5.95 -25.66
N ILE A 216 9.91 6.97 -25.79
CA ILE A 216 9.51 8.35 -25.48
C ILE A 216 9.76 9.19 -26.72
N PRO A 217 9.03 10.28 -26.93
CA PRO A 217 9.28 11.09 -28.14
C PRO A 217 10.69 11.63 -28.21
N GLU A 218 11.34 11.85 -27.05
CA GLU A 218 12.63 12.53 -27.01
C GLU A 218 13.74 11.76 -27.71
N GLU A 219 13.59 10.44 -27.87
CA GLU A 219 14.65 9.62 -28.45
C GLU A 219 14.53 9.47 -29.96
N PHE A 220 13.51 10.06 -30.59
CA PHE A 220 13.37 9.97 -32.04
C PHE A 220 14.13 11.13 -32.69
N LYS A 221 15.01 10.79 -33.64
CA LYS A 221 15.89 11.78 -34.25
C LYS A 221 15.10 12.74 -35.14
N GLN A 222 14.23 12.20 -35.99
CA GLN A 222 13.48 13.01 -36.93
C GLN A 222 12.39 13.79 -36.19
N ASP A 223 11.92 14.85 -36.84
CA ASP A 223 10.89 15.69 -36.23
C ASP A 223 9.53 15.02 -36.23
N GLU A 224 9.30 14.10 -37.17
CA GLU A 224 8.01 13.43 -37.30
C GLU A 224 8.23 11.93 -37.25
N ILE A 225 7.45 11.26 -36.42
CA ILE A 225 7.52 9.82 -36.24
C ILE A 225 6.60 9.15 -37.25
N GLU A 226 6.99 7.98 -37.71
CA GLU A 226 6.16 7.17 -38.60
C GLU A 226 5.58 6.01 -37.82
N PHE A 227 4.30 5.71 -38.10
CA PHE A 227 3.62 4.63 -37.38
C PHE A 227 4.33 3.30 -37.58
N GLU A 228 4.86 3.06 -38.79
CA GLU A 228 5.56 1.80 -39.02
C GLU A 228 6.80 1.68 -38.16
N ASP A 229 7.52 2.80 -37.94
CA ASP A 229 8.72 2.74 -37.11
C ASP A 229 8.39 2.38 -35.67
N VAL A 230 7.30 2.93 -35.14
CA VAL A 230 6.90 2.58 -33.78
C VAL A 230 6.54 1.11 -33.67
N VAL A 231 5.78 0.59 -34.64
CA VAL A 231 5.40 -0.82 -34.63
C VAL A 231 6.65 -1.68 -34.65
N GLU A 232 7.63 -1.32 -35.48
CA GLU A 232 8.82 -2.15 -35.65
C GLU A 232 9.76 -2.05 -34.46
N LEU A 233 9.79 -0.92 -33.76
CA LEU A 233 10.63 -0.82 -32.57
C LEU A 233 10.17 -1.79 -31.49
N VAL A 234 8.85 -1.90 -31.29
CA VAL A 234 8.32 -2.89 -30.36
C VAL A 234 8.56 -4.29 -30.89
N GLU A 235 8.36 -4.49 -32.20
CA GLU A 235 8.48 -5.82 -32.79
C GLU A 235 9.88 -6.40 -32.62
N ALA A 236 10.91 -5.57 -32.81
CA ALA A 236 12.27 -6.05 -32.61
C ALA A 236 12.51 -6.46 -31.16
N THR A 237 11.98 -5.69 -30.22
CA THR A 237 12.14 -6.05 -28.80
C THR A 237 11.45 -7.37 -28.50
N ILE A 238 10.23 -7.56 -29.02
CA ILE A 238 9.50 -8.81 -28.80
C ILE A 238 10.24 -9.99 -29.40
N LEU A 239 10.77 -9.82 -30.62
CA LEU A 239 11.46 -10.93 -31.27
C LEU A 239 12.76 -11.28 -30.53
N LYS A 240 13.51 -10.29 -30.08
CA LYS A 240 14.77 -10.58 -29.39
C LYS A 240 14.50 -11.36 -28.10
N ARG A 241 13.49 -10.95 -27.32
CA ARG A 241 13.14 -11.72 -26.14
C ARG A 241 12.73 -13.13 -26.55
N LEU A 242 12.03 -13.25 -27.66
CA LEU A 242 11.62 -14.56 -28.13
C LEU A 242 12.83 -15.40 -28.50
N ALA A 243 13.92 -14.76 -28.98
CA ALA A 243 15.14 -15.49 -29.30
C ALA A 243 15.84 -16.02 -28.05
N TYR A 244 15.51 -15.46 -26.89
CA TYR A 244 16.10 -15.90 -25.62
C TYR A 244 15.11 -16.70 -24.79
N GLY A 245 14.09 -17.27 -25.43
CA GLY A 245 13.18 -18.14 -24.72
C GLY A 245 12.07 -17.46 -23.97
N LYS A 246 11.84 -16.17 -24.20
CA LYS A 246 10.86 -15.39 -23.45
C LYS A 246 9.82 -14.84 -24.41
N ASN A 247 8.59 -15.34 -24.31
CA ASN A 247 7.48 -14.89 -25.14
C ASN A 247 6.55 -13.95 -24.39
N TYR A 248 7.09 -13.12 -23.49
CA TYR A 248 6.28 -12.24 -22.66
C TYR A 248 7.12 -11.02 -22.26
N GLY A 249 6.44 -9.97 -21.84
CA GLY A 249 7.12 -8.75 -21.40
C GLY A 249 6.16 -7.61 -21.18
N VAL A 250 6.74 -6.46 -20.86
CA VAL A 250 6.01 -5.22 -20.68
C VAL A 250 6.77 -4.12 -21.41
N CYS A 251 6.04 -3.32 -22.18
CA CYS A 251 6.61 -2.19 -22.90
C CYS A 251 5.85 -0.94 -22.52
N VAL A 252 6.55 0.10 -22.11
CA VAL A 252 5.93 1.35 -21.69
C VAL A 252 6.08 2.36 -22.83
N LEU A 253 4.97 3.01 -23.19
CA LEU A 253 4.92 3.94 -24.30
C LEU A 253 4.42 5.30 -23.80
N ALA A 254 5.22 6.34 -24.00
CA ALA A 254 4.74 7.69 -23.72
C ALA A 254 3.65 8.06 -24.73
N GLU A 255 2.53 8.57 -24.23
CA GLU A 255 1.47 9.01 -25.13
C GLU A 255 1.95 10.13 -26.04
N GLY A 256 3.03 10.81 -25.68
CA GLY A 256 3.59 11.87 -26.49
C GLY A 256 4.12 11.43 -27.84
N LEU A 257 4.28 10.11 -28.06
CA LEU A 257 4.60 9.64 -29.40
C LEU A 257 3.52 10.09 -30.38
N VAL A 258 2.28 10.12 -29.93
CA VAL A 258 1.16 10.50 -30.79
C VAL A 258 1.33 11.92 -31.30
N SER A 259 1.79 12.82 -30.44
CA SER A 259 1.92 14.22 -30.84
C SER A 259 3.12 14.49 -31.73
N LYS A 260 4.02 13.52 -31.90
CA LYS A 260 5.12 13.65 -32.86
C LYS A 260 4.85 12.96 -34.19
N MET A 261 3.72 12.28 -34.32
CA MET A 261 3.46 11.52 -35.53
C MET A 261 3.09 12.41 -36.70
N SER A 262 3.52 12.01 -37.89
CA SER A 262 3.24 12.74 -39.12
C SER A 262 1.76 12.60 -39.49
N LYS A 263 1.36 13.34 -40.53
CA LYS A 263 -0.01 13.28 -40.99
C LYS A 263 -0.37 11.87 -41.47
N LYS A 264 0.53 11.22 -42.21
CA LYS A 264 0.28 9.86 -42.64
C LYS A 264 0.17 8.90 -41.44
N ALA A 265 1.05 9.07 -40.44
CA ALA A 265 1.01 8.18 -39.29
C ALA A 265 -0.30 8.32 -38.55
N LEU A 266 -0.79 9.54 -38.38
CA LEU A 266 -2.06 9.73 -37.68
C LEU A 266 -3.22 9.12 -38.45
N TYR A 267 -3.15 9.13 -39.79
CA TYR A 267 -4.19 8.51 -40.60
C TYR A 267 -4.27 7.00 -40.32
N LYS A 268 -3.11 6.33 -40.23
CA LYS A 268 -3.10 4.92 -39.87
C LYS A 268 -3.53 4.71 -38.43
N LEU A 269 -3.17 5.64 -37.54
CA LEU A 269 -3.46 5.45 -36.12
C LEU A 269 -4.96 5.37 -35.86
N PHE A 270 -5.75 6.24 -36.51
CA PHE A 270 -7.18 6.29 -36.29
C PHE A 270 -7.95 5.30 -37.15
N GLY A 271 -7.30 4.22 -37.58
CA GLY A 271 -7.97 3.19 -38.34
C GLY A 271 -7.99 3.42 -39.83
N ASN A 272 -6.96 4.04 -40.39
CA ASN A 272 -6.97 4.48 -41.78
C ASN A 272 -8.18 5.37 -42.07
N ARG A 273 -8.53 6.19 -41.09
CA ARG A 273 -9.57 7.20 -41.23
C ARG A 273 -8.94 8.57 -41.12
N GLU A 274 -9.72 9.58 -41.48
CA GLU A 274 -9.30 10.96 -41.25
C GLU A 274 -9.31 11.22 -39.75
N PRO A 275 -8.24 11.77 -39.18
CA PRO A 275 -8.22 12.02 -37.74
C PRO A 275 -9.37 12.91 -37.31
N PRO A 276 -9.99 12.64 -36.16
CA PRO A 276 -11.05 13.55 -35.68
C PRO A 276 -10.47 14.92 -35.39
N THR A 277 -11.33 15.92 -35.45
CA THR A 277 -10.90 17.31 -35.31
C THR A 277 -11.93 18.09 -34.50
N ASP A 278 -11.46 19.17 -33.89
CA ASP A 278 -12.31 20.08 -33.13
C ASP A 278 -12.89 21.12 -34.09
N PRO A 279 -13.75 22.02 -33.62
CA PRO A 279 -14.27 23.06 -34.52
C PRO A 279 -13.20 23.94 -35.16
N HIS A 280 -12.04 24.10 -34.54
CA HIS A 280 -11.00 24.96 -35.09
C HIS A 280 -10.10 24.27 -36.11
N GLY A 281 -10.20 22.94 -36.25
CA GLY A 281 -9.39 22.21 -37.19
C GLY A 281 -8.21 21.48 -36.60
N HIS A 282 -8.00 21.56 -35.28
CA HIS A 282 -6.92 20.86 -34.62
C HIS A 282 -7.30 19.41 -34.34
N ILE A 283 -6.32 18.52 -34.45
CA ILE A 283 -6.59 17.09 -34.29
C ILE A 283 -6.93 16.79 -32.84
N LEU A 284 -7.87 15.85 -32.65
CA LEU A 284 -8.31 15.46 -31.30
C LEU A 284 -7.51 14.22 -30.88
N LEU A 285 -6.29 14.48 -30.39
CA LEU A 285 -5.39 13.40 -30.02
C LEU A 285 -5.90 12.59 -28.82
N ASP A 286 -6.87 13.13 -28.07
CA ASP A 286 -7.45 12.38 -26.96
C ASP A 286 -8.21 11.15 -27.45
N ASP A 287 -8.76 11.20 -28.66
CA ASP A 287 -9.49 10.06 -29.20
C ASP A 287 -8.57 8.96 -29.74
N ALA A 288 -7.29 9.25 -29.90
CA ALA A 288 -6.35 8.24 -30.36
C ALA A 288 -6.15 7.18 -29.28
N GLU A 289 -5.90 5.96 -29.73
CA GLU A 289 -5.61 4.85 -28.84
C GLU A 289 -4.29 4.23 -29.29
N LEU A 290 -3.17 4.82 -28.85
CA LEU A 290 -1.88 4.38 -29.35
C LEU A 290 -1.62 2.92 -28.99
N ALA A 291 -1.78 2.55 -27.72
CA ALA A 291 -1.46 1.19 -27.32
C ALA A 291 -2.40 0.19 -27.98
N ARG A 292 -3.69 0.52 -28.10
CA ARG A 292 -4.62 -0.43 -28.71
C ARG A 292 -4.28 -0.67 -30.18
N SER A 293 -3.99 0.41 -30.91
CA SER A 293 -3.67 0.26 -32.33
C SER A 293 -2.41 -0.59 -32.52
N LEU A 294 -1.37 -0.33 -31.72
CA LEU A 294 -0.14 -1.11 -31.86
C LEU A 294 -0.37 -2.58 -31.52
N SER A 295 -1.23 -2.86 -30.53
CA SER A 295 -1.51 -4.23 -30.14
C SER A 295 -2.17 -5.01 -31.27
N GLU A 296 -3.12 -4.37 -31.96
CA GLU A 296 -3.79 -5.04 -33.06
C GLU A 296 -2.81 -5.38 -34.18
N GLU A 297 -1.95 -4.44 -34.53
CA GLU A 297 -0.99 -4.69 -35.60
C GLU A 297 -0.02 -5.79 -35.21
N LEU A 298 0.51 -5.75 -33.98
CA LEU A 298 1.52 -6.73 -33.57
C LEU A 298 0.95 -8.13 -33.41
N LEU A 299 -0.34 -8.25 -33.07
CA LEU A 299 -0.95 -9.56 -32.99
C LEU A 299 -1.08 -10.20 -34.37
N LYS A 300 -1.37 -9.38 -35.39
CA LYS A 300 -1.39 -9.89 -36.75
C LYS A 300 -0.02 -10.43 -37.14
N ARG A 301 1.03 -9.70 -36.82
CA ARG A 301 2.36 -10.07 -37.28
C ARG A 301 2.99 -11.16 -36.45
N LEU A 302 2.64 -11.27 -35.18
CA LEU A 302 3.34 -12.14 -34.24
C LEU A 302 2.45 -13.17 -33.56
N GLY A 303 1.14 -13.15 -33.79
CA GLY A 303 0.26 -14.06 -33.07
C GLY A 303 0.61 -15.52 -33.29
N ASN A 304 1.04 -15.86 -34.51
CA ASN A 304 1.42 -17.23 -34.82
C ASN A 304 2.62 -17.72 -34.02
N LEU A 305 3.44 -16.80 -33.49
CA LEU A 305 4.63 -17.19 -32.76
C LEU A 305 4.34 -17.54 -31.30
N GLY A 306 3.08 -17.50 -30.88
CA GLY A 306 2.74 -17.69 -29.49
C GLY A 306 2.74 -16.42 -28.68
N ILE A 307 2.56 -15.28 -29.32
CA ILE A 307 2.58 -13.97 -28.69
C ILE A 307 1.15 -13.50 -28.53
N ARG A 308 0.79 -13.07 -27.32
CA ARG A 308 -0.45 -12.38 -27.04
C ARG A 308 -0.09 -10.97 -26.58
N ILE A 309 -0.88 -9.99 -27.01
CA ILE A 309 -0.55 -8.59 -26.73
C ILE A 309 -1.81 -7.87 -26.30
N THR A 310 -1.71 -7.12 -25.21
CA THR A 310 -2.85 -6.47 -24.59
C THR A 310 -2.43 -5.05 -24.25
N PRO A 311 -3.24 -4.05 -24.58
CA PRO A 311 -2.92 -2.68 -24.19
C PRO A 311 -3.42 -2.38 -22.79
N LYS A 312 -2.78 -1.40 -22.16
CA LYS A 312 -3.17 -1.00 -20.80
C LYS A 312 -2.75 0.43 -20.56
N LYS A 313 -3.68 1.26 -20.11
CA LYS A 313 -3.44 2.67 -19.85
C LYS A 313 -3.20 2.88 -18.35
N ILE A 314 -2.19 3.69 -18.04
CA ILE A 314 -1.88 4.10 -16.67
C ILE A 314 -1.95 5.61 -16.66
N GLY A 315 -3.12 6.13 -16.30
CA GLY A 315 -3.41 7.56 -16.36
C GLY A 315 -3.92 8.18 -15.08
N TYR A 316 -5.24 8.34 -15.08
CA TYR A 316 -5.95 9.15 -14.10
C TYR A 316 -5.84 8.58 -12.70
N GLU A 317 -5.55 7.29 -12.55
CA GLU A 317 -5.39 6.73 -11.22
C GLU A 317 -4.12 7.20 -10.53
N LEU A 318 -3.21 7.87 -11.25
CA LEU A 318 -2.01 8.42 -10.65
C LEU A 318 -2.18 9.84 -10.10
N ARG A 319 -3.10 10.60 -10.65
CA ARG A 319 -3.12 12.05 -10.43
C ARG A 319 -3.53 12.42 -9.01
N CYS A 320 -4.41 11.64 -8.38
CA CYS A 320 -4.92 11.99 -7.06
C CYS A 320 -4.60 10.95 -5.99
N ALA A 321 -3.53 10.19 -6.20
CA ALA A 321 -3.01 9.34 -5.14
C ALA A 321 -2.51 10.20 -3.98
N ASP A 322 -2.62 9.67 -2.76
CA ASP A 322 -2.10 10.38 -1.62
C ASP A 322 -0.59 10.57 -1.80
N PRO A 323 -0.05 11.73 -1.44
CA PRO A 323 1.36 11.99 -1.71
C PRO A 323 2.31 11.10 -0.91
N VAL A 324 3.42 10.76 -1.55
CA VAL A 324 4.52 10.09 -0.87
C VAL A 324 5.32 11.10 -0.08
N ALA A 325 6.17 10.60 0.82
CA ALA A 325 6.88 11.46 1.75
C ALA A 325 7.73 12.51 1.05
N PHE A 326 8.31 12.17 -0.09
CA PHE A 326 9.13 13.15 -0.79
C PHE A 326 8.28 14.35 -1.23
N ASP A 327 7.08 14.09 -1.76
CA ASP A 327 6.19 15.16 -2.18
C ASP A 327 5.55 15.87 -0.99
N ALA A 328 5.35 15.16 0.12
CA ALA A 328 4.83 15.81 1.33
C ALA A 328 5.81 16.83 1.86
N VAL A 329 7.09 16.46 1.97
CA VAL A 329 8.10 17.41 2.39
C VAL A 329 8.27 18.51 1.36
N TYR A 330 8.28 18.15 0.08
CA TYR A 330 8.48 19.11 -1.00
C TYR A 330 7.42 20.20 -0.96
N THR A 331 6.14 19.81 -0.93
CA THR A 331 5.04 20.76 -1.04
C THR A 331 4.89 21.56 0.24
N ARG A 332 5.30 21.00 1.38
CA ARG A 332 5.33 21.78 2.61
C ARG A 332 6.31 22.93 2.48
N GLU A 333 7.50 22.65 1.92
CA GLU A 333 8.50 23.70 1.73
C GLU A 333 8.10 24.67 0.63
N LEU A 334 7.40 24.21 -0.39
CA LEU A 334 6.97 25.12 -1.45
C LEU A 334 5.91 26.10 -0.95
N GLY A 335 4.95 25.61 -0.16
CA GLY A 335 3.95 26.52 0.39
C GLY A 335 4.57 27.57 1.29
N TYR A 336 5.52 27.16 2.13
CA TYR A 336 6.26 28.11 2.96
C TYR A 336 6.99 29.14 2.11
N GLY A 337 7.67 28.67 1.06
CA GLY A 337 8.43 29.58 0.22
C GLY A 337 7.57 30.58 -0.51
N ALA A 338 6.33 30.19 -0.82
CA ALA A 338 5.40 31.11 -1.46
C ALA A 338 5.06 32.28 -0.54
N ILE A 339 4.79 32.00 0.73
CA ILE A 339 4.51 33.06 1.69
C ILE A 339 5.74 33.92 1.91
N ASP A 340 6.93 33.29 1.98
CA ASP A 340 8.16 34.05 2.16
C ASP A 340 8.42 34.99 1.00
N ALA A 341 8.12 34.55 -0.23
CA ALA A 341 8.27 35.44 -1.37
C ALA A 341 7.32 36.62 -1.28
N PHE A 342 6.10 36.38 -0.81
CA PHE A 342 5.15 37.47 -0.60
C PHE A 342 5.68 38.46 0.44
N LEU A 343 6.19 37.97 1.57
CA LEU A 343 6.66 38.87 2.62
C LEU A 343 7.84 39.72 2.15
N ASN A 344 8.67 39.18 1.26
CA ASN A 344 9.85 39.87 0.76
C ASN A 344 9.61 40.65 -0.52
N GLY A 345 8.36 40.89 -0.89
CA GLY A 345 8.07 41.79 -1.98
C GLY A 345 8.22 41.23 -3.37
N HIS A 346 8.43 39.93 -3.51
CA HIS A 346 8.56 39.34 -4.84
C HIS A 346 7.20 39.29 -5.53
N SER A 347 7.22 39.28 -6.85
CA SER A 347 6.01 39.14 -7.65
C SER A 347 6.41 38.59 -9.00
N ALA A 348 5.42 38.04 -9.71
CA ALA A 348 5.63 37.42 -11.02
C ALA A 348 6.81 36.43 -10.99
N ALA A 349 6.82 35.59 -9.96
CA ALA A 349 7.90 34.63 -9.77
C ALA A 349 7.35 33.23 -9.55
N LEU A 350 8.21 32.24 -9.74
CA LEU A 350 7.89 30.84 -9.51
C LEU A 350 8.72 30.31 -8.36
N ILE A 351 8.08 29.63 -7.42
CA ILE A 351 8.77 29.06 -6.27
C ILE A 351 9.43 27.75 -6.71
N VAL A 352 10.76 27.71 -6.66
CA VAL A 352 11.51 26.54 -7.07
C VAL A 352 12.49 26.18 -5.96
N ARG A 353 12.87 24.92 -5.90
CA ARG A 353 13.81 24.44 -4.90
C ARG A 353 15.06 23.89 -5.56
N GLU A 354 16.23 24.42 -5.19
CA GLU A 354 17.51 24.05 -5.76
C GLU A 354 18.54 23.98 -4.63
N ASN A 355 19.24 22.85 -4.53
CA ASN A 355 20.22 22.61 -3.47
C ASN A 355 19.63 22.83 -2.08
N GLY A 356 18.42 22.33 -1.86
CA GLY A 356 17.83 22.39 -0.54
C GLY A 356 17.33 23.75 -0.12
N GLN A 357 17.24 24.70 -1.05
CA GLN A 357 16.82 26.05 -0.76
C GLN A 357 15.64 26.38 -1.66
N VAL A 358 14.53 26.80 -1.08
CA VAL A 358 13.40 27.30 -1.82
C VAL A 358 13.62 28.78 -2.07
N LYS A 359 13.47 29.20 -3.33
CA LYS A 359 13.71 30.58 -3.75
C LYS A 359 12.73 30.92 -4.85
N PRO A 360 12.34 32.19 -4.98
CA PRO A 360 11.58 32.60 -6.17
C PRO A 360 12.50 32.84 -7.35
N VAL A 361 11.97 32.57 -8.55
CA VAL A 361 12.69 32.75 -9.80
C VAL A 361 11.77 33.52 -10.73
N GLN A 362 12.22 34.69 -11.18
CA GLN A 362 11.34 35.56 -11.94
C GLN A 362 10.85 34.86 -13.19
N PHE A 363 9.58 35.09 -13.51
CA PHE A 363 8.94 34.35 -14.59
C PHE A 363 9.69 34.54 -15.91
N LYS A 364 10.15 35.75 -16.20
CA LYS A 364 10.75 36.01 -17.50
C LYS A 364 12.00 35.17 -17.73
N ASP A 365 12.72 34.83 -16.66
CA ASP A 365 13.92 34.01 -16.79
C ASP A 365 13.62 32.64 -17.36
N LEU A 366 12.38 32.18 -17.22
CA LEU A 366 11.98 30.83 -17.61
C LEU A 366 11.34 30.76 -18.98
N LEU A 367 11.00 31.89 -19.58
CA LEU A 367 10.32 31.88 -20.87
C LEU A 367 11.27 31.42 -21.97
N ASP A 368 10.70 30.75 -22.98
CA ASP A 368 11.43 30.40 -24.18
C ASP A 368 11.35 31.59 -25.15
N PRO A 369 12.48 32.19 -25.54
CA PRO A 369 12.38 33.42 -26.34
C PRO A 369 11.57 33.25 -27.62
N ALA A 370 11.66 32.09 -28.25
CA ALA A 370 10.94 31.87 -29.50
C ALA A 370 9.44 31.75 -29.29
N THR A 371 9.02 31.35 -28.08
CA THR A 371 7.63 30.98 -27.84
C THR A 371 6.85 32.01 -27.04
N GLY A 372 7.47 32.69 -26.08
CA GLY A 372 6.73 33.55 -25.18
C GLY A 372 6.00 32.85 -24.07
N ARG A 373 6.10 31.52 -24.00
CA ARG A 373 5.42 30.69 -23.02
C ARG A 373 6.47 29.99 -22.16
N VAL A 374 6.04 29.40 -21.05
CA VAL A 374 7.00 28.74 -20.18
C VAL A 374 7.70 27.62 -20.93
N ARG A 375 9.02 27.58 -20.82
CA ARG A 375 9.81 26.55 -21.50
C ARG A 375 9.48 25.18 -20.92
N THR A 376 9.41 24.19 -21.79
CA THR A 376 9.08 22.82 -21.41
C THR A 376 10.35 22.00 -21.33
N ARG A 377 10.61 21.41 -20.15
CA ARG A 377 11.78 20.57 -19.94
C ARG A 377 11.46 19.14 -20.33
N LEU A 378 12.20 18.63 -21.31
CA LEU A 378 12.06 17.26 -21.79
C LEU A 378 13.18 16.39 -21.23
N VAL A 379 13.04 15.08 -21.47
CA VAL A 379 14.10 14.15 -21.11
C VAL A 379 15.34 14.48 -21.93
N ASP A 380 16.49 14.53 -21.25
CA ASP A 380 17.78 14.74 -21.93
C ASP A 380 18.32 13.38 -22.33
N VAL A 381 18.12 12.98 -23.58
CA VAL A 381 18.50 11.63 -23.98
C VAL A 381 20.00 11.46 -24.14
N THR A 382 20.77 12.55 -24.01
CA THR A 382 22.23 12.43 -24.00
C THR A 382 22.79 12.21 -22.60
N SER A 383 21.97 12.33 -21.56
CA SER A 383 22.46 12.23 -20.20
C SER A 383 22.85 10.80 -19.85
N GLN A 384 23.66 10.67 -18.80
CA GLN A 384 24.08 9.35 -18.33
C GLN A 384 22.90 8.55 -17.81
N SER A 385 21.92 9.20 -17.20
CA SER A 385 20.77 8.47 -16.65
C SER A 385 19.98 7.77 -17.74
N PHE A 386 19.76 8.45 -18.88
CA PHE A 386 19.03 7.82 -19.97
C PHE A 386 19.81 6.64 -20.53
N LYS A 387 21.13 6.79 -20.67
CA LYS A 387 21.96 5.71 -21.19
C LYS A 387 21.92 4.50 -20.26
N VAL A 388 21.95 4.73 -18.94
CA VAL A 388 21.87 3.61 -18.02
C VAL A 388 20.52 2.92 -18.13
N ALA A 389 19.43 3.69 -18.18
CA ALA A 389 18.12 3.08 -18.33
C ALA A 389 18.04 2.26 -19.61
N ARG A 390 18.62 2.77 -20.70
CA ARG A 390 18.56 2.07 -21.99
C ARG A 390 19.33 0.76 -21.96
N VAL A 391 20.40 0.68 -21.17
CA VAL A 391 21.21 -0.53 -21.11
C VAL A 391 20.38 -1.71 -20.63
N TYR A 392 19.49 -1.48 -19.67
CA TYR A 392 18.68 -2.55 -19.09
C TYR A 392 17.44 -2.85 -19.89
N MET A 393 17.21 -2.16 -21.00
CA MET A 393 16.11 -2.51 -21.90
C MET A 393 16.51 -3.62 -22.85
N TRP A 394 15.50 -4.34 -23.33
CA TRP A 394 15.66 -5.31 -24.41
C TRP A 394 15.43 -4.61 -25.75
N ARG A 395 16.45 -4.61 -26.61
CA ARG A 395 16.40 -3.84 -27.84
C ARG A 395 17.55 -4.25 -28.73
N MET A 396 17.45 -3.88 -30.01
CA MET A 396 18.51 -4.10 -30.99
C MET A 396 19.24 -2.78 -31.20
N SER A 397 20.50 -2.71 -30.80
CA SER A 397 21.33 -1.54 -31.01
C SER A 397 22.01 -1.64 -32.38
N LYS A 398 22.78 -0.61 -32.76
CA LYS A 398 23.56 -0.71 -33.99
C LYS A 398 24.50 -1.92 -33.94
N LYS A 399 25.21 -2.08 -32.83
CA LYS A 399 26.15 -3.20 -32.72
C LYS A 399 25.40 -4.53 -32.76
N ASP A 400 24.17 -4.56 -32.24
CA ASP A 400 23.38 -5.79 -32.32
C ASP A 400 23.02 -6.12 -33.76
N TYR A 401 22.67 -5.11 -34.56
CA TYR A 401 22.32 -5.37 -35.95
C TYR A 401 23.53 -5.82 -36.75
N GLU A 402 24.73 -5.42 -36.34
CA GLU A 402 25.96 -5.85 -36.99
C GLU A 402 26.48 -7.19 -36.52
N ASN A 403 25.87 -7.78 -35.48
CA ASN A 403 26.27 -9.08 -34.95
C ASN A 403 25.56 -10.17 -35.76
N LYS A 404 26.30 -10.87 -36.61
CA LYS A 404 25.69 -11.79 -37.56
C LYS A 404 25.01 -12.96 -36.84
N ASP A 405 25.64 -13.45 -35.76
CA ASP A 405 25.06 -14.55 -34.98
C ASP A 405 23.76 -14.13 -34.29
N LEU A 406 23.74 -12.93 -33.70
CA LEU A 406 22.54 -12.45 -33.04
C LEU A 406 21.41 -12.26 -34.04
N VAL A 407 21.72 -11.70 -35.20
CA VAL A 407 20.69 -11.43 -36.20
C VAL A 407 20.07 -12.73 -36.69
N ALA A 408 20.88 -13.77 -36.84
CA ALA A 408 20.35 -15.07 -37.26
C ALA A 408 19.41 -15.63 -36.20
N ARG A 409 19.77 -15.48 -34.92
CA ARG A 409 18.95 -16.02 -33.85
C ARG A 409 17.61 -15.31 -33.76
N VAL A 410 17.63 -13.98 -33.83
CA VAL A 410 16.38 -13.21 -33.75
C VAL A 410 15.53 -13.45 -34.99
N ALA A 411 16.16 -13.46 -36.17
CA ALA A 411 15.41 -13.69 -37.39
C ALA A 411 14.71 -15.05 -37.35
N ALA A 412 15.41 -16.08 -36.88
CA ALA A 412 14.79 -17.39 -36.75
C ALA A 412 13.61 -17.35 -35.77
N ALA A 413 13.76 -16.59 -34.68
CA ALA A 413 12.66 -16.44 -33.72
C ALA A 413 11.44 -15.82 -34.37
N GLY A 414 11.64 -14.88 -35.29
CA GLY A 414 10.57 -14.26 -36.05
C GLY A 414 10.16 -15.00 -37.30
N LYS A 415 10.73 -16.18 -37.54
CA LYS A 415 10.44 -17.01 -38.70
C LYS A 415 10.64 -16.24 -40.01
N MET A 416 11.85 -15.71 -40.15
CA MET A 416 12.23 -15.00 -41.36
C MET A 416 13.74 -15.17 -41.57
N THR A 417 14.17 -14.92 -42.80
CA THR A 417 15.57 -15.06 -43.14
C THR A 417 16.36 -13.90 -42.54
N PRO A 418 17.66 -14.09 -42.28
CA PRO A 418 18.45 -12.95 -41.79
C PRO A 418 18.39 -11.74 -42.72
N GLU A 419 18.34 -11.98 -44.04
CA GLU A 419 18.24 -10.86 -44.97
C GLU A 419 16.92 -10.12 -44.81
N ALA A 420 15.81 -10.86 -44.64
CA ALA A 420 14.52 -10.20 -44.48
C ALA A 420 14.49 -9.37 -43.21
N PHE A 421 15.06 -9.89 -42.13
CA PHE A 421 15.08 -9.18 -40.85
C PHE A 421 15.91 -7.90 -40.94
N THR A 422 17.09 -7.97 -41.56
CA THR A 422 17.94 -6.80 -41.70
C THR A 422 17.25 -5.72 -42.53
N GLU A 423 16.56 -6.13 -43.60
CA GLU A 423 15.91 -5.16 -44.48
C GLU A 423 14.82 -4.40 -43.75
N LYS A 424 14.11 -5.09 -42.86
CA LYS A 424 12.97 -4.48 -42.20
C LYS A 424 13.40 -3.62 -41.02
N PHE A 425 14.34 -4.09 -40.21
CA PHE A 425 14.59 -3.50 -38.90
C PHE A 425 15.87 -2.68 -38.80
N ALA A 426 16.86 -2.91 -39.67
CA ALA A 426 18.15 -2.27 -39.46
C ALA A 426 18.08 -0.75 -39.57
N HIS A 427 17.13 -0.23 -40.36
CA HIS A 427 17.02 1.21 -40.52
C HIS A 427 16.61 1.92 -39.24
N LEU A 428 16.12 1.19 -38.24
CA LEU A 428 15.66 1.82 -37.02
C LEU A 428 16.79 2.48 -36.25
N THR A 429 18.05 2.17 -36.57
CA THR A 429 19.17 2.84 -35.89
C THR A 429 19.28 4.29 -36.29
N ASP A 430 18.70 4.69 -37.41
CA ASP A 430 18.60 6.08 -37.82
C ASP A 430 17.29 6.71 -37.38
N VAL A 431 16.39 5.95 -36.78
CA VAL A 431 15.12 6.47 -36.32
C VAL A 431 15.22 6.98 -34.89
N VAL A 432 15.99 6.30 -34.05
CA VAL A 432 16.09 6.62 -32.64
C VAL A 432 17.55 6.75 -32.25
N VAL A 433 17.82 7.67 -31.31
CA VAL A 433 19.16 7.86 -30.81
C VAL A 433 19.67 6.54 -30.25
N GLU A 434 20.98 6.32 -30.34
CA GLU A 434 21.58 5.08 -29.89
C GLU A 434 22.40 5.34 -28.63
N GLU B 12 -41.68 18.86 12.53
CA GLU B 12 -40.23 18.78 12.58
C GLU B 12 -39.74 17.34 12.42
N ALA B 13 -38.62 17.18 11.72
CA ALA B 13 -38.14 15.85 11.39
C ALA B 13 -37.53 15.17 12.62
N PRO B 14 -37.62 13.85 12.70
CA PRO B 14 -37.02 13.13 13.83
C PRO B 14 -35.50 13.25 13.83
N VAL B 15 -34.92 13.22 15.03
CA VAL B 15 -33.49 13.43 15.24
C VAL B 15 -32.83 12.09 15.57
N LEU B 16 -31.78 11.77 14.81
CA LEU B 16 -30.92 10.61 15.05
C LEU B 16 -29.61 11.13 15.62
N GLY B 17 -29.23 10.61 16.78
CA GLY B 17 -27.96 10.97 17.42
C GLY B 17 -27.02 9.77 17.42
N ILE B 18 -25.75 10.03 17.11
CA ILE B 18 -24.75 8.98 16.96
C ILE B 18 -23.55 9.30 17.84
N LEU B 19 -22.99 8.28 18.50
CA LEU B 19 -21.74 8.43 19.24
C LEU B 19 -20.93 7.15 19.11
N CYS B 20 -19.62 7.27 19.33
CA CYS B 20 -18.72 6.13 19.36
C CYS B 20 -18.18 5.95 20.77
N GLY B 21 -18.07 4.70 21.20
CA GLY B 21 -17.44 4.38 22.47
C GLY B 21 -16.38 3.32 22.27
N GLY B 22 -15.43 3.31 23.21
CA GLY B 22 -14.36 2.34 23.19
C GLY B 22 -13.18 2.78 22.34
N GLY B 23 -12.30 1.82 22.10
CA GLY B 23 -11.14 2.06 21.24
C GLY B 23 -11.53 1.97 19.80
N PRO B 24 -10.93 2.77 18.93
CA PRO B 24 -11.33 2.75 17.52
C PRO B 24 -11.01 1.43 16.84
N ALA B 25 -11.77 1.14 15.78
CA ALA B 25 -11.51 0.05 14.86
C ALA B 25 -11.78 0.54 13.44
N PRO B 26 -11.10 0.00 12.43
CA PRO B 26 -11.34 0.45 11.06
C PRO B 26 -12.76 0.18 10.61
N GLY B 27 -13.40 1.21 10.05
CA GLY B 27 -14.77 1.09 9.60
C GLY B 27 -15.77 1.86 10.42
N LEU B 28 -15.36 2.49 11.52
CA LEU B 28 -16.29 3.31 12.28
C LEU B 28 -16.98 4.35 11.40
N ASN B 29 -16.20 5.06 10.59
CA ASN B 29 -16.79 6.07 9.70
C ASN B 29 -17.74 5.42 8.69
N GLY B 30 -17.50 4.16 8.33
CA GLY B 30 -18.41 3.49 7.44
C GLY B 30 -19.78 3.29 8.06
N VAL B 31 -19.83 2.91 9.33
CA VAL B 31 -21.11 2.79 10.01
C VAL B 31 -21.77 4.15 10.13
N ILE B 32 -20.99 5.19 10.46
CA ILE B 32 -21.55 6.53 10.59
C ILE B 32 -22.10 7.02 9.26
N ALA B 33 -21.38 6.76 8.17
CA ALA B 33 -21.82 7.25 6.87
C ALA B 33 -23.00 6.44 6.35
N GLY B 34 -23.04 5.14 6.62
CA GLY B 34 -24.18 4.35 6.18
C GLY B 34 -25.47 4.76 6.88
N ALA B 35 -25.42 4.90 8.20
CA ALA B 35 -26.59 5.33 8.95
C ALA B 35 -27.01 6.74 8.60
N THR B 36 -26.03 7.65 8.47
CA THR B 36 -26.37 9.05 8.24
C THR B 36 -26.95 9.27 6.85
N LEU B 37 -26.31 8.71 5.82
CA LEU B 37 -26.76 8.94 4.46
C LEU B 37 -28.18 8.43 4.25
N TYR B 38 -28.47 7.21 4.72
CA TYR B 38 -29.80 6.66 4.60
C TYR B 38 -30.81 7.51 5.38
N ALA B 39 -30.45 7.92 6.59
CA ALA B 39 -31.35 8.73 7.40
C ALA B 39 -31.66 10.06 6.72
N LEU B 40 -30.66 10.67 6.08
CA LEU B 40 -30.91 11.92 5.39
C LEU B 40 -31.86 11.73 4.22
N ARG B 41 -31.79 10.58 3.55
CA ARG B 41 -32.77 10.29 2.49
C ARG B 41 -34.17 10.13 3.06
N LEU B 42 -34.30 9.72 4.32
CA LEU B 42 -35.59 9.66 4.97
C LEU B 42 -36.04 11.01 5.53
N GLY B 43 -35.23 12.05 5.37
CA GLY B 43 -35.57 13.36 5.88
C GLY B 43 -35.21 13.61 7.33
N TRP B 44 -34.54 12.66 7.97
CA TRP B 44 -34.16 12.82 9.37
C TRP B 44 -33.07 13.87 9.50
N LYS B 45 -33.02 14.48 10.68
CA LYS B 45 -31.92 15.35 11.08
C LYS B 45 -30.94 14.48 11.88
N VAL B 46 -29.65 14.54 11.54
CA VAL B 46 -28.65 13.69 12.16
C VAL B 46 -27.62 14.55 12.86
N ILE B 47 -27.34 14.22 14.12
CA ILE B 47 -26.34 14.90 14.93
C ILE B 47 -25.40 13.84 15.48
N GLY B 48 -24.18 14.27 15.82
CA GLY B 48 -23.17 13.39 16.37
C GLY B 48 -22.57 13.94 17.64
N PHE B 49 -22.52 13.10 18.68
CA PHE B 49 -21.91 13.47 19.95
C PHE B 49 -20.41 13.20 19.92
N MET B 50 -19.61 14.22 20.23
CA MET B 50 -18.17 14.06 20.26
C MET B 50 -17.73 13.31 21.52
N GLU B 51 -16.78 12.40 21.35
CA GLU B 51 -16.13 11.68 22.45
C GLU B 51 -17.14 10.89 23.28
N GLY B 52 -18.01 10.17 22.59
CA GLY B 52 -18.87 9.19 23.24
C GLY B 52 -19.78 9.77 24.30
N PHE B 53 -19.81 9.11 25.46
CA PHE B 53 -20.64 9.53 26.58
C PHE B 53 -19.99 10.61 27.44
N LYS B 54 -18.82 11.11 27.04
CA LYS B 54 -18.04 11.99 27.89
C LYS B 54 -18.84 13.20 28.37
N TYR B 55 -19.46 13.92 27.44
CA TYR B 55 -20.16 15.16 27.78
C TYR B 55 -21.63 14.93 28.12
N LEU B 56 -22.24 13.89 27.57
CA LEU B 56 -23.60 13.55 27.98
C LEU B 56 -23.65 13.17 29.45
N CYS B 57 -22.54 12.68 30.00
CA CYS B 57 -22.51 12.30 31.41
C CYS B 57 -22.56 13.52 32.33
N THR B 58 -22.10 14.67 31.86
CA THR B 58 -22.12 15.85 32.71
C THR B 58 -23.54 16.27 33.05
N GLY B 59 -24.46 16.12 32.11
CA GLY B 59 -25.81 16.61 32.26
C GLY B 59 -25.99 18.05 31.86
N ASP B 60 -24.90 18.78 31.62
CA ASP B 60 -25.00 20.18 31.22
C ASP B 60 -25.28 20.27 29.72
N VAL B 61 -26.47 20.76 29.37
CA VAL B 61 -26.87 20.78 27.97
C VAL B 61 -26.00 21.75 27.18
N ASP B 62 -25.50 22.81 27.81
CA ASP B 62 -24.60 23.72 27.11
C ASP B 62 -23.29 23.04 26.78
N VAL B 63 -22.74 22.25 27.70
CA VAL B 63 -21.50 21.55 27.41
C VAL B 63 -21.73 20.52 26.30
N VAL B 64 -22.85 19.80 26.35
CA VAL B 64 -23.13 18.81 25.32
C VAL B 64 -23.24 19.46 23.95
N LYS B 65 -23.97 20.57 23.87
CA LYS B 65 -24.11 21.25 22.58
C LYS B 65 -22.78 21.79 22.07
N ALA B 66 -21.89 22.21 22.97
CA ALA B 66 -20.55 22.63 22.56
C ALA B 66 -19.73 21.47 22.01
N HIS B 67 -20.17 20.23 22.22
CA HIS B 67 -19.49 19.04 21.73
C HIS B 67 -20.46 18.10 21.04
N THR B 68 -21.37 18.68 20.25
CA THR B 68 -22.14 17.93 19.27
C THR B 68 -22.05 18.69 17.95
N ILE B 69 -22.12 17.95 16.85
CA ILE B 69 -22.04 18.54 15.52
C ILE B 69 -23.15 17.98 14.65
N ASP B 70 -23.51 18.74 13.62
CA ASP B 70 -24.54 18.33 12.67
C ASP B 70 -23.90 17.45 11.61
N LEU B 71 -24.36 16.20 11.51
CA LEU B 71 -23.85 15.26 10.52
C LEU B 71 -24.63 15.44 9.23
N THR B 72 -24.04 16.16 8.28
CA THR B 72 -24.67 16.52 7.01
C THR B 72 -24.17 15.62 5.88
N TYR B 73 -24.78 15.78 4.70
CA TYR B 73 -24.34 15.01 3.55
C TYR B 73 -22.88 15.29 3.23
N ASP B 74 -22.50 16.58 3.21
CA ASP B 74 -21.15 16.94 2.80
C ASP B 74 -20.11 16.34 3.74
N ILE B 75 -20.43 16.26 5.03
CA ILE B 75 -19.47 15.75 6.01
C ILE B 75 -19.21 14.25 5.81
N VAL B 76 -20.26 13.48 5.55
CA VAL B 76 -20.15 12.02 5.60
C VAL B 76 -20.08 11.39 4.21
N SER B 77 -20.11 12.20 3.16
CA SER B 77 -20.22 11.64 1.82
C SER B 77 -19.01 10.78 1.45
N ARG B 78 -17.84 11.05 2.02
CA ARG B 78 -16.64 10.33 1.62
C ARG B 78 -15.79 9.87 2.80
N ILE B 79 -16.38 9.79 4.00
CA ILE B 79 -15.63 9.25 5.13
C ILE B 79 -15.60 7.74 5.14
N HIS B 80 -16.29 7.07 4.20
CA HIS B 80 -16.23 5.62 4.15
C HIS B 80 -14.85 5.13 3.75
N PHE B 81 -14.00 5.99 3.20
CA PHE B 81 -12.63 5.62 2.87
C PHE B 81 -11.67 5.71 4.06
N GLN B 82 -12.06 6.37 5.14
CA GLN B 82 -11.12 6.85 6.15
C GLN B 82 -11.21 6.08 7.44
N GLY B 83 -10.05 5.77 8.01
CA GLY B 83 -10.00 5.22 9.34
C GLY B 83 -10.31 6.25 10.41
N GLY B 84 -10.41 5.77 11.63
CA GLY B 84 -10.77 6.61 12.74
C GLY B 84 -12.26 6.89 12.78
N THR B 85 -12.64 7.89 13.57
CA THR B 85 -14.03 8.29 13.70
C THR B 85 -14.08 9.81 13.77
N ILE B 86 -14.90 10.40 12.88
CA ILE B 86 -14.93 11.85 12.78
C ILE B 86 -15.55 12.50 14.01
N ILE B 87 -16.35 11.75 14.80
CA ILE B 87 -16.90 12.27 16.04
C ILE B 87 -16.12 11.79 17.26
N GLN B 88 -14.93 11.27 17.06
CA GLN B 88 -14.07 10.82 18.17
C GLN B 88 -14.73 9.74 19.00
N THR B 89 -14.07 9.33 20.09
CA THR B 89 -14.58 8.28 20.96
C THR B 89 -14.03 8.47 22.37
N SER B 90 -14.63 7.77 23.32
CA SER B 90 -14.22 7.80 24.71
C SER B 90 -14.68 6.50 25.36
N ARG B 91 -14.09 6.20 26.52
CA ARG B 91 -14.53 5.06 27.30
C ARG B 91 -15.40 5.45 28.49
N ALA B 92 -15.81 6.72 28.57
CA ALA B 92 -16.71 7.16 29.62
C ALA B 92 -17.98 6.31 29.65
N ASN B 93 -18.37 5.88 30.85
CA ASN B 93 -19.37 4.84 31.04
C ASN B 93 -20.39 5.32 32.08
N PRO B 94 -21.59 5.71 31.65
CA PRO B 94 -22.60 6.15 32.63
C PRO B 94 -23.29 5.00 33.36
N ARG B 95 -23.04 3.75 32.97
CA ARG B 95 -23.81 2.65 33.54
C ARG B 95 -23.53 2.48 35.03
N LYS B 96 -22.36 2.92 35.50
CA LYS B 96 -22.01 2.67 36.90
C LYS B 96 -22.87 3.48 37.87
N SER B 97 -23.36 4.65 37.46
CA SER B 97 -24.06 5.56 38.34
C SER B 97 -25.43 5.91 37.78
N PRO B 98 -26.48 5.90 38.61
CA PRO B 98 -27.78 6.37 38.11
C PRO B 98 -27.83 7.87 37.89
N GLU B 99 -26.99 8.65 38.58
CA GLU B 99 -26.93 10.08 38.31
C GLU B 99 -26.39 10.35 36.91
N LEU B 100 -25.37 9.61 36.50
CA LEU B 100 -24.86 9.75 35.14
C LEU B 100 -25.88 9.26 34.13
N GLN B 101 -26.55 8.15 34.41
CA GLN B 101 -27.56 7.67 33.48
C GLN B 101 -28.66 8.70 33.29
N GLU B 102 -29.10 9.34 34.38
CA GLU B 102 -30.15 10.34 34.25
C GLU B 102 -29.64 11.60 33.59
N ASN B 103 -28.34 11.91 33.74
CA ASN B 103 -27.75 13.03 33.02
C ASN B 103 -27.79 12.81 31.52
N VAL B 104 -27.50 11.58 31.08
CA VAL B 104 -27.56 11.28 29.66
C VAL B 104 -29.00 11.39 29.16
N ARG B 105 -29.96 10.89 29.95
CA ARG B 105 -31.36 11.03 29.57
C ARG B 105 -31.77 12.50 29.50
N LYS B 106 -31.28 13.31 30.44
CA LYS B 106 -31.63 14.73 30.46
C LYS B 106 -31.16 15.43 29.19
N CYS B 107 -29.94 15.12 28.74
CA CYS B 107 -29.40 15.78 27.57
C CYS B 107 -30.05 15.27 26.29
N LEU B 108 -30.31 13.97 26.22
CA LEU B 108 -30.94 13.41 25.03
C LEU B 108 -32.34 13.98 24.84
N ARG B 109 -33.11 14.09 25.92
CA ARG B 109 -34.43 14.70 25.82
C ARG B 109 -34.32 16.16 25.40
N ALA B 110 -33.32 16.87 25.94
CA ALA B 110 -33.13 18.27 25.59
C ALA B 110 -32.88 18.43 24.09
N LEU B 111 -32.07 17.56 23.51
CA LEU B 111 -31.80 17.59 22.07
C LEU B 111 -32.87 16.87 21.25
N LYS B 112 -33.88 16.31 21.92
CA LYS B 112 -35.03 15.74 21.23
C LYS B 112 -34.62 14.58 20.33
N VAL B 113 -33.68 13.77 20.82
CA VAL B 113 -33.18 12.62 20.08
C VAL B 113 -34.26 11.54 20.06
N ARG B 114 -34.81 11.26 18.88
CA ARG B 114 -35.77 10.17 18.75
C ARG B 114 -35.08 8.82 18.62
N TYR B 115 -34.00 8.76 17.83
CA TYR B 115 -33.26 7.52 17.59
C TYR B 115 -31.83 7.70 18.07
N PHE B 116 -31.31 6.73 18.82
CA PHE B 116 -30.01 6.85 19.47
C PHE B 116 -29.16 5.64 19.09
N LEU B 117 -28.10 5.87 18.32
CA LEU B 117 -27.21 4.82 17.82
C LEU B 117 -25.84 4.96 18.47
N THR B 118 -25.40 3.91 19.15
CA THR B 118 -24.07 3.88 19.73
C THR B 118 -23.22 2.86 19.00
N ILE B 119 -21.98 3.22 18.68
CA ILE B 119 -21.05 2.34 17.99
C ILE B 119 -19.88 2.08 18.93
N GLY B 120 -19.80 0.89 19.48
CA GLY B 120 -18.80 0.62 20.49
C GLY B 120 -18.82 -0.83 20.93
N GLY B 121 -18.04 -1.11 21.97
CA GLY B 121 -17.94 -2.44 22.53
C GLY B 121 -19.08 -2.73 23.48
N ASP B 122 -18.86 -3.72 24.35
CA ASP B 122 -19.92 -4.16 25.24
C ASP B 122 -20.29 -3.10 26.27
N ASP B 123 -19.30 -2.38 26.81
CA ASP B 123 -19.60 -1.34 27.79
C ASP B 123 -20.48 -0.26 27.18
N THR B 124 -20.22 0.11 25.93
CA THR B 124 -21.03 1.12 25.26
C THR B 124 -22.45 0.62 25.02
N ALA B 125 -22.60 -0.64 24.59
CA ALA B 125 -23.93 -1.20 24.37
C ALA B 125 -24.72 -1.26 25.68
N SER B 126 -24.06 -1.70 26.75
CA SER B 126 -24.74 -1.80 28.05
C SER B 126 -25.18 -0.41 28.54
N SER B 127 -24.33 0.59 28.34
CA SER B 127 -24.70 1.95 28.73
C SER B 127 -25.91 2.42 27.93
N ALA B 128 -25.95 2.10 26.65
CA ALA B 128 -27.10 2.49 25.84
C ALA B 128 -28.38 1.84 26.38
N VAL B 129 -28.30 0.57 26.76
CA VAL B 129 -29.48 -0.13 27.23
C VAL B 129 -29.94 0.43 28.57
N SER B 130 -28.99 0.72 29.47
CA SER B 130 -29.36 1.29 30.77
C SER B 130 -30.04 2.64 30.63
N VAL B 131 -29.56 3.47 29.70
CA VAL B 131 -30.21 4.75 29.46
C VAL B 131 -31.62 4.54 28.93
N ALA B 132 -31.83 3.47 28.16
CA ALA B 132 -33.12 3.26 27.51
C ALA B 132 -34.18 2.79 28.51
N SER B 133 -33.80 1.96 29.48
CA SER B 133 -34.79 1.37 30.38
C SER B 133 -35.52 2.42 31.20
N GLY B 134 -34.84 3.53 31.54
CA GLY B 134 -35.48 4.64 32.20
C GLY B 134 -36.23 5.59 31.29
N MET B 135 -36.15 5.37 29.98
CA MET B 135 -36.79 6.20 28.99
C MET B 135 -38.05 5.52 28.44
N ASN B 136 -38.99 6.34 27.97
CA ASN B 136 -40.20 5.83 27.33
C ASN B 136 -39.87 5.30 25.95
N GLY B 137 -40.39 4.12 25.62
CA GLY B 137 -40.10 3.50 24.34
C GLY B 137 -40.65 4.27 23.15
N ASN B 138 -41.65 5.11 23.37
CA ASN B 138 -42.20 5.92 22.29
C ASN B 138 -41.34 7.14 21.98
N GLU B 139 -40.74 7.75 23.02
CA GLU B 139 -39.97 8.97 22.80
C GLU B 139 -38.59 8.66 22.21
N ILE B 140 -37.96 7.58 22.67
CA ILE B 140 -36.61 7.24 22.21
C ILE B 140 -36.51 5.75 21.97
N SER B 141 -35.83 5.39 20.88
CA SER B 141 -35.48 4.02 20.53
C SER B 141 -33.96 3.94 20.48
N VAL B 142 -33.39 2.90 21.07
CA VAL B 142 -31.94 2.80 21.24
C VAL B 142 -31.41 1.55 20.54
N ILE B 143 -30.45 1.75 19.64
CA ILE B 143 -29.80 0.67 18.91
C ILE B 143 -28.29 0.85 19.08
N SER B 144 -27.57 -0.26 19.18
CA SER B 144 -26.11 -0.21 19.29
C SER B 144 -25.49 -1.17 18.29
N CYS B 145 -24.37 -0.75 17.71
CA CYS B 145 -23.65 -1.56 16.75
C CYS B 145 -22.38 -2.10 17.36
N PRO B 146 -22.22 -3.41 17.45
CA PRO B 146 -21.06 -3.98 18.17
C PRO B 146 -19.80 -3.93 17.32
N LYS B 147 -18.75 -3.34 17.89
CA LYS B 147 -17.46 -3.12 17.23
C LYS B 147 -16.35 -3.75 18.05
N THR B 148 -15.45 -4.47 17.37
CA THR B 148 -14.24 -4.97 18.00
C THR B 148 -13.22 -5.47 16.98
N ILE B 149 -11.97 -5.02 17.10
CA ILE B 149 -10.93 -5.58 16.24
C ILE B 149 -10.47 -6.96 16.72
N ASP B 150 -10.86 -7.37 17.92
CA ASP B 150 -10.44 -8.64 18.50
C ASP B 150 -11.28 -9.82 18.03
N ASN B 151 -12.37 -9.57 17.31
CA ASN B 151 -13.16 -10.63 16.69
C ASN B 151 -13.80 -11.55 17.71
N ASP B 152 -14.02 -11.06 18.93
CA ASP B 152 -14.44 -11.89 20.04
C ASP B 152 -15.93 -11.77 20.35
N LEU B 153 -16.73 -11.29 19.39
CA LEU B 153 -18.17 -11.31 19.53
C LEU B 153 -18.73 -12.69 19.19
N PRO B 154 -19.87 -13.08 19.80
CA PRO B 154 -20.46 -14.40 19.58
C PRO B 154 -21.29 -14.50 18.29
N LEU B 155 -20.69 -14.09 17.18
CA LEU B 155 -21.30 -14.34 15.88
C LEU B 155 -21.13 -15.82 15.53
N PRO B 156 -21.87 -16.32 14.55
CA PRO B 156 -21.62 -17.70 14.10
C PRO B 156 -20.16 -17.89 13.70
N ALA B 157 -19.63 -19.06 14.02
CA ALA B 157 -18.20 -19.30 13.89
C ALA B 157 -17.70 -19.04 12.47
N ASP B 158 -16.50 -18.47 12.38
CA ASP B 158 -15.78 -18.11 11.16
C ASP B 158 -16.29 -16.81 10.56
N GLN B 159 -17.31 -16.17 11.14
CA GLN B 159 -17.82 -14.89 10.66
C GLN B 159 -17.26 -13.77 11.53
N SER B 160 -16.62 -12.79 10.88
CA SER B 160 -15.81 -11.80 11.57
C SER B 160 -16.61 -10.56 11.96
N THR B 161 -16.11 -9.88 12.99
CA THR B 161 -16.56 -8.55 13.35
C THR B 161 -15.85 -7.51 12.48
N PHE B 162 -16.49 -6.34 12.36
CA PHE B 162 -15.95 -5.34 11.45
C PHE B 162 -14.71 -4.67 12.04
N GLY B 163 -13.75 -4.37 11.16
CA GLY B 163 -12.44 -3.93 11.56
C GLY B 163 -11.42 -5.03 11.70
N PHE B 164 -11.87 -6.27 11.92
CA PHE B 164 -10.93 -7.37 12.12
C PHE B 164 -10.17 -7.69 10.83
N HIS B 165 -10.85 -7.67 9.68
CA HIS B 165 -10.18 -7.95 8.43
C HIS B 165 -9.10 -6.92 8.14
N THR B 166 -9.38 -5.64 8.41
CA THR B 166 -8.36 -4.60 8.19
C THR B 166 -7.18 -4.78 9.14
N ALA B 167 -7.45 -5.03 10.42
CA ALA B 167 -6.36 -5.17 11.36
C ALA B 167 -5.49 -6.35 11.01
N ARG B 168 -6.10 -7.48 10.62
CA ARG B 168 -5.35 -8.68 10.27
C ARG B 168 -4.54 -8.49 9.00
N SER B 169 -5.08 -7.76 8.02
CA SER B 169 -4.35 -7.60 6.77
C SER B 169 -3.14 -6.68 6.92
N LEU B 170 -3.30 -5.56 7.63
CA LEU B 170 -2.17 -4.70 7.91
C LEU B 170 -1.16 -5.41 8.82
N GLY B 171 -1.64 -6.20 9.78
CA GLY B 171 -0.73 -6.97 10.60
C GLY B 171 0.10 -7.95 9.78
N MET B 172 -0.52 -8.57 8.78
CA MET B 172 0.22 -9.47 7.89
C MET B 172 1.31 -8.72 7.15
N GLU B 173 1.01 -7.50 6.68
CA GLU B 173 1.97 -6.76 5.88
C GLU B 173 3.17 -6.32 6.71
N ILE B 174 2.96 -5.94 7.97
CA ILE B 174 4.07 -5.58 8.84
C ILE B 174 4.94 -6.79 9.12
N ILE B 175 4.31 -7.93 9.44
CA ILE B 175 5.07 -9.15 9.72
C ILE B 175 5.81 -9.60 8.48
N ARG B 176 5.27 -9.34 7.29
CA ARG B 176 5.99 -9.69 6.07
C ARG B 176 7.34 -8.99 6.01
N ASN B 177 7.39 -7.72 6.37
CA ASN B 177 8.66 -7.01 6.43
C ASN B 177 9.59 -7.62 7.46
N LEU B 178 9.05 -8.05 8.60
CA LEU B 178 9.86 -8.67 9.62
C LEU B 178 10.32 -10.07 9.22
N MET B 179 9.53 -10.76 8.39
CA MET B 179 9.96 -12.06 7.88
C MET B 179 11.12 -11.91 6.91
N VAL B 180 11.06 -10.91 6.04
CA VAL B 180 12.14 -10.66 5.09
C VAL B 180 13.38 -10.20 5.84
N ASP B 181 13.19 -9.37 6.86
CA ASP B 181 14.32 -8.86 7.62
C ASP B 181 14.97 -9.95 8.46
N SER B 182 14.16 -10.85 9.03
CA SER B 182 14.70 -11.93 9.85
C SER B 182 15.56 -12.88 9.02
N LYS B 183 15.15 -13.16 7.78
CA LYS B 183 15.94 -14.02 6.91
C LYS B 183 17.13 -13.30 6.31
N SER B 184 16.96 -12.03 5.92
CA SER B 184 18.07 -11.32 5.30
C SER B 184 19.22 -11.14 6.29
N ALA B 185 18.89 -10.81 7.53
CA ALA B 185 19.86 -10.58 8.61
C ALA B 185 19.44 -11.51 9.73
N PRO B 186 19.87 -12.77 9.69
CA PRO B 186 19.31 -13.78 10.60
C PRO B 186 19.07 -13.32 12.02
N ARG B 187 17.80 -13.37 12.43
CA ARG B 187 17.42 -13.09 13.80
C ARG B 187 16.01 -13.64 14.00
N TRP B 188 15.60 -13.68 15.26
CA TRP B 188 14.23 -14.03 15.64
C TRP B 188 13.52 -12.78 16.13
N PHE B 189 12.33 -12.53 15.61
CA PHE B 189 11.46 -11.49 16.12
C PHE B 189 10.38 -12.12 16.96
N LEU B 190 10.18 -11.60 18.18
CA LEU B 190 9.03 -11.94 19.01
C LEU B 190 8.02 -10.79 18.82
N VAL B 191 7.04 -11.01 17.97
CA VAL B 191 5.98 -10.04 17.71
C VAL B 191 4.88 -10.21 18.73
N GLU B 192 4.53 -9.13 19.41
CA GLU B 192 3.43 -9.13 20.38
C GLU B 192 2.23 -8.45 19.73
N ALA B 193 1.16 -9.21 19.51
CA ALA B 193 -0.07 -8.69 18.95
C ALA B 193 -0.94 -8.10 20.06
N MET B 194 -1.20 -6.79 19.99
CA MET B 194 -1.94 -6.10 21.05
C MET B 194 -3.36 -6.66 21.15
N GLY B 195 -3.88 -6.70 22.37
CA GLY B 195 -5.18 -7.28 22.62
C GLY B 195 -5.15 -8.45 23.57
N ARG B 196 -5.79 -8.30 24.74
CA ARG B 196 -5.79 -9.32 25.77
C ARG B 196 -7.09 -10.13 25.80
N SER B 197 -8.06 -9.79 24.96
CA SER B 197 -9.35 -10.46 25.03
C SER B 197 -9.27 -11.89 24.48
N ALA B 198 -8.63 -12.08 23.34
CA ALA B 198 -8.65 -13.37 22.66
C ALA B 198 -7.44 -13.47 21.75
N GLY B 199 -7.29 -14.64 21.13
CA GLY B 199 -6.19 -14.90 20.22
C GLY B 199 -6.52 -14.87 18.75
N HIS B 200 -7.70 -14.34 18.38
CA HIS B 200 -8.08 -14.32 16.98
C HIS B 200 -7.12 -13.50 16.15
N LEU B 201 -6.74 -12.33 16.64
CA LEU B 201 -5.90 -11.42 15.87
C LEU B 201 -4.47 -11.95 15.74
N ALA B 202 -3.91 -12.49 16.82
CA ALA B 202 -2.55 -13.01 16.74
C ALA B 202 -2.47 -14.21 15.79
N LEU B 203 -3.42 -15.13 15.91
CA LEU B 203 -3.42 -16.31 15.04
C LEU B 203 -3.72 -15.95 13.60
N GLY B 204 -4.58 -14.94 13.36
CA GLY B 204 -4.88 -14.53 12.00
C GLY B 204 -3.66 -13.97 11.30
N MET B 205 -2.95 -13.06 11.98
CA MET B 205 -1.73 -12.50 11.41
C MET B 205 -0.67 -13.57 11.17
N ALA B 206 -0.50 -14.47 12.14
CA ALA B 206 0.55 -15.49 12.03
C ALA B 206 0.27 -16.45 10.88
N GLU B 207 -0.97 -16.93 10.79
CA GLU B 207 -1.29 -17.87 9.72
C GLU B 207 -1.13 -17.22 8.35
N ALA B 208 -1.64 -15.99 8.19
CA ALA B 208 -1.56 -15.32 6.90
C ALA B 208 -0.12 -15.06 6.48
N SER B 209 0.73 -14.66 7.42
CA SER B 209 2.11 -14.30 7.13
C SER B 209 3.07 -15.49 7.18
N GLY B 210 2.56 -16.69 7.48
CA GLY B 210 3.42 -17.85 7.55
C GLY B 210 4.44 -17.77 8.65
N ALA B 211 4.10 -17.13 9.76
CA ALA B 211 4.99 -17.06 10.90
C ALA B 211 5.26 -18.46 11.43
N HIS B 212 6.45 -18.64 11.98
CA HIS B 212 6.88 -19.97 12.39
C HIS B 212 6.22 -20.45 13.66
N LEU B 213 5.65 -19.56 14.47
CA LEU B 213 5.01 -19.99 15.69
C LEU B 213 3.96 -18.98 16.09
N CYS B 214 2.89 -19.46 16.71
CA CYS B 214 1.90 -18.59 17.30
C CYS B 214 1.48 -19.15 18.65
N LEU B 215 1.48 -18.30 19.67
CA LEU B 215 1.09 -18.68 21.02
C LEU B 215 -0.09 -17.82 21.45
N ILE B 216 -1.21 -18.47 21.74
CA ILE B 216 -2.41 -17.76 22.18
C ILE B 216 -2.87 -18.37 23.50
N PRO B 217 -3.56 -17.62 24.36
CA PRO B 217 -3.99 -18.21 25.64
C PRO B 217 -4.90 -19.42 25.45
N GLU B 218 -5.65 -19.49 24.35
CA GLU B 218 -6.64 -20.55 24.19
C GLU B 218 -6.04 -21.94 24.08
N GLU B 219 -4.78 -22.07 23.67
CA GLU B 219 -4.19 -23.38 23.45
C GLU B 219 -3.55 -23.97 24.69
N PHE B 220 -3.54 -23.26 25.82
CA PHE B 220 -2.99 -23.77 27.06
C PHE B 220 -4.09 -24.49 27.83
N LYS B 221 -3.85 -25.77 28.17
CA LYS B 221 -4.88 -26.54 28.86
C LYS B 221 -5.10 -26.05 30.29
N GLN B 222 -4.03 -25.77 31.02
CA GLN B 222 -4.18 -25.38 32.41
C GLN B 222 -4.83 -23.99 32.50
N ASP B 223 -5.44 -23.71 33.64
CA ASP B 223 -6.15 -22.45 33.82
C ASP B 223 -5.19 -21.27 33.98
N GLU B 224 -3.96 -21.52 34.45
CA GLU B 224 -2.97 -20.47 34.66
C GLU B 224 -1.69 -20.85 33.94
N ILE B 225 -1.15 -19.93 33.18
CA ILE B 225 0.08 -20.17 32.42
C ILE B 225 1.26 -19.79 33.30
N GLU B 226 2.37 -20.50 33.12
CA GLU B 226 3.62 -20.21 33.81
C GLU B 226 4.61 -19.56 32.85
N PHE B 227 5.32 -18.55 33.34
CA PHE B 227 6.28 -17.83 32.52
C PHE B 227 7.31 -18.77 31.92
N GLU B 228 7.73 -19.77 32.68
CA GLU B 228 8.73 -20.71 32.18
C GLU B 228 8.21 -21.48 30.99
N ASP B 229 6.93 -21.87 31.01
CA ASP B 229 6.35 -22.65 29.91
C ASP B 229 6.35 -21.86 28.60
N VAL B 230 6.05 -20.56 28.68
CA VAL B 230 6.09 -19.74 27.48
C VAL B 230 7.51 -19.65 26.93
N VAL B 231 8.49 -19.44 27.80
CA VAL B 231 9.88 -19.35 27.37
C VAL B 231 10.30 -20.65 26.69
N GLU B 232 9.91 -21.79 27.26
CA GLU B 232 10.35 -23.08 26.73
C GLU B 232 9.64 -23.46 25.44
N LEU B 233 8.40 -22.99 25.25
CA LEU B 233 7.71 -23.26 23.99
C LEU B 233 8.40 -22.56 22.82
N VAL B 234 8.82 -21.30 23.02
CA VAL B 234 9.59 -20.59 22.00
C VAL B 234 10.96 -21.23 21.85
N GLU B 235 11.59 -21.60 22.96
CA GLU B 235 12.94 -22.16 22.93
C GLU B 235 13.00 -23.45 22.11
N ALA B 236 12.01 -24.33 22.28
CA ALA B 236 11.97 -25.55 21.48
C ALA B 236 11.81 -25.23 20.00
N THR B 237 10.97 -24.26 19.65
CA THR B 237 10.82 -23.88 18.26
C THR B 237 12.11 -23.33 17.69
N ILE B 238 12.81 -22.49 18.45
CA ILE B 238 14.06 -21.92 17.96
C ILE B 238 15.07 -23.03 17.70
N LEU B 239 15.16 -23.99 18.62
CA LEU B 239 16.14 -25.08 18.49
C LEU B 239 15.82 -25.99 17.31
N LYS B 240 14.54 -26.32 17.09
CA LYS B 240 14.18 -27.17 15.97
C LYS B 240 14.55 -26.50 14.64
N ARG B 241 14.25 -25.20 14.52
CA ARG B 241 14.69 -24.46 13.34
C ARG B 241 16.20 -24.48 13.22
N LEU B 242 16.91 -24.34 14.33
CA LEU B 242 18.37 -24.39 14.29
C LEU B 242 18.86 -25.77 13.88
N ALA B 243 18.12 -26.82 14.23
CA ALA B 243 18.48 -28.17 13.81
C ALA B 243 18.31 -28.37 12.30
N TYR B 244 17.58 -27.48 11.63
CA TYR B 244 17.44 -27.52 10.18
C TYR B 244 18.22 -26.40 9.50
N GLY B 245 19.22 -25.84 10.18
CA GLY B 245 20.10 -24.88 9.57
C GLY B 245 19.60 -23.46 9.53
N LYS B 246 18.53 -23.15 10.25
CA LYS B 246 17.90 -21.83 10.21
C LYS B 246 17.93 -21.23 11.61
N ASN B 247 18.74 -20.19 11.76
CA ASN B 247 18.89 -19.48 13.03
C ASN B 247 18.07 -18.20 13.07
N TYR B 248 16.88 -18.22 12.46
CA TYR B 248 16.04 -17.03 12.36
C TYR B 248 14.58 -17.45 12.25
N GLY B 249 13.69 -16.49 12.52
CA GLY B 249 12.26 -16.74 12.42
C GLY B 249 11.45 -15.61 13.01
N VAL B 250 10.13 -15.81 13.03
CA VAL B 250 9.19 -14.87 13.63
C VAL B 250 8.18 -15.66 14.44
N CYS B 251 7.95 -15.24 15.68
CA CYS B 251 6.98 -15.88 16.56
C CYS B 251 5.99 -14.82 17.04
N VAL B 252 4.70 -15.09 16.88
CA VAL B 252 3.65 -14.15 17.22
C VAL B 252 3.03 -14.58 18.53
N LEU B 253 2.88 -13.61 19.43
CA LEU B 253 2.39 -13.87 20.78
C LEU B 253 1.15 -13.02 21.01
N ALA B 254 0.03 -13.67 21.33
CA ALA B 254 -1.13 -12.92 21.77
C ALA B 254 -0.83 -12.28 23.12
N GLU B 255 -1.11 -10.97 23.24
CA GLU B 255 -0.89 -10.32 24.52
C GLU B 255 -1.75 -10.93 25.62
N GLY B 256 -2.81 -11.65 25.26
CA GLY B 256 -3.67 -12.30 26.23
C GLY B 256 -3.00 -13.39 27.03
N LEU B 257 -1.82 -13.84 26.61
CA LEU B 257 -1.05 -14.75 27.45
C LEU B 257 -0.83 -14.15 28.83
N VAL B 258 -0.61 -12.83 28.89
CA VAL B 258 -0.31 -12.17 30.15
C VAL B 258 -1.50 -12.28 31.10
N SER B 259 -2.71 -12.12 30.58
CA SER B 259 -3.90 -12.14 31.42
C SER B 259 -4.30 -13.54 31.86
N LYS B 260 -3.67 -14.58 31.33
CA LYS B 260 -3.86 -15.95 31.78
C LYS B 260 -2.78 -16.43 32.73
N MET B 261 -1.76 -15.61 32.98
CA MET B 261 -0.61 -16.01 33.77
C MET B 261 -0.92 -16.06 35.26
N SER B 262 -0.25 -16.98 35.96
CA SER B 262 -0.39 -17.12 37.39
C SER B 262 0.26 -15.93 38.11
N LYS B 263 0.08 -15.90 39.43
CA LYS B 263 0.70 -14.85 40.24
C LYS B 263 2.23 -14.94 40.18
N LYS B 264 2.76 -16.16 40.29
CA LYS B 264 4.21 -16.35 40.24
C LYS B 264 4.75 -15.93 38.88
N ALA B 265 4.04 -16.27 37.81
CA ALA B 265 4.48 -15.91 36.47
C ALA B 265 4.51 -14.40 36.27
N LEU B 266 3.50 -13.69 36.79
CA LEU B 266 3.48 -12.24 36.65
C LEU B 266 4.62 -11.58 37.40
N TYR B 267 5.03 -12.14 38.54
CA TYR B 267 6.17 -11.59 39.28
C TYR B 267 7.44 -11.66 38.44
N LYS B 268 7.68 -12.79 37.77
CA LYS B 268 8.83 -12.91 36.87
C LYS B 268 8.67 -12.02 35.66
N LEU B 269 7.44 -11.85 35.18
CA LEU B 269 7.20 -11.04 33.98
C LEU B 269 7.64 -9.60 34.22
N PHE B 270 7.31 -9.04 35.39
CA PHE B 270 7.64 -7.67 35.71
C PHE B 270 9.05 -7.52 36.27
N GLY B 271 9.94 -8.45 35.99
CA GLY B 271 11.34 -8.32 36.37
C GLY B 271 11.69 -8.83 37.74
N ASN B 272 11.04 -9.89 38.22
CA ASN B 272 11.21 -10.27 39.62
C ASN B 272 10.93 -9.09 40.52
N ARG B 273 9.95 -8.29 40.09
CA ARG B 273 9.45 -7.14 40.82
C ARG B 273 8.04 -7.41 41.33
N GLU B 274 7.60 -6.58 42.28
CA GLU B 274 6.19 -6.63 42.63
C GLU B 274 5.37 -6.08 41.47
N PRO B 275 4.38 -6.81 40.97
CA PRO B 275 3.61 -6.29 39.85
C PRO B 275 2.99 -4.95 40.19
N PRO B 276 3.01 -4.00 39.26
CA PRO B 276 2.38 -2.69 39.52
C PRO B 276 0.88 -2.82 39.68
N THR B 277 0.32 -1.85 40.40
CA THR B 277 -1.10 -1.83 40.72
C THR B 277 -1.60 -0.39 40.57
N ASP B 278 -2.89 -0.26 40.29
CA ASP B 278 -3.51 1.05 40.17
C ASP B 278 -3.99 1.48 41.55
N PRO B 279 -4.55 2.68 41.69
CA PRO B 279 -5.01 3.10 43.03
C PRO B 279 -6.02 2.16 43.67
N HIS B 280 -6.88 1.52 42.88
CA HIS B 280 -7.95 0.67 43.40
C HIS B 280 -7.55 -0.79 43.52
N GLY B 281 -6.34 -1.17 43.11
CA GLY B 281 -5.83 -2.51 43.32
C GLY B 281 -5.78 -3.40 42.09
N HIS B 282 -6.16 -2.91 40.91
CA HIS B 282 -6.07 -3.70 39.70
C HIS B 282 -4.62 -3.73 39.21
N ILE B 283 -4.11 -4.93 38.93
CA ILE B 283 -2.75 -5.04 38.38
C ILE B 283 -2.72 -4.36 37.02
N LEU B 284 -1.64 -3.62 36.76
CA LEU B 284 -1.53 -2.79 35.56
C LEU B 284 -0.83 -3.59 34.46
N LEU B 285 -1.61 -4.40 33.75
CA LEU B 285 -1.05 -5.27 32.73
C LEU B 285 -0.57 -4.49 31.49
N ASP B 286 -1.01 -3.25 31.31
CA ASP B 286 -0.51 -2.47 30.18
C ASP B 286 0.99 -2.21 30.33
N ASP B 287 1.48 -2.12 31.57
CA ASP B 287 2.90 -1.91 31.84
C ASP B 287 3.73 -3.17 31.61
N ALA B 288 3.09 -4.33 31.48
CA ALA B 288 3.81 -5.55 31.16
C ALA B 288 4.35 -5.48 29.74
N GLU B 289 5.53 -6.05 29.52
CA GLU B 289 6.15 -6.12 28.21
C GLU B 289 6.53 -7.58 27.92
N LEU B 290 5.54 -8.34 27.43
CA LEU B 290 5.73 -9.78 27.28
C LEU B 290 6.85 -10.10 26.31
N ALA B 291 6.85 -9.47 25.14
CA ALA B 291 7.85 -9.80 24.12
C ALA B 291 9.26 -9.44 24.58
N ARG B 292 9.40 -8.31 25.28
CA ARG B 292 10.72 -7.90 25.73
C ARG B 292 11.25 -8.83 26.81
N SER B 293 10.41 -9.18 27.79
CA SER B 293 10.85 -10.05 28.88
C SER B 293 11.24 -11.44 28.36
N LEU B 294 10.46 -12.01 27.44
CA LEU B 294 10.82 -13.31 26.88
C LEU B 294 12.10 -13.23 26.06
N SER B 295 12.32 -12.13 25.35
CA SER B 295 13.56 -12.01 24.57
C SER B 295 14.77 -11.99 25.49
N GLU B 296 14.69 -11.29 26.61
CA GLU B 296 15.82 -11.22 27.52
C GLU B 296 16.17 -12.59 28.05
N GLU B 297 15.15 -13.35 28.47
CA GLU B 297 15.39 -14.69 29.02
C GLU B 297 15.98 -15.61 27.96
N LEU B 298 15.43 -15.57 26.74
CA LEU B 298 15.88 -16.47 25.69
C LEU B 298 17.29 -16.11 25.23
N LEU B 299 17.69 -14.84 25.33
CA LEU B 299 19.05 -14.47 24.95
C LEU B 299 20.08 -15.03 25.92
N LYS B 300 19.74 -15.09 27.22
CA LYS B 300 20.66 -15.75 28.15
C LYS B 300 20.88 -17.21 27.75
N ARG B 301 19.80 -17.90 27.36
CA ARG B 301 19.88 -19.32 27.09
C ARG B 301 20.44 -19.65 25.71
N LEU B 302 20.21 -18.78 24.72
CA LEU B 302 20.46 -19.13 23.33
C LEU B 302 21.43 -18.19 22.61
N GLY B 303 21.85 -17.10 23.25
CA GLY B 303 22.77 -16.19 22.58
C GLY B 303 24.09 -16.84 22.21
N ASN B 304 24.58 -17.74 23.06
CA ASN B 304 25.84 -18.43 22.78
C ASN B 304 25.78 -19.30 21.53
N LEU B 305 24.57 -19.68 21.10
CA LEU B 305 24.41 -20.49 19.90
C LEU B 305 24.41 -19.68 18.62
N GLY B 306 24.55 -18.36 18.70
CA GLY B 306 24.41 -17.50 17.55
C GLY B 306 23.02 -17.03 17.28
N ILE B 307 22.15 -17.02 18.29
CA ILE B 307 20.76 -16.59 18.16
C ILE B 307 20.63 -15.20 18.75
N ARG B 308 20.07 -14.27 17.99
CA ARG B 308 19.70 -12.95 18.49
C ARG B 308 18.19 -12.79 18.40
N ILE B 309 17.60 -12.17 19.41
CA ILE B 309 16.15 -12.08 19.54
C ILE B 309 15.77 -10.64 19.85
N THR B 310 14.74 -10.15 19.17
CA THR B 310 14.29 -8.77 19.28
C THR B 310 12.77 -8.72 19.41
N PRO B 311 12.24 -7.94 20.34
CA PRO B 311 10.79 -7.79 20.46
C PRO B 311 10.26 -6.70 19.54
N LYS B 312 8.98 -6.82 19.22
CA LYS B 312 8.29 -5.88 18.34
C LYS B 312 6.80 -5.94 18.66
N LYS B 313 6.19 -4.79 18.88
CA LYS B 313 4.75 -4.68 19.17
C LYS B 313 4.00 -4.26 17.91
N ILE B 314 2.83 -4.86 17.70
CA ILE B 314 1.93 -4.50 16.59
C ILE B 314 0.59 -4.15 17.24
N GLY B 315 0.40 -2.86 17.50
CA GLY B 315 -0.73 -2.35 18.23
C GLY B 315 -1.52 -1.22 17.59
N TYR B 316 -1.23 -0.02 18.08
CA TYR B 316 -2.02 1.15 17.77
C TYR B 316 -1.99 1.55 16.30
N GLU B 317 -1.01 1.08 15.51
CA GLU B 317 -0.99 1.40 14.10
C GLU B 317 -2.08 0.67 13.31
N LEU B 318 -2.74 -0.32 13.91
CA LEU B 318 -3.82 -1.03 13.22
C LEU B 318 -5.16 -0.36 13.40
N ARG B 319 -5.37 0.36 14.49
CA ARG B 319 -6.73 0.71 14.91
C ARG B 319 -7.40 1.68 13.96
N CYS B 320 -6.66 2.61 13.35
CA CYS B 320 -7.25 3.62 12.48
C CYS B 320 -6.74 3.52 11.06
N ALA B 321 -6.31 2.34 10.66
CA ALA B 321 -6.02 2.09 9.26
C ALA B 321 -7.29 2.22 8.44
N ASP B 322 -7.14 2.69 7.21
CA ASP B 322 -8.29 2.80 6.32
C ASP B 322 -8.89 1.41 6.09
N PRO B 323 -10.21 1.28 6.08
CA PRO B 323 -10.81 -0.06 5.98
C PRO B 323 -10.54 -0.70 4.62
N VAL B 324 -10.31 -2.01 4.65
CA VAL B 324 -10.20 -2.81 3.43
C VAL B 324 -11.60 -3.04 2.89
N ALA B 325 -11.70 -3.49 1.63
CA ALA B 325 -13.02 -3.55 0.96
C ALA B 325 -14.02 -4.39 1.75
N PHE B 326 -13.56 -5.46 2.40
CA PHE B 326 -14.49 -6.30 3.15
C PHE B 326 -15.15 -5.50 4.26
N ASP B 327 -14.37 -4.68 4.98
CA ASP B 327 -14.96 -3.88 6.05
C ASP B 327 -15.76 -2.70 5.51
N ALA B 328 -15.40 -2.17 4.35
CA ALA B 328 -16.16 -1.08 3.76
C ALA B 328 -17.59 -1.52 3.47
N VAL B 329 -17.73 -2.70 2.85
CA VAL B 329 -19.06 -3.26 2.62
C VAL B 329 -19.74 -3.61 3.94
N TYR B 330 -18.99 -4.23 4.86
CA TYR B 330 -19.57 -4.65 6.14
C TYR B 330 -20.18 -3.46 6.88
N THR B 331 -19.43 -2.36 7.02
CA THR B 331 -19.93 -1.25 7.82
C THR B 331 -21.02 -0.47 7.09
N ARG B 332 -21.02 -0.48 5.75
CA ARG B 332 -22.14 0.12 5.05
C ARG B 332 -23.42 -0.64 5.35
N GLU B 333 -23.35 -1.98 5.33
CA GLU B 333 -24.53 -2.78 5.61
C GLU B 333 -24.97 -2.65 7.06
N LEU B 334 -24.01 -2.44 7.97
CA LEU B 334 -24.39 -2.26 9.36
C LEU B 334 -25.08 -0.91 9.58
N GLY B 335 -24.54 0.16 8.99
CA GLY B 335 -25.17 1.45 9.15
C GLY B 335 -26.58 1.46 8.60
N TYR B 336 -26.77 0.85 7.42
CA TYR B 336 -28.12 0.69 6.88
C TYR B 336 -28.99 -0.11 7.83
N GLY B 337 -28.46 -1.20 8.37
CA GLY B 337 -29.24 -2.03 9.27
C GLY B 337 -29.67 -1.33 10.54
N ALA B 338 -28.87 -0.36 11.00
CA ALA B 338 -29.28 0.43 12.16
C ALA B 338 -30.51 1.27 11.83
N ILE B 339 -30.53 1.90 10.66
CA ILE B 339 -31.69 2.67 10.25
C ILE B 339 -32.89 1.77 10.01
N ASP B 340 -32.65 0.59 9.42
CA ASP B 340 -33.74 -0.35 9.21
C ASP B 340 -34.35 -0.77 10.55
N ALA B 341 -33.50 -1.00 11.56
CA ALA B 341 -34.00 -1.39 12.87
C ALA B 341 -34.81 -0.26 13.51
N PHE B 342 -34.36 1.00 13.36
CA PHE B 342 -35.16 2.10 13.89
C PHE B 342 -36.54 2.16 13.23
N LEU B 343 -36.56 2.05 11.90
CA LEU B 343 -37.82 2.13 11.17
C LEU B 343 -38.75 0.98 11.54
N ASN B 344 -38.20 -0.17 11.90
CA ASN B 344 -39.00 -1.34 12.21
C ASN B 344 -39.34 -1.44 13.69
N GLY B 345 -39.13 -0.37 14.45
CA GLY B 345 -39.57 -0.29 15.82
C GLY B 345 -38.71 -1.00 16.83
N HIS B 346 -37.55 -1.50 16.43
CA HIS B 346 -36.68 -2.20 17.37
C HIS B 346 -36.00 -1.24 18.33
N SER B 347 -35.68 -1.76 19.51
CA SER B 347 -34.95 -1.00 20.52
C SER B 347 -34.24 -1.99 21.43
N ALA B 348 -33.23 -1.48 22.14
CA ALA B 348 -32.39 -2.30 23.01
C ALA B 348 -31.88 -3.53 22.26
N ALA B 349 -31.44 -3.31 21.02
CA ALA B 349 -30.97 -4.38 20.15
C ALA B 349 -29.61 -4.03 19.61
N LEU B 350 -28.90 -5.06 19.14
CA LEU B 350 -27.57 -4.90 18.55
C LEU B 350 -27.63 -5.31 17.09
N ILE B 351 -27.11 -4.46 16.21
CA ILE B 351 -27.09 -4.73 14.78
C ILE B 351 -25.90 -5.62 14.46
N VAL B 352 -26.16 -6.86 14.06
CA VAL B 352 -25.12 -7.82 13.75
C VAL B 352 -25.45 -8.42 12.39
N ARG B 353 -24.44 -8.97 11.74
CA ARG B 353 -24.62 -9.59 10.44
C ARG B 353 -24.37 -11.09 10.59
N GLU B 354 -25.34 -11.90 10.16
CA GLU B 354 -25.29 -13.36 10.36
C GLU B 354 -25.70 -14.08 9.07
N ASN B 355 -24.79 -14.85 8.50
CA ASN B 355 -25.04 -15.61 7.27
C ASN B 355 -25.43 -14.68 6.13
N GLY B 356 -24.73 -13.55 6.03
CA GLY B 356 -24.98 -12.60 4.97
C GLY B 356 -26.21 -11.74 5.12
N GLN B 357 -26.84 -11.73 6.29
CA GLN B 357 -28.05 -10.94 6.53
C GLN B 357 -27.83 -10.06 7.76
N VAL B 358 -28.02 -8.77 7.61
CA VAL B 358 -27.97 -7.85 8.75
C VAL B 358 -29.33 -7.82 9.43
N LYS B 359 -29.35 -8.02 10.74
CA LYS B 359 -30.60 -8.05 11.50
C LYS B 359 -30.34 -7.54 12.90
N PRO B 360 -31.33 -6.96 13.56
CA PRO B 360 -31.17 -6.62 14.98
C PRO B 360 -31.37 -7.85 15.85
N VAL B 361 -30.59 -7.89 16.94
CA VAL B 361 -30.63 -8.98 17.90
C VAL B 361 -30.68 -8.38 19.29
N GLN B 362 -31.71 -8.71 20.06
CA GLN B 362 -31.92 -8.06 21.35
C GLN B 362 -30.73 -8.30 22.28
N PHE B 363 -30.37 -7.24 23.03
CA PHE B 363 -29.18 -7.28 23.86
C PHE B 363 -29.23 -8.42 24.86
N LYS B 364 -30.38 -8.59 25.53
CA LYS B 364 -30.50 -9.63 26.54
C LYS B 364 -30.39 -11.01 25.92
N ASP B 365 -30.80 -11.17 24.66
CA ASP B 365 -30.66 -12.46 23.98
C ASP B 365 -29.19 -12.85 23.78
N LEU B 366 -28.26 -11.88 23.81
CA LEU B 366 -26.84 -12.15 23.61
C LEU B 366 -26.08 -12.30 24.92
N LEU B 367 -26.70 -12.02 26.05
CA LEU B 367 -26.01 -12.12 27.33
C LEU B 367 -25.76 -13.57 27.71
N ASP B 368 -24.63 -13.79 28.40
CA ASP B 368 -24.37 -15.08 29.03
C ASP B 368 -25.00 -15.08 30.42
N PRO B 369 -25.98 -15.96 30.68
CA PRO B 369 -26.69 -15.88 31.97
C PRO B 369 -25.80 -16.00 33.18
N ALA B 370 -24.69 -16.76 33.08
CA ALA B 370 -23.84 -16.93 34.24
C ALA B 370 -23.12 -15.64 34.63
N THR B 371 -22.88 -14.76 33.67
CA THR B 371 -22.08 -13.56 33.87
C THR B 371 -22.86 -12.26 33.87
N GLY B 372 -23.95 -12.18 33.11
CA GLY B 372 -24.60 -10.91 32.88
C GLY B 372 -23.99 -10.06 31.80
N ARG B 373 -22.91 -10.51 31.17
CA ARG B 373 -22.28 -9.78 30.09
C ARG B 373 -22.33 -10.58 28.78
N VAL B 374 -22.09 -9.89 27.67
CA VAL B 374 -22.10 -10.55 26.37
C VAL B 374 -21.02 -11.63 26.35
N ARG B 375 -21.38 -12.81 25.86
CA ARG B 375 -20.42 -13.92 25.84
C ARG B 375 -19.26 -13.61 24.91
N THR B 376 -18.08 -14.08 25.30
CA THR B 376 -16.84 -13.83 24.56
C THR B 376 -16.50 -15.04 23.71
N ARG B 377 -16.41 -14.84 22.40
CA ARG B 377 -16.00 -15.90 21.50
C ARG B 377 -14.48 -15.88 21.37
N LEU B 378 -13.83 -16.96 21.79
CA LEU B 378 -12.40 -17.15 21.68
C LEU B 378 -12.06 -18.08 20.52
N VAL B 379 -10.78 -18.23 20.25
CA VAL B 379 -10.35 -19.19 19.22
C VAL B 379 -10.78 -20.59 19.64
N ASP B 380 -11.38 -21.32 18.69
CA ASP B 380 -11.78 -22.71 18.90
C ASP B 380 -10.61 -23.61 18.50
N VAL B 381 -9.82 -24.04 19.49
CA VAL B 381 -8.60 -24.78 19.17
C VAL B 381 -8.85 -26.22 18.76
N THR B 382 -10.08 -26.70 18.83
CA THR B 382 -10.44 -28.00 18.30
C THR B 382 -10.89 -27.94 16.85
N SER B 383 -11.06 -26.74 16.30
CA SER B 383 -11.57 -26.58 14.95
C SER B 383 -10.54 -27.03 13.91
N GLN B 384 -11.04 -27.26 12.69
CA GLN B 384 -10.15 -27.64 11.61
C GLN B 384 -9.17 -26.51 11.27
N SER B 385 -9.62 -25.26 11.41
CA SER B 385 -8.76 -24.13 11.06
C SER B 385 -7.54 -24.06 11.95
N PHE B 386 -7.72 -24.24 13.26
CA PHE B 386 -6.59 -24.17 14.19
C PHE B 386 -5.60 -25.30 13.96
N LYS B 387 -6.10 -26.51 13.68
CA LYS B 387 -5.20 -27.62 13.41
C LYS B 387 -4.38 -27.37 12.15
N VAL B 388 -5.01 -26.81 11.11
CA VAL B 388 -4.29 -26.50 9.87
C VAL B 388 -3.23 -25.45 10.13
N ALA B 389 -3.57 -24.41 10.88
CA ALA B 389 -2.57 -23.40 11.21
C ALA B 389 -1.40 -24.02 11.96
N ARG B 390 -1.69 -24.94 12.87
CA ARG B 390 -0.63 -25.55 13.67
C ARG B 390 0.29 -26.42 12.83
N VAL B 391 -0.23 -26.99 11.73
CA VAL B 391 0.60 -27.85 10.88
C VAL B 391 1.75 -27.07 10.26
N TYR B 392 1.50 -25.84 9.83
CA TYR B 392 2.52 -25.04 9.16
C TYR B 392 3.40 -24.28 10.14
N MET B 393 3.19 -24.45 11.43
CA MET B 393 4.11 -23.91 12.41
C MET B 393 5.27 -24.86 12.63
N TRP B 394 6.42 -24.29 13.00
CA TRP B 394 7.56 -25.07 13.42
C TRP B 394 7.47 -25.32 14.92
N ARG B 395 7.44 -26.58 15.31
CA ARG B 395 7.19 -26.94 16.71
C ARG B 395 7.46 -28.42 16.89
N MET B 396 7.60 -28.80 18.16
CA MET B 396 7.79 -30.19 18.55
C MET B 396 6.44 -30.74 18.99
N SER B 397 5.91 -31.67 18.20
CA SER B 397 4.64 -32.30 18.52
C SER B 397 4.87 -33.48 19.47
N LYS B 398 3.78 -34.14 19.85
CA LYS B 398 3.93 -35.35 20.64
C LYS B 398 4.78 -36.37 19.89
N LYS B 399 4.44 -36.62 18.63
CA LYS B 399 5.19 -37.59 17.85
C LYS B 399 6.63 -37.14 17.63
N ASP B 400 6.87 -35.84 17.55
CA ASP B 400 8.23 -35.35 17.34
C ASP B 400 9.12 -35.68 18.53
N TYR B 401 8.59 -35.59 19.76
CA TYR B 401 9.39 -35.92 20.94
C TYR B 401 9.73 -37.41 20.98
N GLU B 402 8.89 -38.26 20.37
CA GLU B 402 9.17 -39.69 20.34
C GLU B 402 10.10 -40.09 19.19
N ASN B 403 10.40 -39.17 18.28
CA ASN B 403 11.34 -39.44 17.18
C ASN B 403 12.74 -39.12 17.68
N LYS B 404 13.48 -40.16 18.05
CA LYS B 404 14.80 -39.96 18.65
C LYS B 404 15.79 -39.36 17.65
N ASP B 405 15.68 -39.71 16.36
CA ASP B 405 16.55 -39.08 15.38
C ASP B 405 16.35 -37.57 15.38
N LEU B 406 15.08 -37.13 15.41
CA LEU B 406 14.80 -35.70 15.48
C LEU B 406 15.30 -35.11 16.80
N VAL B 407 15.06 -35.79 17.92
CA VAL B 407 15.47 -35.25 19.21
C VAL B 407 16.98 -35.13 19.31
N ALA B 408 17.71 -36.05 18.69
CA ALA B 408 19.17 -35.96 18.70
C ALA B 408 19.65 -34.73 17.92
N ARG B 409 19.04 -34.48 16.76
CA ARG B 409 19.44 -33.34 15.94
C ARG B 409 19.14 -32.02 16.65
N VAL B 410 17.97 -31.94 17.30
CA VAL B 410 17.60 -30.72 18.00
C VAL B 410 18.48 -30.51 19.23
N ALA B 411 18.73 -31.58 19.99
CA ALA B 411 19.57 -31.46 21.17
C ALA B 411 20.97 -31.01 20.81
N ALA B 412 21.54 -31.58 19.75
CA ALA B 412 22.87 -31.18 19.32
C ALA B 412 22.88 -29.71 18.91
N ALA B 413 21.81 -29.25 18.25
CA ALA B 413 21.73 -27.84 17.87
C ALA B 413 21.77 -26.94 19.10
N GLY B 414 21.16 -27.36 20.19
CA GLY B 414 21.19 -26.65 21.45
C GLY B 414 22.36 -26.95 22.35
N LYS B 415 23.33 -27.73 21.89
CA LYS B 415 24.51 -28.09 22.67
C LYS B 415 24.10 -28.73 24.01
N MET B 416 23.31 -29.79 23.91
CA MET B 416 22.88 -30.54 25.08
C MET B 416 22.64 -31.98 24.67
N THR B 417 22.63 -32.87 25.66
CA THR B 417 22.45 -34.28 25.40
C THR B 417 21.00 -34.58 25.04
N PRO B 418 20.75 -35.66 24.26
CA PRO B 418 19.34 -36.00 23.97
C PRO B 418 18.52 -36.23 25.21
N GLU B 419 19.10 -36.83 26.25
CA GLU B 419 18.37 -37.04 27.50
C GLU B 419 18.07 -35.71 28.17
N ALA B 420 19.02 -34.77 28.13
CA ALA B 420 18.80 -33.45 28.72
C ALA B 420 17.67 -32.73 27.99
N PHE B 421 17.63 -32.85 26.67
CA PHE B 421 16.58 -32.20 25.90
C PHE B 421 15.21 -32.75 26.27
N THR B 422 15.09 -34.08 26.37
CA THR B 422 13.81 -34.68 26.73
C THR B 422 13.37 -34.25 28.12
N GLU B 423 14.33 -34.17 29.05
CA GLU B 423 13.99 -33.80 30.43
C GLU B 423 13.46 -32.37 30.51
N LYS B 424 14.01 -31.47 29.71
CA LYS B 424 13.65 -30.06 29.82
C LYS B 424 12.35 -29.73 29.11
N PHE B 425 12.17 -30.26 27.90
CA PHE B 425 11.12 -29.79 27.00
C PHE B 425 9.95 -30.75 26.84
N ALA B 426 10.14 -32.04 27.13
CA ALA B 426 9.11 -33.02 26.78
C ALA B 426 7.80 -32.77 27.52
N HIS B 427 7.85 -32.15 28.71
CA HIS B 427 6.63 -31.92 29.46
C HIS B 427 5.71 -30.92 28.79
N LEU B 428 6.19 -30.18 27.78
CA LEU B 428 5.38 -29.16 27.14
C LEU B 428 4.18 -29.73 26.39
N THR B 429 4.16 -31.04 26.13
CA THR B 429 3.01 -31.64 25.47
C THR B 429 1.78 -31.67 26.38
N ASP B 430 1.98 -31.56 27.69
CA ASP B 430 0.88 -31.43 28.64
C ASP B 430 0.52 -29.98 28.91
N VAL B 431 1.25 -29.03 28.34
CA VAL B 431 0.97 -27.61 28.56
C VAL B 431 -0.03 -27.07 27.55
N VAL B 432 0.06 -27.52 26.29
CA VAL B 432 -0.77 -26.99 25.22
C VAL B 432 -1.46 -28.13 24.51
N VAL B 433 -2.69 -27.88 24.06
CA VAL B 433 -3.43 -28.87 23.29
C VAL B 433 -2.65 -29.21 22.03
N GLU B 434 -2.75 -30.46 21.59
CA GLU B 434 -2.02 -30.93 20.42
C GLU B 434 -2.99 -31.25 19.30
N GLU C 12 38.54 -18.63 -19.44
CA GLU C 12 37.22 -18.53 -18.85
C GLU C 12 36.81 -17.08 -18.61
N ALA C 13 35.53 -16.87 -18.33
CA ALA C 13 35.01 -15.53 -18.12
C ALA C 13 35.43 -14.99 -16.77
N PRO C 14 35.58 -13.66 -16.63
CA PRO C 14 35.94 -13.10 -15.33
C PRO C 14 34.84 -13.37 -14.30
N VAL C 15 35.24 -13.54 -13.05
CA VAL C 15 34.32 -13.89 -11.99
C VAL C 15 34.10 -12.68 -11.12
N LEU C 16 32.83 -12.30 -10.95
CA LEU C 16 32.41 -11.23 -10.06
C LEU C 16 31.75 -11.87 -8.84
N GLY C 17 32.26 -11.57 -7.65
CA GLY C 17 31.69 -12.06 -6.42
C GLY C 17 31.08 -10.90 -5.64
N ILE C 18 29.88 -11.13 -5.11
CA ILE C 18 29.11 -10.09 -4.44
C ILE C 18 28.71 -10.60 -3.06
N LEU C 19 28.80 -9.74 -2.06
CA LEU C 19 28.31 -10.04 -0.72
C LEU C 19 27.72 -8.77 -0.11
N CYS C 20 26.85 -8.97 0.87
CA CYS C 20 26.28 -7.87 1.63
C CYS C 20 26.72 -8.00 3.08
N GLY C 21 27.05 -6.87 3.71
CA GLY C 21 27.36 -6.84 5.11
C GLY C 21 26.55 -5.76 5.80
N GLY C 22 26.36 -5.96 7.10
CA GLY C 22 25.63 -4.99 7.89
C GLY C 22 24.13 -5.25 7.91
N GLY C 23 23.41 -4.22 8.34
CA GLY C 23 21.97 -4.27 8.36
C GLY C 23 21.39 -4.00 6.99
N PRO C 24 20.29 -4.68 6.66
CA PRO C 24 19.69 -4.49 5.34
C PRO C 24 19.12 -3.08 5.21
N ALA C 25 19.04 -2.61 3.97
CA ALA C 25 18.36 -1.37 3.60
C ALA C 25 17.58 -1.62 2.33
N PRO C 26 16.45 -0.93 2.14
CA PRO C 26 15.67 -1.17 0.91
C PRO C 26 16.48 -0.79 -0.32
N GLY C 27 16.54 -1.72 -1.27
CA GLY C 27 17.30 -1.51 -2.49
C GLY C 27 18.57 -2.32 -2.61
N LEU C 28 18.94 -3.10 -1.59
CA LEU C 28 20.10 -3.98 -1.74
C LEU C 28 19.96 -4.83 -3.00
N ASN C 29 18.79 -5.46 -3.17
CA ASN C 29 18.57 -6.30 -4.34
C ASN C 29 18.67 -5.52 -5.65
N GLY C 30 18.34 -4.23 -5.63
CA GLY C 30 18.50 -3.41 -6.81
C GLY C 30 19.95 -3.28 -7.22
N VAL C 31 20.83 -3.10 -6.24
CA VAL C 31 22.25 -3.03 -6.54
C VAL C 31 22.76 -4.37 -7.05
N ILE C 32 22.34 -5.46 -6.40
CA ILE C 32 22.81 -6.78 -6.82
C ILE C 32 22.39 -7.05 -8.25
N ALA C 33 21.14 -6.68 -8.59
CA ALA C 33 20.63 -6.96 -9.92
C ALA C 33 21.25 -6.02 -10.95
N GLY C 34 21.49 -4.76 -10.58
CA GLY C 34 22.13 -3.86 -11.51
C GLY C 34 23.52 -4.31 -11.90
N ALA C 35 24.32 -4.71 -10.90
CA ALA C 35 25.66 -5.22 -11.20
C ALA C 35 25.59 -6.54 -11.97
N THR C 36 24.70 -7.43 -11.56
CA THR C 36 24.68 -8.77 -12.13
C THR C 36 24.21 -8.74 -13.58
N LEU C 37 23.13 -8.00 -13.86
CA LEU C 37 22.59 -7.97 -15.21
C LEU C 37 23.60 -7.38 -16.20
N TYR C 38 24.24 -6.27 -15.83
CA TYR C 38 25.24 -5.67 -16.72
C TYR C 38 26.43 -6.61 -16.90
N ALA C 39 26.92 -7.22 -15.80
CA ALA C 39 28.07 -8.12 -15.91
C ALA C 39 27.74 -9.32 -16.79
N LEU C 40 26.53 -9.87 -16.66
CA LEU C 40 26.15 -11.00 -17.50
C LEU C 40 26.13 -10.61 -18.97
N ARG C 41 25.72 -9.37 -19.27
CA ARG C 41 25.78 -8.89 -20.66
C ARG C 41 27.23 -8.76 -21.13
N LEU C 42 28.17 -8.56 -20.20
CA LEU C 42 29.58 -8.54 -20.55
C LEU C 42 30.19 -9.93 -20.61
N GLY C 43 29.42 -10.97 -20.31
CA GLY C 43 29.94 -12.32 -20.29
C GLY C 43 30.60 -12.76 -19.02
N TRP C 44 30.55 -11.95 -17.96
CA TRP C 44 31.15 -12.35 -16.70
C TRP C 44 30.34 -13.45 -16.03
N LYS C 45 31.03 -14.24 -15.20
CA LYS C 45 30.39 -15.17 -14.28
C LYS C 45 30.19 -14.47 -12.95
N VAL C 46 28.98 -14.54 -12.40
CA VAL C 46 28.64 -13.82 -11.17
C VAL C 46 28.23 -14.83 -10.12
N ILE C 47 28.82 -14.71 -8.93
CA ILE C 47 28.52 -15.54 -7.79
C ILE C 47 28.17 -14.61 -6.64
N GLY C 48 27.40 -15.14 -5.68
CA GLY C 48 27.02 -14.38 -4.51
C GLY C 48 27.31 -15.16 -3.24
N PHE C 49 27.99 -14.52 -2.29
CA PHE C 49 28.30 -15.14 -1.01
C PHE C 49 27.14 -14.90 -0.04
N MET C 50 26.62 -15.97 0.54
CA MET C 50 25.55 -15.84 1.52
C MET C 50 26.11 -15.34 2.84
N GLU C 51 25.40 -14.41 3.47
CA GLU C 51 25.74 -13.90 4.80
C GLU C 51 27.12 -13.22 4.84
N GLY C 52 27.37 -12.37 3.86
CA GLY C 52 28.54 -11.51 3.92
C GLY C 52 29.83 -12.30 4.02
N PHE C 53 30.68 -11.88 4.95
CA PHE C 53 31.98 -12.50 5.17
C PHE C 53 31.90 -13.70 6.11
N LYS C 54 30.70 -14.09 6.54
CA LYS C 54 30.55 -15.10 7.58
C LYS C 54 31.27 -16.40 7.24
N TYR C 55 31.05 -16.93 6.04
CA TYR C 55 31.68 -18.19 5.65
C TYR C 55 33.04 -18.01 5.01
N LEU C 56 33.29 -16.87 4.35
CA LEU C 56 34.63 -16.61 3.86
C LEU C 56 35.64 -16.53 5.00
N CYS C 57 35.18 -16.21 6.22
CA CYS C 57 36.09 -16.13 7.36
C CYS C 57 36.60 -17.49 7.79
N THR C 58 35.83 -18.56 7.51
CA THR C 58 36.27 -19.89 7.96
C THR C 58 37.56 -20.31 7.25
N GLY C 59 37.69 -19.98 5.97
CA GLY C 59 38.80 -20.45 5.17
C GLY C 59 38.62 -21.81 4.55
N ASP C 60 37.59 -22.56 4.95
CA ASP C 60 37.31 -23.88 4.39
C ASP C 60 36.59 -23.68 3.07
N VAL C 61 37.23 -24.05 1.97
CA VAL C 61 36.63 -23.77 0.66
C VAL C 61 35.39 -24.59 0.42
N ASP C 62 35.29 -25.79 1.00
CA ASP C 62 34.06 -26.58 0.87
C ASP C 62 32.90 -25.91 1.59
N VAL C 63 33.15 -25.32 2.76
CA VAL C 63 32.11 -24.61 3.48
C VAL C 63 31.65 -23.39 2.69
N VAL C 64 32.59 -22.66 2.09
CA VAL C 64 32.25 -21.47 1.30
C VAL C 64 31.38 -21.85 0.11
N LYS C 65 31.75 -22.91 -0.61
CA LYS C 65 30.98 -23.31 -1.79
C LYS C 65 29.57 -23.75 -1.41
N ALA C 66 29.40 -24.36 -0.24
CA ALA C 66 28.07 -24.74 0.22
C ALA C 66 27.21 -23.52 0.56
N HIS C 67 27.80 -22.34 0.69
CA HIS C 67 27.08 -21.12 0.99
C HIS C 67 27.48 -20.03 0.02
N THR C 68 27.65 -20.39 -1.25
CA THR C 68 27.72 -19.45 -2.35
C THR C 68 26.76 -19.94 -3.41
N ILE C 69 26.19 -19.02 -4.18
CA ILE C 69 25.24 -19.38 -5.22
C ILE C 69 25.62 -18.65 -6.51
N ASP C 70 25.18 -19.22 -7.63
CA ASP C 70 25.43 -18.65 -8.94
C ASP C 70 24.34 -17.60 -9.22
N LEU C 71 24.73 -16.34 -9.37
CA LEU C 71 23.78 -15.27 -9.65
C LEU C 71 23.57 -15.23 -11.16
N THR C 72 22.51 -15.87 -11.61
CA THR C 72 22.20 -15.98 -13.03
C THR C 72 21.14 -14.96 -13.42
N TYR C 73 20.89 -14.84 -14.71
CA TYR C 73 19.86 -13.91 -15.15
C TYR C 73 18.52 -14.26 -14.49
N ASP C 74 18.20 -15.55 -14.43
CA ASP C 74 16.91 -15.97 -13.87
C ASP C 74 16.79 -15.60 -12.40
N ILE C 75 17.91 -15.64 -11.66
CA ILE C 75 17.85 -15.35 -10.23
C ILE C 75 17.52 -13.88 -9.98
N VAL C 76 18.14 -12.98 -10.73
CA VAL C 76 18.14 -11.55 -10.40
C VAL C 76 17.22 -10.73 -11.28
N SER C 77 16.55 -11.35 -12.25
CA SER C 77 15.79 -10.57 -13.23
C SER C 77 14.65 -9.78 -12.58
N ARG C 78 14.14 -10.21 -11.44
CA ARG C 78 12.99 -9.54 -10.87
C ARG C 78 13.13 -9.24 -9.38
N ILE C 79 14.35 -9.29 -8.85
CA ILE C 79 14.54 -8.97 -7.44
C ILE C 79 14.59 -7.48 -7.17
N HIS C 80 14.59 -6.64 -8.21
CA HIS C 80 14.57 -5.19 -7.98
C HIS C 80 13.25 -4.71 -7.36
N PHE C 81 12.21 -5.55 -7.37
CA PHE C 81 10.98 -5.20 -6.68
C PHE C 81 11.02 -5.53 -5.19
N GLN C 82 12.00 -6.30 -4.74
CA GLN C 82 11.94 -6.96 -3.44
C GLN C 82 12.90 -6.31 -2.46
N GLY C 83 12.41 -6.07 -1.24
CA GLY C 83 13.27 -5.61 -0.17
C GLY C 83 14.15 -6.73 0.35
N GLY C 84 15.06 -6.36 1.24
CA GLY C 84 16.00 -7.33 1.78
C GLY C 84 17.10 -7.63 0.78
N THR C 85 17.77 -8.75 1.00
CA THR C 85 18.83 -9.21 0.11
C THR C 85 18.77 -10.72 -0.03
N ILE C 86 18.70 -11.19 -1.28
CA ILE C 86 18.55 -12.61 -1.55
C ILE C 86 19.79 -13.40 -1.16
N ILE C 87 20.94 -12.75 -1.05
CA ILE C 87 22.16 -13.39 -0.57
C ILE C 87 22.39 -13.13 0.92
N GLN C 88 21.40 -12.63 1.63
CA GLN C 88 21.50 -12.43 3.08
C GLN C 88 22.65 -11.50 3.44
N THR C 89 22.89 -11.34 4.74
CA THR C 89 23.96 -10.48 5.23
C THR C 89 24.34 -10.96 6.62
N SER C 90 25.49 -10.47 7.11
CA SER C 90 25.91 -10.69 8.49
C SER C 90 26.88 -9.57 8.81
N ARG C 91 27.15 -9.39 10.11
CA ARG C 91 28.17 -8.45 10.52
C ARG C 91 29.50 -9.15 10.80
N ALA C 92 29.66 -10.38 10.35
CA ALA C 92 30.95 -11.04 10.43
C ALA C 92 31.99 -10.13 9.79
N ASN C 93 33.10 -9.91 10.49
CA ASN C 93 34.03 -8.83 10.17
C ASN C 93 35.45 -9.38 10.19
N PRO C 94 36.08 -9.62 9.04
CA PRO C 94 37.44 -10.18 9.03
C PRO C 94 38.52 -9.13 9.31
N ARG C 95 38.20 -7.84 9.38
CA ARG C 95 39.23 -6.82 9.52
C ARG C 95 39.98 -6.97 10.83
N LYS C 96 39.33 -7.57 11.83
CA LYS C 96 39.97 -7.64 13.13
C LYS C 96 41.16 -8.58 13.10
N SER C 97 41.09 -9.62 12.28
CA SER C 97 42.15 -10.63 12.23
C SER C 97 42.60 -10.94 10.81
N PRO C 98 43.92 -10.98 10.57
CA PRO C 98 44.44 -11.46 9.28
C PRO C 98 44.37 -12.96 9.14
N GLU C 99 44.23 -13.69 10.25
CA GLU C 99 43.95 -15.11 10.14
C GLU C 99 42.62 -15.30 9.43
N LEU C 100 41.64 -14.46 9.78
CA LEU C 100 40.38 -14.43 9.03
C LEU C 100 40.57 -13.78 7.66
N GLN C 101 41.34 -12.67 7.58
CA GLN C 101 41.52 -12.00 6.31
C GLN C 101 42.17 -12.91 5.29
N GLU C 102 43.17 -13.68 5.73
CA GLU C 102 43.85 -14.62 4.84
C GLU C 102 42.97 -15.80 4.53
N ASN C 103 42.04 -16.15 5.43
CA ASN C 103 41.03 -17.13 5.09
C ASN C 103 40.15 -16.63 3.96
N VAL C 104 39.79 -15.34 4.00
CA VAL C 104 39.02 -14.75 2.91
C VAL C 104 39.86 -14.69 1.64
N ARG C 105 41.13 -14.31 1.75
CA ARG C 105 42.01 -14.28 0.58
C ARG C 105 42.15 -15.66 -0.04
N LYS C 106 42.24 -16.70 0.80
CA LYS C 106 42.40 -18.05 0.28
C LYS C 106 41.18 -18.47 -0.53
N CYS C 107 39.98 -18.14 -0.05
CA CYS C 107 38.77 -18.55 -0.75
C CYS C 107 38.54 -17.73 -2.01
N LEU C 108 38.85 -16.44 -1.98
CA LEU C 108 38.67 -15.63 -3.18
C LEU C 108 39.58 -16.12 -4.30
N ARG C 109 40.84 -16.45 -3.98
CA ARG C 109 41.74 -17.00 -4.99
C ARG C 109 41.25 -18.35 -5.50
N ALA C 110 40.77 -19.21 -4.60
CA ALA C 110 40.30 -20.52 -5.04
C ALA C 110 39.15 -20.38 -6.03
N LEU C 111 38.22 -19.45 -5.78
CA LEU C 111 37.10 -19.19 -6.66
C LEU C 111 37.45 -18.28 -7.82
N LYS C 112 38.70 -17.81 -7.89
CA LYS C 112 39.18 -17.02 -9.03
C LYS C 112 38.37 -15.74 -9.20
N VAL C 113 38.05 -15.10 -8.09
CA VAL C 113 37.28 -13.85 -8.11
C VAL C 113 38.19 -12.75 -8.64
N ARG C 114 37.87 -12.25 -9.84
CA ARG C 114 38.60 -11.12 -10.40
C ARG C 114 38.06 -9.79 -9.86
N TYR C 115 36.74 -9.68 -9.74
CA TYR C 115 36.08 -8.46 -9.28
C TYR C 115 35.26 -8.78 -8.04
N PHE C 116 35.39 -7.96 -7.00
CA PHE C 116 34.79 -8.23 -5.69
C PHE C 116 33.99 -7.03 -5.23
N LEU C 117 32.66 -7.18 -5.19
CA LEU C 117 31.76 -6.09 -4.84
C LEU C 117 31.08 -6.39 -3.51
N THR C 118 31.27 -5.49 -2.54
CA THR C 118 30.64 -5.59 -1.23
C THR C 118 29.68 -4.42 -1.05
N ILE C 119 28.50 -4.72 -0.51
CA ILE C 119 27.48 -3.71 -0.27
C ILE C 119 27.24 -3.71 1.23
N GLY C 120 27.68 -2.66 1.91
CA GLY C 120 27.59 -2.66 3.36
C GLY C 120 28.07 -1.35 3.95
N GLY C 121 28.15 -1.34 5.26
CA GLY C 121 28.59 -0.16 5.98
C GLY C 121 30.09 -0.05 5.95
N ASP C 122 30.62 0.70 6.92
CA ASP C 122 32.05 0.98 6.98
C ASP C 122 32.85 -0.27 7.33
N ASP C 123 32.32 -1.13 8.22
CA ASP C 123 33.04 -2.37 8.54
C ASP C 123 33.18 -3.25 7.31
N THR C 124 32.12 -3.35 6.50
CA THR C 124 32.18 -4.14 5.28
C THR C 124 33.13 -3.54 4.26
N ALA C 125 33.11 -2.22 4.09
CA ALA C 125 34.02 -1.60 3.13
C ALA C 125 35.47 -1.77 3.57
N SER C 126 35.73 -1.55 4.86
CA SER C 126 37.10 -1.67 5.39
C SER C 126 37.61 -3.10 5.31
N SER C 127 36.75 -4.07 5.59
CA SER C 127 37.16 -5.47 5.46
C SER C 127 37.56 -5.80 4.02
N ALA C 128 36.82 -5.28 3.05
CA ALA C 128 37.14 -5.55 1.65
C ALA C 128 38.50 -4.97 1.27
N VAL C 129 38.80 -3.74 1.72
CA VAL C 129 40.07 -3.12 1.36
C VAL C 129 41.23 -3.82 2.07
N SER C 130 41.03 -4.21 3.33
CA SER C 130 42.09 -4.91 4.06
C SER C 130 42.45 -6.22 3.37
N VAL C 131 41.44 -6.96 2.89
CA VAL C 131 41.70 -8.17 2.11
C VAL C 131 42.37 -7.82 0.79
N ALA C 132 42.06 -6.65 0.23
CA ALA C 132 42.61 -6.28 -1.07
C ALA C 132 44.08 -5.90 -0.96
N SER C 133 44.45 -5.24 0.14
CA SER C 133 45.81 -4.75 0.29
C SER C 133 46.83 -5.89 0.30
N GLY C 134 46.44 -7.05 0.82
CA GLY C 134 47.34 -8.19 0.80
C GLY C 134 47.40 -8.94 -0.50
N MET C 135 46.55 -8.60 -1.46
CA MET C 135 46.52 -9.23 -2.76
C MET C 135 47.12 -8.32 -3.83
N ASN C 136 47.60 -8.94 -4.90
CA ASN C 136 48.13 -8.20 -6.04
C ASN C 136 47.00 -7.50 -6.78
N GLY C 137 47.26 -6.25 -7.18
CA GLY C 137 46.23 -5.47 -7.87
C GLY C 137 45.80 -6.05 -9.20
N ASN C 138 46.62 -6.90 -9.80
CA ASN C 138 46.26 -7.49 -11.09
C ASN C 138 45.24 -8.61 -10.93
N GLU C 139 45.33 -9.39 -9.85
CA GLU C 139 44.47 -10.55 -9.69
C GLU C 139 43.06 -10.18 -9.23
N ILE C 140 42.93 -9.19 -8.36
CA ILE C 140 41.62 -8.82 -7.79
C ILE C 140 41.48 -7.31 -7.73
N SER C 141 40.28 -6.83 -8.07
CA SER C 141 39.86 -5.45 -7.94
C SER C 141 38.65 -5.41 -7.01
N VAL C 142 38.64 -4.48 -6.06
CA VAL C 142 37.65 -4.45 -5.00
C VAL C 142 36.91 -3.12 -5.03
N ILE C 143 35.58 -3.18 -5.08
CA ILE C 143 34.72 -2.01 -5.02
C ILE C 143 33.67 -2.26 -3.94
N SER C 144 33.32 -1.21 -3.20
CA SER C 144 32.30 -1.31 -2.18
C SER C 144 31.27 -0.21 -2.41
N CYS C 145 30.00 -0.54 -2.19
CA CYS C 145 28.93 0.42 -2.35
C CYS C 145 28.42 0.80 -0.96
N PRO C 146 28.52 2.07 -0.56
CA PRO C 146 28.16 2.43 0.81
C PRO C 146 26.66 2.44 1.04
N LYS C 147 26.24 1.75 2.10
CA LYS C 147 24.85 1.53 2.44
C LYS C 147 24.54 2.16 3.79
N THR C 148 23.47 2.93 3.85
CA THR C 148 22.97 3.40 5.14
C THR C 148 21.55 3.93 4.97
N ILE C 149 20.63 3.39 5.76
CA ILE C 149 19.25 3.88 5.81
C ILE C 149 19.13 5.15 6.61
N ASP C 150 20.20 5.52 7.31
CA ASP C 150 20.22 6.70 8.18
C ASP C 150 20.52 7.98 7.42
N ASN C 151 20.87 7.91 6.14
CA ASN C 151 21.10 9.09 5.33
C ASN C 151 22.28 9.90 5.85
N ASP C 152 23.23 9.22 6.51
CA ASP C 152 24.33 9.88 7.19
C ASP C 152 25.66 9.77 6.45
N LEU C 153 25.61 9.50 5.11
CA LEU C 153 26.81 9.62 4.31
C LEU C 153 27.07 11.08 3.94
N PRO C 154 28.33 11.44 3.73
CA PRO C 154 28.70 12.85 3.43
C PRO C 154 28.49 13.23 1.96
N LEU C 155 27.31 12.94 1.43
CA LEU C 155 26.93 13.39 0.10
C LEU C 155 26.64 14.89 0.14
N PRO C 156 26.56 15.55 -1.02
CA PRO C 156 26.14 16.96 -1.04
C PRO C 156 24.80 17.10 -0.33
N ALA C 157 24.66 18.20 0.41
CA ALA C 157 23.50 18.35 1.29
C ALA C 157 22.21 18.21 0.51
N ASP C 158 21.22 17.56 1.12
CA ASP C 158 19.89 17.29 0.58
C ASP C 158 19.86 16.10 -0.38
N GLN C 159 20.98 15.46 -0.65
CA GLN C 159 21.03 14.28 -1.52
C GLN C 159 21.05 13.01 -0.68
N SER C 160 20.14 12.10 -0.96
CA SER C 160 19.89 10.98 -0.08
C SER C 160 20.76 9.77 -0.41
N THR C 161 21.01 8.98 0.62
CA THR C 161 21.58 7.65 0.46
C THR C 161 20.46 6.69 0.05
N PHE C 162 20.83 5.58 -0.59
CA PHE C 162 19.81 4.68 -1.09
C PHE C 162 19.19 3.94 0.08
N GLY C 163 17.87 3.72 0.00
CA GLY C 163 17.10 3.17 1.08
C GLY C 163 16.41 4.18 1.98
N PHE C 164 16.90 5.42 2.03
CA PHE C 164 16.31 6.41 2.94
C PHE C 164 14.89 6.82 2.50
N HIS C 165 14.68 7.02 1.20
CA HIS C 165 13.35 7.46 0.77
C HIS C 165 12.28 6.45 1.14
N THR C 166 12.57 5.16 0.97
CA THR C 166 11.62 4.12 1.32
C THR C 166 11.34 4.11 2.81
N ALA C 167 12.39 4.20 3.63
CA ALA C 167 12.18 4.15 5.08
C ALA C 167 11.35 5.33 5.56
N ARG C 168 11.64 6.54 5.03
CA ARG C 168 10.90 7.74 5.44
C ARG C 168 9.44 7.64 5.02
N SER C 169 9.17 7.06 3.86
CA SER C 169 7.79 7.01 3.37
C SER C 169 6.96 6.00 4.16
N LEU C 170 7.53 4.83 4.45
CA LEU C 170 6.81 3.88 5.29
C LEU C 170 6.63 4.43 6.70
N GLY C 171 7.63 5.12 7.22
CA GLY C 171 7.47 5.74 8.52
C GLY C 171 6.36 6.77 8.54
N MET C 172 6.24 7.55 7.46
CA MET C 172 5.15 8.51 7.38
C MET C 172 3.79 7.80 7.43
N GLU C 173 3.68 6.67 6.75
CA GLU C 173 2.41 5.95 6.71
C GLU C 173 2.04 5.40 8.07
N ILE C 174 3.03 4.95 8.84
CA ILE C 174 2.75 4.47 10.18
C ILE C 174 2.29 5.63 11.08
N ILE C 175 3.01 6.77 11.02
CA ILE C 175 2.67 7.91 11.84
C ILE C 175 1.32 8.47 11.42
N ARG C 176 0.97 8.37 10.13
CA ARG C 176 -0.36 8.82 9.71
C ARG C 176 -1.47 8.06 10.43
N ASN C 177 -1.32 6.75 10.57
CA ASN C 177 -2.29 5.97 11.33
C ASN C 177 -2.30 6.40 12.79
N LEU C 178 -1.14 6.72 13.35
CA LEU C 178 -1.08 7.18 14.74
C LEU C 178 -1.64 8.59 14.88
N MET C 179 -1.54 9.41 13.84
CA MET C 179 -2.16 10.75 13.86
C MET C 179 -3.67 10.64 13.83
N VAL C 180 -4.21 9.73 13.02
CA VAL C 180 -5.66 9.54 13.01
C VAL C 180 -6.12 8.96 14.34
N ASP C 181 -5.35 8.02 14.91
CA ASP C 181 -5.73 7.38 16.17
C ASP C 181 -5.64 8.36 17.34
N SER C 182 -4.62 9.22 17.36
CA SER C 182 -4.49 10.17 18.44
C SER C 182 -5.65 11.17 18.44
N LYS C 183 -6.12 11.56 17.28
CA LYS C 183 -7.26 12.50 17.21
C LYS C 183 -8.58 11.78 17.48
N SER C 184 -8.73 10.56 16.97
CA SER C 184 -9.98 9.82 17.15
C SER C 184 -10.26 9.50 18.61
N ALA C 185 -9.22 9.10 19.35
CA ALA C 185 -9.29 8.76 20.77
C ALA C 185 -8.20 9.55 21.47
N PRO C 186 -8.49 10.80 21.89
CA PRO C 186 -7.43 11.72 22.28
C PRO C 186 -6.29 11.14 23.09
N ARG C 187 -5.07 11.23 22.56
CA ARG C 187 -3.88 10.85 23.32
C ARG C 187 -2.67 11.43 22.60
N TRP C 188 -1.53 11.39 23.27
CA TRP C 188 -0.24 11.74 22.69
C TRP C 188 0.55 10.45 22.48
N PHE C 189 1.11 10.30 21.28
CA PHE C 189 2.04 9.23 20.99
C PHE C 189 3.46 9.81 20.99
N LEU C 190 4.36 9.17 21.71
CA LEU C 190 5.79 9.46 21.60
C LEU C 190 6.40 8.40 20.69
N VAL C 191 6.57 8.75 19.41
CA VAL C 191 7.16 7.84 18.44
C VAL C 191 8.68 7.98 18.53
N GLU C 192 9.35 6.85 18.71
CA GLU C 192 10.81 6.79 18.76
C GLU C 192 11.30 6.19 17.45
N ALA C 193 11.98 7.00 16.64
CA ALA C 193 12.54 6.53 15.38
C ALA C 193 13.88 5.89 15.67
N MET C 194 13.96 4.57 15.51
CA MET C 194 15.18 3.84 15.86
C MET C 194 16.32 4.25 14.92
N GLY C 195 17.53 4.21 15.46
CA GLY C 195 18.71 4.69 14.76
C GLY C 195 19.36 5.82 15.53
N ARG C 196 20.60 5.61 15.98
CA ARG C 196 21.28 6.55 16.85
C ARG C 196 22.34 7.38 16.13
N SER C 197 22.58 7.19 14.84
CA SER C 197 23.64 7.92 14.18
C SER C 197 23.26 9.37 13.93
N ALA C 198 22.02 9.62 13.49
CA ALA C 198 21.67 10.98 13.09
C ALA C 198 20.16 11.15 13.19
N GLY C 199 19.70 12.38 12.93
CA GLY C 199 18.30 12.73 13.00
C GLY C 199 17.58 12.85 11.68
N HIS C 200 18.19 12.40 10.58
CA HIS C 200 17.57 12.53 9.28
C HIS C 200 16.26 11.75 9.22
N LEU C 201 16.28 10.51 9.71
CA LEU C 201 15.12 9.63 9.61
C LEU C 201 13.99 10.12 10.50
N ALA C 202 14.30 10.53 11.73
CA ALA C 202 13.24 11.03 12.61
C ALA C 202 12.63 12.30 12.05
N LEU C 203 13.49 13.24 11.62
CA LEU C 203 12.97 14.50 11.11
C LEU C 203 12.20 14.31 9.80
N GLY C 204 12.62 13.36 8.96
CA GLY C 204 11.92 13.14 7.71
C GLY C 204 10.51 12.62 7.92
N MET C 205 10.36 11.62 8.77
CA MET C 205 9.03 11.08 9.06
C MET C 205 8.14 12.15 9.67
N ALA C 206 8.68 12.93 10.62
CA ALA C 206 7.89 13.93 11.33
C ALA C 206 7.42 15.04 10.39
N GLU C 207 8.33 15.56 9.56
CA GLU C 207 7.93 16.63 8.65
C GLU C 207 6.88 16.14 7.67
N ALA C 208 7.09 14.96 7.08
CA ALA C 208 6.16 14.46 6.07
C ALA C 208 4.78 14.22 6.64
N SER C 209 4.70 13.69 7.85
CA SER C 209 3.42 13.34 8.46
C SER C 209 2.78 14.49 9.19
N GLY C 210 3.43 15.65 9.25
CA GLY C 210 2.88 16.75 10.01
C GLY C 210 2.81 16.50 11.49
N ALA C 211 3.77 15.74 12.04
CA ALA C 211 3.81 15.53 13.48
C ALA C 211 4.03 16.87 14.18
N HIS C 212 3.48 16.97 15.38
CA HIS C 212 3.47 18.25 16.08
C HIS C 212 4.81 18.62 16.69
N LEU C 213 5.71 17.66 16.87
CA LEU C 213 7.01 17.97 17.43
C LEU C 213 8.00 16.91 16.97
N CYS C 214 9.23 17.33 16.77
CA CYS C 214 10.34 16.43 16.51
C CYS C 214 11.56 16.89 17.29
N LEU C 215 12.21 15.96 17.99
CA LEU C 215 13.42 16.24 18.73
C LEU C 215 14.56 15.37 18.22
N ILE C 216 15.63 15.99 17.73
CA ILE C 216 16.79 15.26 17.25
C ILE C 216 18.00 15.74 18.05
N PRO C 217 19.02 14.91 18.25
CA PRO C 217 20.18 15.37 19.02
C PRO C 217 20.85 16.60 18.41
N GLU C 218 20.75 16.77 17.10
CA GLU C 218 21.47 17.82 16.41
C GLU C 218 21.03 19.22 16.81
N GLU C 219 19.81 19.38 17.34
CA GLU C 219 19.31 20.72 17.67
C GLU C 219 19.66 21.15 19.07
N PHE C 220 20.34 20.32 19.86
CA PHE C 220 20.74 20.69 21.21
C PHE C 220 22.10 21.38 21.19
N LYS C 221 22.17 22.57 21.78
CA LYS C 221 23.38 23.38 21.73
C LYS C 221 24.51 22.75 22.55
N GLN C 222 24.19 22.31 23.77
CA GLN C 222 25.22 21.78 24.67
C GLN C 222 25.68 20.40 24.20
N ASP C 223 26.87 20.01 24.64
CA ASP C 223 27.44 18.73 24.22
C ASP C 223 26.73 17.54 24.86
N GLU C 224 26.13 17.74 26.04
CA GLU C 224 25.45 16.67 26.76
C GLU C 224 24.03 17.09 27.10
N ILE C 225 23.06 16.22 26.80
CA ILE C 225 21.65 16.48 27.02
C ILE C 225 21.25 16.01 28.41
N GLU C 226 20.30 16.71 29.02
CA GLU C 226 19.75 16.33 30.31
C GLU C 226 18.36 15.74 30.14
N PHE C 227 18.08 14.69 30.93
CA PHE C 227 16.78 14.02 30.85
C PHE C 227 15.65 15.01 31.12
N GLU C 228 15.84 15.91 32.08
CA GLU C 228 14.78 16.86 32.42
C GLU C 228 14.44 17.75 31.24
N ASP C 229 15.45 18.20 30.48
CA ASP C 229 15.19 19.09 29.36
C ASP C 229 14.35 18.41 28.29
N VAL C 230 14.63 17.14 28.00
CA VAL C 230 13.81 16.44 27.03
C VAL C 230 12.37 16.35 27.50
N VAL C 231 12.18 16.01 28.78
CA VAL C 231 10.83 15.93 29.32
C VAL C 231 10.12 17.27 29.17
N GLU C 232 10.83 18.38 29.47
CA GLU C 232 10.19 19.67 29.47
C GLU C 232 9.89 20.18 28.08
N LEU C 233 10.73 19.82 27.10
CA LEU C 233 10.46 20.23 25.72
C LEU C 233 9.18 19.60 25.21
N VAL C 234 8.96 18.32 25.51
CA VAL C 234 7.71 17.68 25.16
C VAL C 234 6.57 18.29 25.97
N GLU C 235 6.83 18.56 27.26
CA GLU C 235 5.80 19.07 28.15
C GLU C 235 5.28 20.43 27.67
N ALA C 236 6.19 21.29 27.22
CA ALA C 236 5.77 22.59 26.71
C ALA C 236 4.88 22.45 25.48
N THR C 237 5.24 21.55 24.57
CA THR C 237 4.45 21.34 23.36
C THR C 237 3.05 20.82 23.71
N ILE C 238 2.96 19.87 24.65
CA ILE C 238 1.67 19.35 25.04
C ILE C 238 0.82 20.46 25.65
N LEU C 239 1.43 21.30 26.48
CA LEU C 239 0.67 22.37 27.11
C LEU C 239 0.19 23.42 26.10
N LYS C 240 1.04 23.77 25.12
CA LYS C 240 0.61 24.75 24.12
C LYS C 240 -0.54 24.21 23.28
N ARG C 241 -0.43 22.95 22.85
CA ARG C 241 -1.55 22.31 22.17
C ARG C 241 -2.78 22.29 23.06
N LEU C 242 -2.59 22.03 24.36
CA LEU C 242 -3.71 22.03 25.29
C LEU C 242 -4.32 23.41 25.43
N ALA C 243 -3.50 24.46 25.34
CA ALA C 243 -4.00 25.82 25.43
C ALA C 243 -4.85 26.21 24.22
N TYR C 244 -4.75 25.47 23.12
CA TYR C 244 -5.57 25.70 21.94
C TYR C 244 -6.65 24.64 21.76
N GLY C 245 -7.00 23.93 22.83
CA GLY C 245 -8.13 23.02 22.78
C GLY C 245 -7.84 21.65 22.22
N LYS C 246 -6.57 21.29 22.06
CA LYS C 246 -6.16 20.03 21.45
C LYS C 246 -5.39 19.27 22.53
N ASN C 247 -6.00 18.19 23.04
CA ASN C 247 -5.37 17.38 24.10
C ASN C 247 -4.77 16.10 23.54
N TYR C 248 -4.22 16.16 22.33
CA TYR C 248 -3.69 14.99 21.64
C TYR C 248 -2.63 15.45 20.65
N GLY C 249 -1.79 14.52 20.22
CA GLY C 249 -0.77 14.85 19.24
C GLY C 249 0.19 13.70 19.06
N VAL C 250 1.20 13.97 18.24
CA VAL C 250 2.26 13.00 17.98
C VAL C 250 3.59 13.73 18.07
N CYS C 251 4.54 13.14 18.78
CA CYS C 251 5.88 13.69 18.90
C CYS C 251 6.88 12.63 18.49
N VAL C 252 7.78 12.98 17.60
CA VAL C 252 8.80 12.05 17.09
C VAL C 252 10.14 12.36 17.74
N LEU C 253 10.80 11.32 18.23
CA LEU C 253 12.05 11.45 18.95
C LEU C 253 13.10 10.59 18.25
N ALA C 254 14.17 11.19 17.79
CA ALA C 254 15.30 10.43 17.28
C ALA C 254 15.93 9.66 18.42
N GLU C 255 16.19 8.36 18.21
CA GLU C 255 16.83 7.57 19.25
C GLU C 255 18.23 8.11 19.58
N GLY C 256 18.81 8.92 18.70
CA GLY C 256 20.12 9.49 18.97
C GLY C 256 20.17 10.40 20.18
N LEU C 257 19.02 10.86 20.67
CA LEU C 257 19.02 11.64 21.91
C LEU C 257 19.70 10.89 23.03
N VAL C 258 19.52 9.57 23.08
CA VAL C 258 20.10 8.76 24.15
C VAL C 258 21.62 8.83 24.11
N SER C 259 22.20 8.83 22.91
CA SER C 259 23.66 8.82 22.80
C SER C 259 24.29 10.19 23.09
N LYS C 260 23.49 11.24 23.21
CA LYS C 260 24.00 12.54 23.64
C LYS C 260 23.75 12.82 25.12
N MET C 261 23.08 11.92 25.83
CA MET C 261 22.71 12.19 27.21
C MET C 261 23.92 12.08 28.13
N SER C 262 23.92 12.90 29.17
CA SER C 262 24.99 12.89 30.15
C SER C 262 24.92 11.62 31.00
N LYS C 263 25.95 11.44 31.84
CA LYS C 263 25.94 10.28 32.74
C LYS C 263 24.77 10.37 33.70
N LYS C 264 24.50 11.57 34.23
CA LYS C 264 23.36 11.75 35.12
C LYS C 264 22.06 11.48 34.39
N ALA C 265 21.94 11.95 33.14
CA ALA C 265 20.70 11.73 32.39
C ALA C 265 20.45 10.26 32.16
N LEU C 266 21.49 9.50 31.83
CA LEU C 266 21.32 8.07 31.61
C LEU C 266 20.89 7.35 32.88
N TYR C 267 21.35 7.83 34.04
CA TYR C 267 20.93 7.22 35.31
C TYR C 267 19.43 7.33 35.51
N LYS C 268 18.87 8.51 35.24
CA LYS C 268 17.42 8.68 35.31
C LYS C 268 16.72 7.88 34.22
N LEU C 269 17.34 7.79 33.04
CA LEU C 269 16.71 7.08 31.92
C LEU C 269 16.49 5.61 32.26
N PHE C 270 17.48 4.97 32.88
CA PHE C 270 17.41 3.55 33.20
C PHE C 270 16.72 3.29 34.53
N GLY C 271 15.89 4.21 35.01
CA GLY C 271 15.12 4.00 36.22
C GLY C 271 15.84 4.38 37.49
N ASN C 272 16.70 5.39 37.43
CA ASN C 272 17.58 5.72 38.55
C ASN C 272 18.39 4.50 38.96
N ARG C 273 18.83 3.74 37.95
CA ARG C 273 19.69 2.57 38.11
C ARG C 273 21.04 2.86 37.46
N GLU C 274 22.00 1.99 37.73
CA GLU C 274 23.25 2.01 36.99
C GLU C 274 22.98 1.52 35.58
N PRO C 275 23.44 2.22 34.55
CA PRO C 275 23.17 1.78 33.17
C PRO C 275 23.64 0.37 32.93
N PRO C 276 22.88 -0.43 32.16
CA PRO C 276 23.35 -1.78 31.83
C PRO C 276 24.61 -1.73 30.99
N THR C 277 25.41 -2.80 31.10
CA THR C 277 26.71 -2.85 30.48
C THR C 277 26.96 -4.24 29.91
N ASP C 278 27.85 -4.29 28.92
CA ASP C 278 28.24 -5.56 28.30
C ASP C 278 29.39 -6.16 29.11
N PRO C 279 29.92 -7.31 28.71
CA PRO C 279 31.11 -7.82 29.40
C PRO C 279 32.32 -6.91 29.36
N HIS C 280 32.47 -6.09 28.33
CA HIS C 280 33.65 -5.22 28.22
C HIS C 280 33.48 -3.89 28.96
N GLY C 281 32.35 -3.66 29.60
CA GLY C 281 32.13 -2.46 30.36
C GLY C 281 31.46 -1.32 29.62
N HIS C 282 31.21 -1.46 28.32
CA HIS C 282 30.59 -0.41 27.53
C HIS C 282 29.08 -0.43 27.71
N ILE C 283 28.49 0.77 27.77
CA ILE C 283 27.06 0.90 28.07
C ILE C 283 26.25 0.28 26.94
N LEU C 284 25.12 -0.34 27.32
CA LEU C 284 24.21 -0.98 26.37
C LEU C 284 22.99 -0.09 26.15
N LEU C 285 23.14 0.87 25.25
CA LEU C 285 22.07 1.82 24.98
C LEU C 285 20.86 1.17 24.29
N ASP C 286 21.03 -0.02 23.70
CA ASP C 286 19.88 -0.70 23.10
C ASP C 286 18.83 -1.07 24.14
N ASP C 287 19.26 -1.29 25.39
CA ASP C 287 18.31 -1.59 26.45
C ASP C 287 17.55 -0.36 26.92
N ALA C 288 17.96 0.83 26.49
CA ALA C 288 17.24 2.04 26.86
C ALA C 288 15.87 2.05 26.21
N GLU C 289 14.89 2.61 26.93
CA GLU C 289 13.53 2.78 26.43
C GLU C 289 13.21 4.26 26.57
N LEU C 290 13.65 5.05 25.58
CA LEU C 290 13.51 6.50 25.68
C LEU C 290 12.04 6.92 25.70
N ALA C 291 11.26 6.43 24.74
CA ALA C 291 9.88 6.85 24.64
C ALA C 291 9.07 6.41 25.86
N ARG C 292 9.35 5.21 26.38
CA ARG C 292 8.61 4.72 27.53
C ARG C 292 8.92 5.54 28.78
N SER C 293 10.20 5.82 29.04
CA SER C 293 10.55 6.59 30.23
C SER C 293 9.95 7.98 30.19
N LEU C 294 10.04 8.64 29.04
CA LEU C 294 9.46 9.97 28.94
C LEU C 294 7.95 9.93 29.14
N SER C 295 7.29 8.87 28.66
CA SER C 295 5.85 8.75 28.84
C SER C 295 5.48 8.59 30.31
N GLU C 296 6.23 7.77 31.05
CA GLU C 296 5.92 7.59 32.46
C GLU C 296 6.08 8.90 33.22
N GLU C 297 7.16 9.64 32.94
CA GLU C 297 7.36 10.90 33.63
C GLU C 297 6.28 11.91 33.25
N LEU C 298 5.95 12.01 31.96
CA LEU C 298 4.97 12.99 31.52
C LEU C 298 3.58 12.68 32.05
N LEU C 299 3.28 11.40 32.29
CA LEU C 299 1.99 11.04 32.86
C LEU C 299 1.88 11.50 34.31
N LYS C 300 2.98 11.44 35.08
CA LYS C 300 2.95 11.99 36.43
C LYS C 300 2.64 13.48 36.40
N ARG C 301 3.24 14.22 35.47
CA ARG C 301 3.11 15.66 35.46
C ARG C 301 1.80 16.13 34.87
N LEU C 302 1.26 15.40 33.89
CA LEU C 302 0.17 15.90 33.07
C LEU C 302 -1.08 15.05 33.15
N GLY C 303 -1.04 13.93 33.86
CA GLY C 303 -2.20 13.08 33.93
C GLY C 303 -3.39 13.79 34.53
N ASN C 304 -3.14 14.68 35.50
CA ASN C 304 -4.21 15.44 36.11
C ASN C 304 -4.90 16.36 35.12
N LEU C 305 -4.24 16.71 34.01
CA LEU C 305 -4.84 17.57 33.00
C LEU C 305 -5.71 16.83 32.00
N GLY C 306 -5.83 15.51 32.10
CA GLY C 306 -6.54 14.75 31.11
C GLY C 306 -5.72 14.27 29.94
N ILE C 307 -4.41 14.15 30.10
CA ILE C 307 -3.50 13.73 29.04
C ILE C 307 -3.11 12.28 29.29
N ARG C 308 -3.20 11.44 28.27
CA ARG C 308 -2.62 10.09 28.34
C ARG C 308 -1.55 10.01 27.24
N ILE C 309 -0.46 9.31 27.52
CA ILE C 309 0.72 9.30 26.66
C ILE C 309 1.19 7.87 26.48
N THR C 310 1.49 7.50 25.22
CA THR C 310 1.85 6.12 24.87
C THR C 310 3.06 6.08 23.95
N PRO C 311 4.03 5.23 24.22
CA PRO C 311 5.19 5.12 23.33
C PRO C 311 4.95 4.18 22.16
N LYS C 312 5.74 4.38 21.12
CA LYS C 312 5.66 3.57 19.91
C LYS C 312 7.00 3.62 19.21
N LYS C 313 7.57 2.47 18.88
CA LYS C 313 8.84 2.39 18.18
C LYS C 313 8.62 2.11 16.69
N ILE C 314 9.40 2.79 15.85
CA ILE C 314 9.37 2.58 14.40
C ILE C 314 10.79 2.23 13.99
N GLY C 315 11.05 0.93 13.93
CA GLY C 315 12.37 0.38 13.67
C GLY C 315 12.48 -0.59 12.52
N TYR C 316 12.52 -1.88 12.91
CA TYR C 316 12.89 -2.95 12.00
C TYR C 316 11.92 -3.17 10.86
N GLU C 317 10.68 -2.69 10.99
CA GLU C 317 9.74 -2.88 9.89
C GLU C 317 10.08 -2.02 8.68
N LEU C 318 11.04 -1.10 8.80
CA LEU C 318 11.44 -0.26 7.69
C LEU C 318 12.53 -0.88 6.83
N ARG C 319 13.36 -1.73 7.42
CA ARG C 319 14.63 -2.09 6.79
C ARG C 319 14.45 -2.92 5.53
N CYS C 320 13.45 -3.78 5.48
CA CYS C 320 13.27 -4.65 4.32
C CYS C 320 11.95 -4.41 3.62
N ALA C 321 11.40 -3.20 3.75
CA ALA C 321 10.27 -2.82 2.93
C ALA C 321 10.69 -2.79 1.46
N ASP C 322 9.76 -3.13 0.58
CA ASP C 322 10.05 -3.06 -0.84
C ASP C 322 10.40 -1.63 -1.22
N PRO C 323 11.40 -1.42 -2.07
CA PRO C 323 11.82 -0.06 -2.38
C PRO C 323 10.77 0.72 -3.17
N VAL C 324 10.71 2.02 -2.90
CA VAL C 324 9.91 2.94 -3.70
C VAL C 324 10.66 3.27 -5.00
N ALA C 325 9.98 3.87 -5.96
CA ALA C 325 10.56 4.02 -7.29
C ALA C 325 11.89 4.77 -7.25
N PHE C 326 12.02 5.75 -6.35
CA PHE C 326 13.25 6.51 -6.29
C PHE C 326 14.43 5.61 -5.96
N ASP C 327 14.26 4.69 -5.01
CA ASP C 327 15.35 3.80 -4.63
C ASP C 327 15.57 2.71 -5.68
N ALA C 328 14.53 2.29 -6.39
CA ALA C 328 14.74 1.31 -7.45
C ALA C 328 15.63 1.87 -8.54
N VAL C 329 15.36 3.10 -8.98
CA VAL C 329 16.22 3.74 -9.98
C VAL C 329 17.60 3.99 -9.40
N TYR C 330 17.66 4.46 -8.15
CA TYR C 330 18.93 4.75 -7.51
C TYR C 330 19.84 3.53 -7.54
N THR C 331 19.34 2.39 -7.07
CA THR C 331 20.19 1.22 -6.91
C THR C 331 20.54 0.59 -8.25
N ARG C 332 19.69 0.74 -9.26
CA ARG C 332 20.07 0.30 -10.59
C ARG C 332 21.27 1.08 -11.09
N GLU C 333 21.28 2.39 -10.87
CA GLU C 333 22.40 3.21 -11.31
C GLU C 333 23.65 2.93 -10.51
N LEU C 334 23.51 2.57 -9.22
CA LEU C 334 24.69 2.21 -8.44
C LEU C 334 25.27 0.87 -8.91
N GLY C 335 24.42 -0.12 -9.19
CA GLY C 335 24.92 -1.39 -9.67
C GLY C 335 25.63 -1.25 -11.00
N TYR C 336 25.06 -0.47 -11.92
CA TYR C 336 25.73 -0.20 -13.18
C TYR C 336 27.07 0.50 -12.96
N GLY C 337 27.11 1.50 -12.05
CA GLY C 337 28.33 2.23 -11.81
C GLY C 337 29.46 1.39 -11.22
N ALA C 338 29.13 0.38 -10.43
CA ALA C 338 30.16 -0.51 -9.91
C ALA C 338 30.83 -1.30 -11.03
N ILE C 339 30.04 -1.83 -11.97
CA ILE C 339 30.63 -2.57 -13.09
C ILE C 339 31.47 -1.64 -13.96
N ASP C 340 30.98 -0.41 -14.17
CA ASP C 340 31.73 0.59 -14.93
C ASP C 340 33.05 0.91 -14.24
N ALA C 341 33.04 0.99 -12.91
CA ALA C 341 34.27 1.24 -12.16
C ALA C 341 35.25 0.07 -12.31
N PHE C 342 34.75 -1.18 -12.28
CA PHE C 342 35.63 -2.31 -12.52
C PHE C 342 36.25 -2.22 -13.91
N LEU C 343 35.43 -1.90 -14.92
CA LEU C 343 35.92 -1.84 -16.29
C LEU C 343 36.99 -0.78 -16.47
N ASN C 344 36.92 0.32 -15.72
CA ASN C 344 37.89 1.39 -15.83
C ASN C 344 39.05 1.26 -14.83
N GLY C 345 39.20 0.08 -14.22
CA GLY C 345 40.36 -0.21 -13.42
C GLY C 345 40.36 0.30 -12.00
N HIS C 346 39.24 0.83 -11.51
CA HIS C 346 39.22 1.35 -10.15
C HIS C 346 39.23 0.21 -9.14
N SER C 347 39.80 0.49 -7.96
CA SER C 347 39.82 -0.45 -6.85
C SER C 347 39.97 0.34 -5.57
N ALA C 348 39.61 -0.29 -4.45
CA ALA C 348 39.56 0.37 -3.15
C ALA C 348 38.79 1.69 -3.26
N ALA C 349 37.64 1.62 -3.92
CA ALA C 349 36.82 2.79 -4.19
C ALA C 349 35.40 2.56 -3.69
N LEU C 350 34.67 3.65 -3.50
CA LEU C 350 33.28 3.63 -3.06
C LEU C 350 32.40 4.16 -4.17
N ILE C 351 31.39 3.40 -4.56
CA ILE C 351 30.46 3.83 -5.61
C ILE C 351 29.36 4.66 -4.96
N VAL C 352 29.33 5.95 -5.27
CA VAL C 352 28.37 6.87 -4.70
C VAL C 352 27.75 7.68 -5.84
N ARG C 353 26.58 8.26 -5.56
CA ARG C 353 25.91 9.11 -6.53
C ARG C 353 25.88 10.54 -5.98
N GLU C 354 26.42 11.48 -6.76
CA GLU C 354 26.53 12.87 -6.35
C GLU C 354 26.20 13.76 -7.54
N ASN C 355 25.26 14.69 -7.34
CA ASN C 355 24.84 15.60 -8.40
C ASN C 355 24.38 14.85 -9.64
N GLY C 356 23.63 13.77 -9.43
CA GLY C 356 23.04 13.01 -10.51
C GLY C 356 23.99 12.14 -11.28
N GLN C 357 25.21 11.94 -10.80
CA GLN C 357 26.21 11.14 -11.48
C GLN C 357 26.74 10.07 -10.54
N VAL C 358 26.67 8.82 -10.97
CA VAL C 358 27.30 7.73 -10.23
C VAL C 358 28.77 7.71 -10.59
N LYS C 359 29.61 7.71 -9.56
CA LYS C 359 31.06 7.81 -9.73
C LYS C 359 31.74 7.04 -8.64
N PRO C 360 32.95 6.51 -8.89
CA PRO C 360 33.75 5.96 -7.80
C PRO C 360 34.46 7.09 -7.08
N VAL C 361 34.58 6.93 -5.77
CA VAL C 361 35.22 7.93 -4.92
C VAL C 361 36.18 7.21 -3.99
N GLN C 362 37.46 7.56 -4.06
CA GLN C 362 38.48 6.86 -3.29
C GLN C 362 38.18 6.97 -1.79
N PHE C 363 38.54 5.90 -1.06
CA PHE C 363 38.20 5.81 0.35
C PHE C 363 38.67 7.04 1.10
N LYS C 364 39.88 7.51 0.80
CA LYS C 364 40.47 8.58 1.59
C LYS C 364 39.65 9.86 1.52
N ASP C 365 38.98 10.11 0.40
CA ASP C 365 38.19 11.34 0.28
C ASP C 365 37.02 11.37 1.27
N LEU C 366 36.51 10.21 1.68
CA LEU C 366 35.35 10.19 2.55
C LEU C 366 35.64 9.93 4.02
N LEU C 367 36.82 9.41 4.36
CA LEU C 367 37.12 9.07 5.74
C LEU C 367 37.29 10.33 6.57
N ASP C 368 36.77 10.28 7.80
CA ASP C 368 37.00 11.35 8.77
C ASP C 368 38.26 10.99 9.55
N PRO C 369 39.32 11.80 9.48
CA PRO C 369 40.58 11.41 10.12
C PRO C 369 40.45 11.15 11.63
N ALA C 370 39.56 11.85 12.31
CA ALA C 370 39.44 11.70 13.76
C ALA C 370 38.89 10.32 14.15
N THR C 371 38.12 9.68 13.27
CA THR C 371 37.43 8.46 13.62
C THR C 371 38.01 7.21 12.96
N GLY C 372 38.57 7.35 11.77
CA GLY C 372 39.01 6.23 10.95
C GLY C 372 37.86 5.52 10.24
N ARG C 373 36.63 6.01 10.41
CA ARG C 373 35.41 5.53 9.76
C ARG C 373 34.86 6.68 8.92
N VAL C 374 33.93 6.34 8.04
CA VAL C 374 33.43 7.34 7.09
C VAL C 374 32.77 8.48 7.86
N ARG C 375 32.95 9.69 7.34
CA ARG C 375 32.42 10.89 8.00
C ARG C 375 30.91 10.80 8.10
N THR C 376 30.37 11.27 9.22
CA THR C 376 28.94 11.20 9.48
C THR C 376 28.30 12.54 9.17
N ARG C 377 27.37 12.55 8.23
CA ARG C 377 26.62 13.75 7.91
C ARG C 377 25.40 13.79 8.82
N LEU C 378 25.32 14.84 9.65
CA LEU C 378 24.18 15.02 10.52
C LEU C 378 23.23 16.05 9.92
N VAL C 379 22.05 16.18 10.53
CA VAL C 379 21.10 17.19 10.09
C VAL C 379 21.72 18.56 10.30
N ASP C 380 21.62 19.42 9.28
CA ASP C 380 22.14 20.79 9.36
C ASP C 380 21.06 21.69 9.93
N VAL C 381 21.12 21.96 11.23
CA VAL C 381 20.04 22.71 11.88
C VAL C 381 20.07 24.19 11.55
N THR C 382 21.11 24.66 10.86
CA THR C 382 21.14 26.02 10.36
C THR C 382 20.54 26.15 8.96
N SER C 383 20.23 25.03 8.31
CA SER C 383 19.73 25.06 6.94
C SER C 383 18.29 25.57 6.91
N GLN C 384 17.87 26.03 5.74
CA GLN C 384 16.49 26.48 5.57
C GLN C 384 15.51 25.32 5.72
N SER C 385 15.88 24.11 5.31
CA SER C 385 14.95 22.98 5.42
C SER C 385 14.56 22.71 6.86
N PHE C 386 15.53 22.76 7.77
CA PHE C 386 15.23 22.56 9.19
C PHE C 386 14.35 23.67 9.74
N LYS C 387 14.63 24.92 9.34
CA LYS C 387 13.80 26.04 9.81
C LYS C 387 12.37 25.90 9.32
N VAL C 388 12.18 25.45 8.08
CA VAL C 388 10.83 25.25 7.56
C VAL C 388 10.12 24.17 8.34
N ALA C 389 10.80 23.05 8.59
CA ALA C 389 10.19 21.97 9.36
C ALA C 389 9.78 22.46 10.75
N ARG C 390 10.61 23.28 11.38
CA ARG C 390 10.32 23.78 12.72
C ARG C 390 9.12 24.72 12.73
N VAL C 391 8.89 25.44 11.65
CA VAL C 391 7.78 26.39 11.61
C VAL C 391 6.45 25.68 11.83
N TYR C 392 6.30 24.49 11.24
CA TYR C 392 5.06 23.74 11.30
C TYR C 392 4.95 22.85 12.54
N MET C 393 5.96 22.85 13.40
CA MET C 393 5.83 22.19 14.69
C MET C 393 5.12 23.12 15.68
N TRP C 394 4.49 22.51 16.67
CA TRP C 394 3.93 23.22 17.80
C TRP C 394 4.99 23.32 18.90
N ARG C 395 5.34 24.54 19.28
CA ARG C 395 6.44 24.72 20.22
C ARG C 395 6.45 26.15 20.74
N MET C 396 7.15 26.35 21.86
CA MET C 396 7.31 27.66 22.49
C MET C 396 8.67 28.21 22.07
N SER C 397 8.64 29.26 21.26
CA SER C 397 9.84 29.92 20.78
C SER C 397 10.32 30.96 21.77
N LYS C 398 11.43 31.61 21.44
CA LYS C 398 11.89 32.74 22.24
C LYS C 398 10.79 33.80 22.32
N LYS C 399 10.23 34.15 21.17
CA LYS C 399 9.19 35.17 21.09
C LYS C 399 7.94 34.76 21.84
N ASP C 400 7.63 33.46 21.87
CA ASP C 400 6.44 33.00 22.56
C ASP C 400 6.53 33.21 24.06
N TYR C 401 7.71 32.98 24.65
CA TYR C 401 7.87 33.17 26.10
C TYR C 401 7.74 34.64 26.48
N GLU C 402 8.04 35.56 25.55
CA GLU C 402 7.90 36.98 25.81
C GLU C 402 6.48 37.49 25.61
N ASN C 403 5.59 36.65 25.07
CA ASN C 403 4.19 37.00 24.84
C ASN C 403 3.42 36.69 26.12
N LYS C 404 3.06 37.73 26.87
CA LYS C 404 2.42 37.52 28.16
C LYS C 404 1.04 36.88 27.99
N ASP C 405 0.30 37.26 26.95
CA ASP C 405 -1.02 36.67 26.72
C ASP C 405 -0.90 35.17 26.44
N LEU C 406 0.05 34.78 25.58
CA LEU C 406 0.23 33.36 25.28
C LEU C 406 0.69 32.60 26.53
N VAL C 407 1.64 33.17 27.27
CA VAL C 407 2.17 32.47 28.45
C VAL C 407 1.07 32.28 29.48
N ALA C 408 0.15 33.23 29.58
CA ALA C 408 -0.95 33.07 30.51
C ALA C 408 -1.84 31.90 30.14
N ARG C 409 -2.13 31.74 28.84
CA ARG C 409 -3.00 30.66 28.41
C ARG C 409 -2.33 29.30 28.56
N VAL C 410 -1.05 29.21 28.21
CA VAL C 410 -0.37 27.93 28.32
C VAL C 410 -0.22 27.55 29.79
N ALA C 411 0.17 28.51 30.63
CA ALA C 411 0.31 28.21 32.05
C ALA C 411 -1.03 27.77 32.64
N ALA C 412 -2.12 28.44 32.25
CA ALA C 412 -3.43 28.03 32.71
C ALA C 412 -3.75 26.60 32.25
N ALA C 413 -3.37 26.26 31.02
CA ALA C 413 -3.59 24.89 30.54
C ALA C 413 -2.87 23.89 31.44
N GLY C 414 -1.69 24.25 31.94
CA GLY C 414 -0.92 23.45 32.87
C GLY C 414 -1.24 23.64 34.33
N LYS C 415 -2.28 24.42 34.65
CA LYS C 415 -2.70 24.67 36.02
C LYS C 415 -1.54 25.15 36.89
N MET C 416 -0.90 26.23 36.43
CA MET C 416 0.17 26.89 37.16
C MET C 416 0.18 28.36 36.79
N THR C 417 0.80 29.17 37.65
CA THR C 417 0.83 30.60 37.41
C THR C 417 1.79 30.94 36.27
N PRO C 418 1.56 32.06 35.59
CA PRO C 418 2.51 32.47 34.54
C PRO C 418 3.93 32.62 35.06
N GLU C 419 4.12 33.07 36.30
CA GLU C 419 5.47 33.15 36.83
C GLU C 419 6.10 31.77 36.98
N ALA C 420 5.33 30.79 37.44
CA ALA C 420 5.86 29.43 37.56
C ALA C 420 6.22 28.85 36.21
N PHE C 421 5.38 29.10 35.20
CA PHE C 421 5.64 28.56 33.87
C PHE C 421 6.91 29.17 33.29
N THR C 422 7.06 30.49 33.37
CA THR C 422 8.26 31.13 32.83
C THR C 422 9.50 30.66 33.57
N GLU C 423 9.40 30.54 34.89
CA GLU C 423 10.55 30.13 35.70
C GLU C 423 11.00 28.72 35.35
N LYS C 424 10.05 27.84 35.03
CA LYS C 424 10.40 26.45 34.75
C LYS C 424 10.90 26.25 33.32
N PHE C 425 10.22 26.86 32.33
CA PHE C 425 10.38 26.49 30.93
C PHE C 425 11.19 27.48 30.09
N ALA C 426 11.33 28.73 30.53
CA ALA C 426 11.94 29.75 29.68
C ALA C 426 13.39 29.43 29.35
N HIS C 427 14.08 28.68 30.21
CA HIS C 427 15.48 28.35 29.95
C HIS C 427 15.65 27.44 28.74
N LEU C 428 14.56 26.84 28.24
CA LEU C 428 14.67 25.92 27.13
C LEU C 428 15.12 26.61 25.85
N THR C 429 15.04 27.95 25.79
CA THR C 429 15.51 28.67 24.61
C THR C 429 17.03 28.67 24.48
N ASP C 430 17.75 28.42 25.58
CA ASP C 430 19.18 28.22 25.52
C ASP C 430 19.57 26.76 25.39
N VAL C 431 18.61 25.84 25.43
CA VAL C 431 18.92 24.42 25.31
C VAL C 431 18.94 23.98 23.87
N VAL C 432 18.04 24.51 23.03
CA VAL C 432 17.91 24.07 21.65
C VAL C 432 18.00 25.29 20.75
N VAL C 433 18.61 25.10 19.57
CA VAL C 433 18.75 26.20 18.64
C VAL C 433 17.37 26.77 18.32
N GLU C 434 17.34 28.08 18.08
CA GLU C 434 16.11 28.80 17.78
C GLU C 434 16.14 29.35 16.35
N ALA D 13 9.34 -42.89 -2.59
CA ALA D 13 8.24 -42.06 -2.09
C ALA D 13 7.26 -41.73 -3.20
N PRO D 14 5.98 -41.56 -2.85
CA PRO D 14 4.99 -41.19 -3.87
C PRO D 14 5.25 -39.79 -4.42
N VAL D 15 4.88 -39.61 -5.69
CA VAL D 15 5.14 -38.38 -6.42
C VAL D 15 3.85 -37.60 -6.57
N LEU D 16 3.87 -36.34 -6.17
CA LEU D 16 2.77 -35.41 -6.36
C LEU D 16 3.17 -34.39 -7.43
N GLY D 17 2.35 -34.27 -8.46
CA GLY D 17 2.57 -33.30 -9.53
C GLY D 17 1.49 -32.23 -9.49
N ILE D 18 1.92 -30.98 -9.67
CA ILE D 18 1.03 -29.81 -9.56
C ILE D 18 1.17 -28.99 -10.83
N LEU D 19 0.05 -28.49 -11.35
CA LEU D 19 0.05 -27.58 -12.49
C LEU D 19 -1.07 -26.56 -12.31
N CYS D 20 -0.95 -25.43 -13.00
CA CYS D 20 -1.97 -24.39 -13.00
C CYS D 20 -2.53 -24.19 -14.40
N GLY D 21 -3.84 -23.99 -14.48
CA GLY D 21 -4.49 -23.67 -15.72
C GLY D 21 -5.39 -22.44 -15.59
N GLY D 22 -5.63 -21.81 -16.72
CA GLY D 22 -6.48 -20.63 -16.75
C GLY D 22 -5.71 -19.37 -16.46
N GLY D 23 -6.45 -18.30 -16.22
CA GLY D 23 -5.87 -17.04 -15.84
C GLY D 23 -5.52 -17.02 -14.37
N PRO D 24 -4.41 -16.40 -14.00
CA PRO D 24 -4.00 -16.40 -12.60
C PRO D 24 -4.98 -15.61 -11.73
N ALA D 25 -5.01 -15.97 -10.44
CA ALA D 25 -5.75 -15.24 -9.42
C ALA D 25 -4.87 -15.12 -8.19
N PRO D 26 -5.04 -14.07 -7.39
CA PRO D 26 -4.21 -13.92 -6.19
C PRO D 26 -4.42 -15.10 -5.27
N GLY D 27 -3.31 -15.73 -4.85
CA GLY D 27 -3.38 -16.91 -4.00
C GLY D 27 -3.02 -18.22 -4.67
N LEU D 28 -2.73 -18.23 -5.96
CA LEU D 28 -2.26 -19.47 -6.58
C LEU D 28 -1.05 -20.01 -5.83
N ASN D 29 -0.07 -19.15 -5.55
CA ASN D 29 1.11 -19.60 -4.82
C ASN D 29 0.74 -20.09 -3.42
N GLY D 30 -0.32 -19.56 -2.85
CA GLY D 30 -0.76 -20.03 -1.55
C GLY D 30 -1.20 -21.49 -1.59
N VAL D 31 -1.91 -21.88 -2.65
CA VAL D 31 -2.33 -23.26 -2.81
C VAL D 31 -1.13 -24.17 -3.09
N ILE D 32 -0.20 -23.72 -3.95
CA ILE D 32 0.95 -24.55 -4.28
C ILE D 32 1.80 -24.81 -3.05
N ALA D 33 1.98 -23.79 -2.21
CA ALA D 33 2.79 -23.96 -1.01
C ALA D 33 2.06 -24.75 0.07
N GLY D 34 0.75 -24.56 0.21
CA GLY D 34 0.01 -25.32 1.20
C GLY D 34 0.03 -26.81 0.91
N ALA D 35 -0.18 -27.17 -0.36
CA ALA D 35 -0.08 -28.58 -0.75
C ALA D 35 1.36 -29.08 -0.66
N THR D 36 2.33 -28.30 -1.16
CA THR D 36 3.69 -28.81 -1.25
C THR D 36 4.33 -28.97 0.12
N LEU D 37 4.19 -27.96 0.99
CA LEU D 37 4.84 -28.03 2.30
C LEU D 37 4.32 -29.20 3.12
N TYR D 38 3.00 -29.40 3.12
CA TYR D 38 2.41 -30.52 3.85
C TYR D 38 2.85 -31.86 3.26
N ALA D 39 2.87 -31.97 1.93
CA ALA D 39 3.30 -33.21 1.29
C ALA D 39 4.75 -33.51 1.60
N LEU D 40 5.60 -32.49 1.66
CA LEU D 40 7.00 -32.73 1.98
C LEU D 40 7.16 -33.27 3.39
N ARG D 41 6.34 -32.81 4.33
CA ARG D 41 6.36 -33.37 5.68
C ARG D 41 5.94 -34.84 5.69
N LEU D 42 5.14 -35.25 4.72
CA LEU D 42 4.76 -36.65 4.58
C LEU D 42 5.83 -37.46 3.84
N GLY D 43 6.91 -36.82 3.40
CA GLY D 43 7.96 -37.49 2.67
C GLY D 43 7.74 -37.61 1.19
N TRP D 44 6.68 -37.01 0.65
CA TRP D 44 6.41 -37.10 -0.77
C TRP D 44 7.44 -36.29 -1.56
N LYS D 45 7.62 -36.67 -2.82
CA LYS D 45 8.39 -35.89 -3.79
C LYS D 45 7.38 -35.05 -4.57
N VAL D 46 7.65 -33.77 -4.72
CA VAL D 46 6.71 -32.85 -5.37
C VAL D 46 7.38 -32.24 -6.59
N ILE D 47 6.67 -32.29 -7.72
CA ILE D 47 7.11 -31.67 -8.96
C ILE D 47 6.01 -30.75 -9.46
N GLY D 48 6.40 -29.76 -10.28
CA GLY D 48 5.44 -28.84 -10.84
C GLY D 48 5.60 -28.71 -12.34
N PHE D 49 4.51 -28.85 -13.09
CA PHE D 49 4.53 -28.71 -14.54
C PHE D 49 4.35 -27.24 -14.90
N MET D 50 5.29 -26.70 -15.68
CA MET D 50 5.21 -25.31 -16.11
C MET D 50 4.15 -25.13 -17.19
N GLU D 51 3.38 -24.04 -17.07
CA GLU D 51 2.40 -23.64 -18.08
C GLU D 51 1.33 -24.73 -18.25
N GLY D 52 0.83 -25.23 -17.13
CA GLY D 52 -0.33 -26.10 -17.19
C GLY D 52 -0.09 -27.34 -18.04
N PHE D 53 -1.04 -27.63 -18.92
CA PHE D 53 -1.01 -28.81 -19.77
C PHE D 53 -0.20 -28.61 -21.05
N LYS D 54 0.43 -27.44 -21.22
CA LYS D 54 1.02 -27.09 -22.51
C LYS D 54 2.01 -28.15 -22.99
N TYR D 55 2.94 -28.55 -22.13
CA TYR D 55 3.97 -29.51 -22.54
C TYR D 55 3.55 -30.95 -22.34
N LEU D 56 2.67 -31.21 -21.38
CA LEU D 56 2.13 -32.56 -21.24
C LEU D 56 1.32 -32.96 -22.48
N CYS D 57 0.81 -32.00 -23.24
CA CYS D 57 0.02 -32.33 -24.42
C CYS D 57 0.87 -32.90 -25.53
N THR D 58 2.15 -32.56 -25.58
CA THR D 58 3.00 -33.07 -26.64
C THR D 58 3.19 -34.58 -26.53
N GLY D 59 3.30 -35.09 -25.30
CA GLY D 59 3.61 -36.48 -25.08
C GLY D 59 5.08 -36.82 -25.09
N ASP D 60 5.93 -35.89 -25.49
CA ASP D 60 7.38 -36.11 -25.54
C ASP D 60 7.93 -35.92 -24.13
N VAL D 61 8.42 -37.01 -23.54
CA VAL D 61 8.86 -36.95 -22.15
C VAL D 61 10.09 -36.06 -21.98
N ASP D 62 10.94 -35.96 -23.00
CA ASP D 62 12.09 -35.05 -22.91
C ASP D 62 11.64 -33.59 -22.86
N VAL D 63 10.63 -33.23 -23.65
CA VAL D 63 10.11 -31.87 -23.65
C VAL D 63 9.45 -31.56 -22.30
N VAL D 64 8.70 -32.51 -21.75
CA VAL D 64 8.06 -32.29 -20.45
C VAL D 64 9.09 -32.09 -19.36
N LYS D 65 10.14 -32.92 -19.36
CA LYS D 65 11.16 -32.82 -18.33
C LYS D 65 11.86 -31.47 -18.36
N ALA D 66 12.06 -30.91 -19.56
CA ALA D 66 12.66 -29.60 -19.70
C ALA D 66 11.76 -28.49 -19.16
N HIS D 67 10.48 -28.79 -18.91
CA HIS D 67 9.53 -27.81 -18.39
C HIS D 67 8.79 -28.37 -17.19
N THR D 68 9.49 -29.12 -16.35
CA THR D 68 9.03 -29.44 -15.01
C THR D 68 10.16 -29.12 -14.04
N ILE D 69 9.79 -28.74 -12.82
CA ILE D 69 10.75 -28.33 -11.81
C ILE D 69 10.44 -29.08 -10.53
N ASP D 70 11.44 -29.18 -9.67
CA ASP D 70 11.30 -29.83 -8.38
C ASP D 70 10.79 -28.80 -7.37
N LEU D 71 9.58 -29.02 -6.85
CA LEU D 71 8.99 -28.11 -5.87
C LEU D 71 9.50 -28.53 -4.50
N THR D 72 10.52 -27.84 -4.01
CA THR D 72 11.18 -28.13 -2.76
C THR D 72 10.72 -27.16 -1.68
N TYR D 73 11.15 -27.43 -0.44
CA TYR D 73 10.83 -26.52 0.65
C TYR D 73 11.36 -25.12 0.38
N ASP D 74 12.61 -25.02 -0.10
CA ASP D 74 13.19 -23.70 -0.32
C ASP D 74 12.41 -22.92 -1.38
N ILE D 75 11.89 -23.62 -2.39
CA ILE D 75 11.17 -22.94 -3.46
C ILE D 75 9.86 -22.35 -2.95
N VAL D 76 9.13 -23.09 -2.10
CA VAL D 76 7.75 -22.73 -1.76
C VAL D 76 7.62 -22.15 -0.36
N SER D 77 8.71 -22.02 0.40
CA SER D 77 8.59 -21.59 1.79
C SER D 77 8.08 -20.15 1.94
N ARG D 78 8.24 -19.30 0.93
CA ARG D 78 7.82 -17.91 1.09
C ARG D 78 7.04 -17.37 -0.11
N ILE D 79 6.50 -18.24 -0.96
CA ILE D 79 5.69 -17.77 -2.07
C ILE D 79 4.26 -17.43 -1.69
N HIS D 80 3.85 -17.69 -0.44
CA HIS D 80 2.51 -17.31 -0.02
C HIS D 80 2.31 -15.79 0.04
N PHE D 81 3.40 -15.01 0.02
CA PHE D 81 3.28 -13.56 -0.03
C PHE D 81 3.05 -13.03 -1.45
N GLN D 82 3.24 -13.86 -2.48
CA GLN D 82 3.42 -13.40 -3.84
C GLN D 82 2.23 -13.71 -4.72
N GLY D 83 1.84 -12.72 -5.54
CA GLY D 83 0.84 -12.94 -6.56
C GLY D 83 1.40 -13.77 -7.70
N GLY D 84 0.52 -14.13 -8.62
CA GLY D 84 0.93 -14.95 -9.73
C GLY D 84 1.09 -16.42 -9.33
N THR D 85 1.83 -17.13 -10.18
CA THR D 85 2.15 -18.53 -9.93
C THR D 85 3.58 -18.83 -10.39
N ILE D 86 4.37 -19.44 -9.51
CA ILE D 86 5.77 -19.69 -9.81
C ILE D 86 5.95 -20.76 -10.90
N ILE D 87 4.96 -21.63 -11.09
CA ILE D 87 5.03 -22.62 -12.17
C ILE D 87 4.24 -22.16 -13.39
N GLN D 88 3.87 -20.88 -13.44
CA GLN D 88 3.18 -20.31 -14.59
C GLN D 88 1.86 -21.00 -14.84
N THR D 89 1.18 -20.62 -15.92
CA THR D 89 -0.12 -21.17 -16.27
C THR D 89 -0.32 -21.06 -17.77
N SER D 90 -1.29 -21.79 -18.28
CA SER D 90 -1.67 -21.71 -19.68
C SER D 90 -3.09 -22.22 -19.78
N ARG D 91 -3.72 -21.95 -20.92
CA ARG D 91 -5.03 -22.51 -21.19
C ARG D 91 -4.95 -23.75 -22.08
N ALA D 92 -3.77 -24.33 -22.24
CA ALA D 92 -3.62 -25.58 -22.98
C ALA D 92 -4.57 -26.63 -22.41
N ASN D 93 -5.29 -27.29 -23.30
CA ASN D 93 -6.47 -28.07 -22.93
C ASN D 93 -6.47 -29.42 -23.62
N PRO D 94 -6.13 -30.50 -22.92
CA PRO D 94 -6.12 -31.82 -23.57
C PRO D 94 -7.49 -32.48 -23.72
N ARG D 95 -8.55 -31.92 -23.14
CA ARG D 95 -9.86 -32.59 -23.19
C ARG D 95 -10.42 -32.66 -24.61
N LYS D 96 -9.98 -31.79 -25.51
CA LYS D 96 -10.58 -31.72 -26.84
C LYS D 96 -10.29 -32.97 -27.67
N SER D 97 -9.13 -33.59 -27.49
CA SER D 97 -8.70 -34.70 -28.33
C SER D 97 -8.33 -35.91 -27.49
N PRO D 98 -8.72 -37.12 -27.92
CA PRO D 98 -8.25 -38.30 -27.17
C PRO D 98 -6.76 -38.56 -27.33
N GLU D 99 -6.15 -38.13 -28.44
CA GLU D 99 -4.71 -38.28 -28.58
C GLU D 99 -3.96 -37.40 -27.58
N LEU D 100 -4.44 -36.17 -27.37
CA LEU D 100 -3.82 -35.32 -26.37
C LEU D 100 -4.00 -35.91 -24.98
N GLN D 101 -5.18 -36.45 -24.70
CA GLN D 101 -5.43 -37.03 -23.39
C GLN D 101 -4.46 -38.18 -23.12
N GLU D 102 -4.20 -39.01 -24.13
CA GLU D 102 -3.29 -40.13 -23.95
C GLU D 102 -1.83 -39.66 -23.87
N ASN D 103 -1.51 -38.52 -24.50
CA ASN D 103 -0.17 -37.96 -24.32
C ASN D 103 0.05 -37.55 -22.87
N VAL D 104 -0.96 -36.95 -22.23
CA VAL D 104 -0.86 -36.59 -20.82
C VAL D 104 -0.74 -37.85 -19.97
N ARG D 105 -1.53 -38.88 -20.29
CA ARG D 105 -1.43 -40.14 -19.56
C ARG D 105 -0.06 -40.74 -19.71
N LYS D 106 0.52 -40.66 -20.91
CA LYS D 106 1.83 -41.27 -21.16
C LYS D 106 2.91 -40.60 -20.34
N CYS D 107 2.88 -39.28 -20.23
CA CYS D 107 3.91 -38.56 -19.49
C CYS D 107 3.75 -38.72 -17.99
N LEU D 108 2.51 -38.72 -17.50
CA LEU D 108 2.30 -38.90 -16.07
C LEU D 108 2.78 -40.27 -15.61
N ARG D 109 2.51 -41.33 -16.39
CA ARG D 109 3.01 -42.66 -16.03
C ARG D 109 4.53 -42.70 -16.05
N ALA D 110 5.16 -42.06 -17.03
CA ALA D 110 6.61 -42.06 -17.11
C ALA D 110 7.22 -41.44 -15.85
N LEU D 111 6.61 -40.37 -15.34
CA LEU D 111 7.06 -39.69 -14.14
C LEU D 111 6.55 -40.31 -12.85
N LYS D 112 5.77 -41.38 -12.92
CA LYS D 112 5.27 -42.06 -11.73
C LYS D 112 4.46 -41.12 -10.84
N VAL D 113 3.66 -40.25 -11.46
CA VAL D 113 2.86 -39.33 -10.68
C VAL D 113 1.75 -40.12 -9.98
N ARG D 114 1.86 -40.27 -8.66
CA ARG D 114 0.82 -40.94 -7.91
C ARG D 114 -0.35 -40.01 -7.64
N TYR D 115 -0.06 -38.77 -7.28
CA TYR D 115 -1.07 -37.77 -6.93
C TYR D 115 -0.95 -36.58 -7.87
N PHE D 116 -2.09 -36.15 -8.42
CA PHE D 116 -2.10 -35.12 -9.47
C PHE D 116 -3.05 -34.01 -9.04
N LEU D 117 -2.50 -32.83 -8.76
CA LEU D 117 -3.25 -31.68 -8.29
C LEU D 117 -3.22 -30.60 -9.37
N THR D 118 -4.39 -30.20 -9.85
CA THR D 118 -4.52 -29.10 -10.79
C THR D 118 -5.23 -27.93 -10.13
N ILE D 119 -4.72 -26.73 -10.35
CA ILE D 119 -5.29 -25.51 -9.79
C ILE D 119 -5.72 -24.66 -10.96
N GLY D 120 -7.03 -24.56 -11.18
CA GLY D 120 -7.52 -23.87 -12.36
C GLY D 120 -9.03 -23.77 -12.35
N GLY D 121 -9.57 -23.29 -13.46
CA GLY D 121 -11.00 -23.14 -13.57
C GLY D 121 -11.64 -24.46 -13.97
N ASP D 122 -12.87 -24.38 -14.45
CA ASP D 122 -13.58 -25.59 -14.82
C ASP D 122 -12.90 -26.29 -15.99
N ASP D 123 -12.35 -25.52 -16.92
CA ASP D 123 -11.65 -26.12 -18.05
C ASP D 123 -10.46 -26.95 -17.57
N THR D 124 -9.70 -26.43 -16.59
CA THR D 124 -8.55 -27.17 -16.06
C THR D 124 -9.00 -28.43 -15.33
N ALA D 125 -10.07 -28.32 -14.53
CA ALA D 125 -10.59 -29.49 -13.82
C ALA D 125 -11.09 -30.55 -14.79
N SER D 126 -11.80 -30.12 -15.84
CA SER D 126 -12.36 -31.07 -16.80
C SER D 126 -11.25 -31.86 -17.50
N SER D 127 -10.14 -31.20 -17.81
CA SER D 127 -9.00 -31.92 -18.38
C SER D 127 -8.45 -32.95 -17.39
N ALA D 128 -8.41 -32.59 -16.11
CA ALA D 128 -7.90 -33.51 -15.10
C ALA D 128 -8.76 -34.76 -14.99
N VAL D 129 -10.08 -34.60 -14.99
CA VAL D 129 -10.96 -35.75 -14.87
C VAL D 129 -10.89 -36.61 -16.13
N SER D 130 -10.79 -35.97 -17.30
CA SER D 130 -10.70 -36.71 -18.55
C SER D 130 -9.46 -37.59 -18.59
N VAL D 131 -8.32 -37.06 -18.13
CA VAL D 131 -7.10 -37.87 -18.08
C VAL D 131 -7.23 -39.00 -17.07
N ALA D 132 -7.93 -38.76 -15.96
CA ALA D 132 -7.98 -39.76 -14.89
C ALA D 132 -8.91 -40.92 -15.25
N SER D 133 -10.03 -40.62 -15.92
CA SER D 133 -11.01 -41.66 -16.19
C SER D 133 -10.46 -42.74 -17.11
N GLY D 134 -9.59 -42.37 -18.04
CA GLY D 134 -8.92 -43.33 -18.88
C GLY D 134 -7.74 -44.02 -18.24
N MET D 135 -7.39 -43.59 -17.03
CA MET D 135 -6.29 -44.14 -16.26
C MET D 135 -6.80 -45.06 -15.16
N ASN D 136 -5.92 -45.97 -14.73
CA ASN D 136 -6.26 -46.86 -13.63
C ASN D 136 -6.28 -46.07 -12.32
N GLY D 137 -7.30 -46.31 -11.50
CA GLY D 137 -7.47 -45.57 -10.26
C GLY D 137 -6.42 -45.84 -9.20
N ASN D 138 -5.75 -46.99 -9.27
CA ASN D 138 -4.72 -47.32 -8.28
C ASN D 138 -3.40 -46.60 -8.54
N GLU D 139 -3.05 -46.38 -9.81
CA GLU D 139 -1.77 -45.77 -10.13
C GLU D 139 -1.79 -44.26 -9.91
N ILE D 140 -2.91 -43.59 -10.20
CA ILE D 140 -3.00 -42.14 -10.09
C ILE D 140 -4.33 -41.72 -9.49
N SER D 141 -4.28 -40.75 -8.59
CA SER D 141 -5.45 -40.09 -8.01
C SER D 141 -5.38 -38.61 -8.37
N VAL D 142 -6.52 -38.06 -8.81
CA VAL D 142 -6.56 -36.72 -9.38
C VAL D 142 -7.52 -35.84 -8.60
N ILE D 143 -7.03 -34.69 -8.15
CA ILE D 143 -7.84 -33.68 -7.47
C ILE D 143 -7.58 -32.35 -8.14
N SER D 144 -8.62 -31.51 -8.19
CA SER D 144 -8.50 -30.18 -8.75
C SER D 144 -9.05 -29.19 -7.74
N CYS D 145 -8.41 -28.03 -7.68
CA CYS D 145 -8.85 -26.96 -6.79
C CYS D 145 -9.46 -25.85 -7.63
N PRO D 146 -10.74 -25.51 -7.42
CA PRO D 146 -11.40 -24.54 -8.31
C PRO D 146 -10.97 -23.11 -7.99
N LYS D 147 -10.52 -22.41 -9.04
CA LYS D 147 -9.99 -21.06 -8.96
C LYS D 147 -10.83 -20.14 -9.85
N THR D 148 -11.23 -19.00 -9.30
CA THR D 148 -11.88 -17.96 -10.08
C THR D 148 -11.93 -16.65 -9.31
N ILE D 149 -11.47 -15.56 -9.94
CA ILE D 149 -11.59 -14.23 -9.34
C ILE D 149 -12.98 -13.65 -9.44
N ASP D 150 -13.88 -14.27 -10.20
CA ASP D 150 -15.22 -13.74 -10.42
C ASP D 150 -16.20 -14.12 -9.33
N ASN D 151 -15.80 -14.97 -8.37
CA ASN D 151 -16.65 -15.31 -7.24
C ASN D 151 -17.91 -16.05 -7.67
N ASP D 152 -17.84 -16.76 -8.80
CA ASP D 152 -19.00 -17.38 -9.43
C ASP D 152 -19.07 -18.89 -9.21
N LEU D 153 -18.40 -19.41 -8.19
CA LEU D 153 -18.61 -20.81 -7.80
C LEU D 153 -19.86 -20.93 -6.95
N PRO D 154 -20.51 -22.11 -6.97
CA PRO D 154 -21.77 -22.30 -6.23
C PRO D 154 -21.56 -22.60 -4.74
N LEU D 155 -20.75 -21.80 -4.08
CA LEU D 155 -20.61 -21.90 -2.64
C LEU D 155 -21.85 -21.33 -1.97
N PRO D 156 -22.05 -21.60 -0.68
CA PRO D 156 -23.17 -20.97 0.03
C PRO D 156 -23.09 -19.45 -0.11
N ALA D 157 -24.25 -18.82 -0.22
CA ALA D 157 -24.29 -17.40 -0.55
C ALA D 157 -23.48 -16.61 0.46
N ASP D 158 -22.78 -15.58 -0.02
CA ASP D 158 -21.93 -14.68 0.74
C ASP D 158 -20.55 -15.30 1.02
N GLN D 159 -20.30 -16.54 0.57
CA GLN D 159 -19.00 -17.18 0.74
C GLN D 159 -18.21 -17.02 -0.55
N SER D 160 -17.01 -16.46 -0.43
CA SER D 160 -16.23 -16.04 -1.59
C SER D 160 -15.28 -17.13 -2.07
N THR D 161 -14.94 -17.03 -3.35
CA THR D 161 -13.84 -17.81 -3.91
C THR D 161 -12.51 -17.14 -3.61
N PHE D 162 -11.44 -17.93 -3.63
CA PHE D 162 -10.12 -17.38 -3.29
C PHE D 162 -9.65 -16.52 -4.45
N GLY D 163 -8.98 -15.41 -4.10
CA GLY D 163 -8.61 -14.40 -5.06
C GLY D 163 -9.60 -13.27 -5.20
N PHE D 164 -10.88 -13.52 -4.87
CA PHE D 164 -11.89 -12.49 -5.03
C PHE D 164 -11.65 -11.34 -4.06
N HIS D 165 -11.30 -11.66 -2.81
CA HIS D 165 -11.09 -10.60 -1.83
C HIS D 165 -9.97 -9.67 -2.23
N THR D 166 -8.85 -10.23 -2.73
CA THR D 166 -7.73 -9.40 -3.17
C THR D 166 -8.13 -8.51 -4.34
N ALA D 167 -8.79 -9.07 -5.33
CA ALA D 167 -9.18 -8.31 -6.51
C ALA D 167 -10.15 -7.19 -6.17
N ARG D 168 -11.12 -7.46 -5.29
CA ARG D 168 -12.08 -6.42 -4.91
C ARG D 168 -11.43 -5.31 -4.12
N SER D 169 -10.47 -5.64 -3.26
CA SER D 169 -9.87 -4.60 -2.42
C SER D 169 -8.94 -3.69 -3.22
N LEU D 170 -8.13 -4.27 -4.09
CA LEU D 170 -7.31 -3.46 -4.96
C LEU D 170 -8.17 -2.66 -5.93
N GLY D 171 -9.27 -3.25 -6.40
CA GLY D 171 -10.21 -2.50 -7.21
C GLY D 171 -10.80 -1.32 -6.47
N MET D 172 -11.12 -1.50 -5.20
CA MET D 172 -11.61 -0.39 -4.40
C MET D 172 -10.57 0.73 -4.31
N GLU D 173 -9.30 0.36 -4.14
CA GLU D 173 -8.25 1.36 -3.99
C GLU D 173 -8.04 2.13 -5.29
N ILE D 174 -8.16 1.46 -6.44
CA ILE D 174 -8.04 2.17 -7.70
C ILE D 174 -9.21 3.13 -7.88
N ILE D 175 -10.43 2.66 -7.61
CA ILE D 175 -11.60 3.51 -7.77
C ILE D 175 -11.58 4.67 -6.80
N ARG D 176 -10.98 4.48 -5.61
CA ARG D 176 -10.89 5.58 -4.67
C ARG D 176 -10.11 6.75 -5.25
N ASN D 177 -8.99 6.47 -5.92
CA ASN D 177 -8.23 7.52 -6.60
C ASN D 177 -9.05 8.19 -7.68
N LEU D 178 -9.86 7.41 -8.42
CA LEU D 178 -10.70 7.98 -9.46
C LEU D 178 -11.85 8.78 -8.88
N MET D 179 -12.32 8.43 -7.68
CA MET D 179 -13.35 9.22 -7.02
C MET D 179 -12.80 10.57 -6.59
N VAL D 180 -11.58 10.58 -6.09
CA VAL D 180 -10.94 11.83 -5.70
C VAL D 180 -10.64 12.66 -6.93
N ASP D 181 -10.22 12.03 -8.03
CA ASP D 181 -9.89 12.77 -9.24
C ASP D 181 -11.14 13.34 -9.91
N SER D 182 -12.23 12.56 -9.92
CA SER D 182 -13.45 13.06 -10.54
C SER D 182 -13.99 14.27 -9.79
N LYS D 183 -13.84 14.30 -8.47
CA LYS D 183 -14.29 15.44 -7.68
C LYS D 183 -13.33 16.63 -7.79
N SER D 184 -12.01 16.36 -7.76
CA SER D 184 -11.04 17.44 -7.81
C SER D 184 -11.06 18.16 -9.15
N ALA D 185 -11.21 17.41 -10.24
CA ALA D 185 -11.29 17.99 -11.59
C ALA D 185 -12.57 17.45 -12.22
N PRO D 186 -13.71 18.11 -11.94
CA PRO D 186 -15.02 17.50 -12.26
C PRO D 186 -15.11 16.74 -13.58
N ARG D 187 -15.43 15.45 -13.49
CA ARG D 187 -15.68 14.59 -14.63
C ARG D 187 -16.36 13.32 -14.13
N TRP D 188 -16.89 12.54 -15.08
CA TRP D 188 -17.44 11.23 -14.80
C TRP D 188 -16.49 10.16 -15.34
N PHE D 189 -16.19 9.15 -14.52
CA PHE D 189 -15.46 7.96 -14.96
C PHE D 189 -16.42 6.80 -15.15
N LEU D 190 -16.39 6.16 -16.32
CA LEU D 190 -17.09 4.91 -16.55
C LEU D 190 -16.08 3.78 -16.42
N VAL D 191 -16.02 3.17 -15.25
CA VAL D 191 -15.09 2.07 -14.98
C VAL D 191 -15.70 0.77 -15.47
N GLU D 192 -14.95 0.03 -16.27
CA GLU D 192 -15.36 -1.27 -16.77
C GLU D 192 -14.57 -2.35 -16.02
N ALA D 193 -15.26 -3.12 -15.18
CA ALA D 193 -14.64 -4.19 -14.43
C ALA D 193 -14.55 -5.44 -15.29
N MET D 194 -13.33 -5.87 -15.59
CA MET D 194 -13.12 -7.01 -16.48
C MET D 194 -13.75 -8.27 -15.89
N GLY D 195 -14.23 -9.13 -16.79
CA GLY D 195 -14.95 -10.33 -16.40
C GLY D 195 -16.37 -10.34 -16.91
N ARG D 196 -16.69 -11.27 -17.80
CA ARG D 196 -18.01 -11.33 -18.40
C ARG D 196 -18.90 -12.39 -17.72
N SER D 197 -18.38 -13.13 -16.75
CA SER D 197 -19.09 -14.26 -16.17
C SER D 197 -20.24 -13.80 -15.26
N ALA D 198 -19.99 -12.83 -14.38
CA ALA D 198 -20.95 -12.47 -13.35
C ALA D 198 -20.68 -11.03 -12.94
N GLY D 199 -21.54 -10.51 -12.07
CA GLY D 199 -21.42 -9.16 -11.59
C GLY D 199 -20.85 -9.01 -10.20
N HIS D 200 -20.26 -10.08 -9.64
CA HIS D 200 -19.74 -10.00 -8.29
C HIS D 200 -18.63 -8.97 -8.18
N LEU D 201 -17.68 -9.00 -9.11
CA LEU D 201 -16.50 -8.15 -8.99
C LEU D 201 -16.86 -6.68 -9.18
N ALA D 202 -17.70 -6.37 -10.16
CA ALA D 202 -18.07 -4.96 -10.35
C ALA D 202 -18.84 -4.44 -9.15
N LEU D 203 -19.81 -5.20 -8.66
CA LEU D 203 -20.63 -4.71 -7.56
C LEU D 203 -19.81 -4.61 -6.28
N GLY D 204 -18.85 -5.52 -6.08
CA GLY D 204 -18.03 -5.45 -4.88
C GLY D 204 -17.17 -4.21 -4.84
N MET D 205 -16.51 -3.92 -5.96
CA MET D 205 -15.70 -2.71 -6.05
C MET D 205 -16.56 -1.46 -5.87
N ALA D 206 -17.72 -1.43 -6.54
CA ALA D 206 -18.56 -0.24 -6.50
C ALA D 206 -19.10 0.01 -5.10
N GLU D 207 -19.61 -1.04 -4.45
CA GLU D 207 -20.18 -0.85 -3.12
C GLU D 207 -19.13 -0.40 -2.12
N ALA D 208 -17.95 -1.02 -2.18
CA ALA D 208 -16.88 -0.67 -1.25
C ALA D 208 -16.42 0.77 -1.44
N SER D 209 -16.32 1.23 -2.69
CA SER D 209 -15.81 2.56 -2.98
C SER D 209 -16.88 3.64 -2.95
N GLY D 210 -18.14 3.28 -2.70
CA GLY D 210 -19.19 4.28 -2.76
C GLY D 210 -19.37 4.86 -4.14
N ALA D 211 -19.17 4.04 -5.18
CA ALA D 211 -19.42 4.51 -6.52
C ALA D 211 -20.89 4.89 -6.67
N HIS D 212 -21.15 5.89 -7.52
CA HIS D 212 -22.50 6.44 -7.62
C HIS D 212 -23.44 5.54 -8.40
N LEU D 213 -22.93 4.60 -9.19
CA LEU D 213 -23.81 3.73 -9.93
C LEU D 213 -23.06 2.45 -10.25
N CYS D 214 -23.80 1.33 -10.28
CA CYS D 214 -23.24 0.08 -10.74
C CYS D 214 -24.27 -0.64 -11.60
N LEU D 215 -23.84 -1.10 -12.77
CA LEU D 215 -24.69 -1.82 -13.71
C LEU D 215 -24.10 -3.20 -13.95
N ILE D 216 -24.86 -4.24 -13.60
CA ILE D 216 -24.45 -5.63 -13.79
C ILE D 216 -25.52 -6.32 -14.63
N PRO D 217 -25.16 -7.34 -15.41
CA PRO D 217 -26.19 -8.02 -16.24
C PRO D 217 -27.32 -8.61 -15.42
N GLU D 218 -27.08 -8.98 -14.17
CA GLU D 218 -28.08 -9.67 -13.37
C GLU D 218 -29.30 -8.82 -13.07
N GLU D 219 -29.20 -7.50 -13.13
CA GLU D 219 -30.32 -6.64 -12.77
C GLU D 219 -31.25 -6.33 -13.92
N PHE D 220 -30.99 -6.82 -15.12
CA PHE D 220 -31.86 -6.60 -16.26
C PHE D 220 -32.91 -7.70 -16.36
N LYS D 221 -34.18 -7.28 -16.39
CA LYS D 221 -35.27 -8.24 -16.38
C LYS D 221 -35.34 -9.04 -17.68
N GLN D 222 -35.25 -8.36 -18.82
CA GLN D 222 -35.36 -9.05 -20.10
C GLN D 222 -34.10 -9.88 -20.37
N ASP D 223 -34.24 -10.84 -21.27
CA ASP D 223 -33.14 -11.75 -21.57
C ASP D 223 -32.03 -11.10 -22.38
N GLU D 224 -32.33 -10.03 -23.11
CA GLU D 224 -31.35 -9.36 -23.93
C GLU D 224 -31.36 -7.86 -23.62
N ILE D 225 -30.18 -7.31 -23.44
CA ILE D 225 -30.00 -5.89 -23.14
C ILE D 225 -29.95 -5.12 -24.45
N GLU D 226 -30.45 -3.90 -24.43
CA GLU D 226 -30.35 -2.99 -25.56
C GLU D 226 -29.36 -1.87 -25.24
N PHE D 227 -28.55 -1.50 -26.23
CA PHE D 227 -27.55 -0.46 -26.04
C PHE D 227 -28.18 0.84 -25.56
N GLU D 228 -29.37 1.15 -26.06
CA GLU D 228 -30.03 2.40 -25.68
C GLU D 228 -30.37 2.41 -24.19
N ASP D 229 -30.80 1.28 -23.63
CA ASP D 229 -31.15 1.23 -22.22
C ASP D 229 -29.95 1.49 -21.32
N VAL D 230 -28.78 0.95 -21.68
CA VAL D 230 -27.58 1.18 -20.87
C VAL D 230 -27.22 2.67 -20.88
N VAL D 231 -27.25 3.30 -22.05
CA VAL D 231 -26.92 4.72 -22.14
C VAL D 231 -27.86 5.55 -21.27
N GLU D 232 -29.16 5.23 -21.29
CA GLU D 232 -30.14 6.04 -20.57
C GLU D 232 -30.07 5.79 -19.07
N LEU D 233 -29.68 4.59 -18.65
CA LEU D 233 -29.52 4.32 -17.22
C LEU D 233 -28.37 5.15 -16.64
N VAL D 234 -27.26 5.26 -17.38
CA VAL D 234 -26.18 6.14 -16.94
C VAL D 234 -26.61 7.59 -17.04
N GLU D 235 -27.33 7.94 -18.11
CA GLU D 235 -27.73 9.33 -18.34
C GLU D 235 -28.62 9.83 -17.20
N ALA D 236 -29.53 8.99 -16.71
CA ALA D 236 -30.40 9.40 -15.62
C ALA D 236 -29.62 9.70 -14.35
N THR D 237 -28.63 8.86 -14.02
CA THR D 237 -27.82 9.10 -12.83
C THR D 237 -27.03 10.40 -12.95
N ILE D 238 -26.46 10.66 -14.14
CA ILE D 238 -25.69 11.89 -14.33
C ILE D 238 -26.57 13.11 -14.15
N LEU D 239 -27.77 13.08 -14.71
CA LEU D 239 -28.68 14.22 -14.59
C LEU D 239 -29.14 14.40 -13.16
N LYS D 240 -29.45 13.31 -12.45
CA LYS D 240 -29.90 13.45 -11.06
C LYS D 240 -28.80 14.05 -10.19
N ARG D 241 -27.56 13.59 -10.36
CA ARG D 241 -26.44 14.20 -9.65
C ARG D 241 -26.29 15.66 -10.02
N LEU D 242 -26.46 15.98 -11.31
CA LEU D 242 -26.37 17.37 -11.75
C LEU D 242 -27.50 18.20 -11.17
N ALA D 243 -28.67 17.60 -10.93
CA ALA D 243 -29.76 18.32 -10.30
C ALA D 243 -29.47 18.66 -8.85
N TYR D 244 -28.48 18.00 -8.23
CA TYR D 244 -28.06 18.27 -6.86
C TYR D 244 -26.73 19.01 -6.82
N GLY D 245 -26.33 19.64 -7.92
CA GLY D 245 -25.16 20.48 -7.96
C GLY D 245 -23.85 19.78 -8.20
N LYS D 246 -23.87 18.51 -8.59
CA LYS D 246 -22.67 17.70 -8.76
C LYS D 246 -22.59 17.21 -10.20
N ASN D 247 -21.60 17.73 -10.94
CA ASN D 247 -21.39 17.38 -12.34
C ASN D 247 -20.28 16.33 -12.49
N TYR D 248 -20.17 15.41 -11.53
CA TYR D 248 -19.10 14.44 -11.52
C TYR D 248 -19.55 13.20 -10.77
N GLY D 249 -18.84 12.11 -11.00
CA GLY D 249 -19.13 10.87 -10.33
C GLY D 249 -18.36 9.73 -10.96
N VAL D 250 -18.63 8.53 -10.48
CA VAL D 250 -18.03 7.32 -11.00
C VAL D 250 -19.14 6.30 -11.15
N CYS D 251 -19.16 5.63 -12.30
CA CYS D 251 -20.13 4.57 -12.60
C CYS D 251 -19.35 3.32 -12.98
N VAL D 252 -19.64 2.21 -12.30
CA VAL D 252 -18.93 0.96 -12.51
C VAL D 252 -19.82 0.04 -13.33
N LEU D 253 -19.22 -0.57 -14.37
CA LEU D 253 -19.96 -1.38 -15.33
C LEU D 253 -19.33 -2.76 -15.42
N ALA D 254 -20.10 -3.80 -15.12
CA ALA D 254 -19.62 -5.16 -15.34
C ALA D 254 -19.48 -5.41 -16.84
N GLU D 255 -18.34 -5.97 -17.26
CA GLU D 255 -18.17 -6.30 -18.67
C GLU D 255 -19.21 -7.32 -19.14
N GLY D 256 -19.84 -8.03 -18.21
CA GLY D 256 -20.86 -9.00 -18.54
C GLY D 256 -22.09 -8.42 -19.19
N LEU D 257 -22.27 -7.10 -19.14
CA LEU D 257 -23.35 -6.48 -19.88
C LEU D 257 -23.26 -6.79 -21.37
N VAL D 258 -22.03 -6.83 -21.89
CA VAL D 258 -21.83 -7.02 -23.33
C VAL D 258 -22.35 -8.38 -23.77
N SER D 259 -22.11 -9.43 -22.98
CA SER D 259 -22.51 -10.76 -23.40
C SER D 259 -24.01 -10.99 -23.26
N LYS D 260 -24.74 -10.06 -22.63
CA LYS D 260 -26.19 -10.14 -22.56
C LYS D 260 -26.86 -9.26 -23.61
N MET D 261 -26.10 -8.49 -24.37
CA MET D 261 -26.67 -7.57 -25.34
C MET D 261 -27.17 -8.32 -26.57
N SER D 262 -28.21 -7.79 -27.19
CA SER D 262 -28.78 -8.38 -28.40
C SER D 262 -27.83 -8.17 -29.58
N LYS D 263 -28.16 -8.80 -30.71
CA LYS D 263 -27.36 -8.64 -31.91
C LYS D 263 -27.40 -7.20 -32.40
N LYS D 264 -28.57 -6.56 -32.35
CA LYS D 264 -28.68 -5.16 -32.77
C LYS D 264 -27.85 -4.27 -31.84
N ALA D 265 -27.87 -4.53 -30.54
CA ALA D 265 -27.11 -3.73 -29.58
C ALA D 265 -25.62 -3.84 -29.84
N LEU D 266 -25.13 -5.04 -30.13
CA LEU D 266 -23.71 -5.21 -30.43
C LEU D 266 -23.32 -4.46 -31.70
N TYR D 267 -24.23 -4.36 -32.67
CA TYR D 267 -23.96 -3.60 -33.89
C TYR D 267 -23.69 -2.14 -33.56
N LYS D 268 -24.52 -1.54 -32.70
CA LYS D 268 -24.28 -0.16 -32.27
C LYS D 268 -23.03 -0.05 -31.41
N LEU D 269 -22.74 -1.09 -30.63
CA LEU D 269 -21.59 -1.05 -29.73
C LEU D 269 -20.30 -0.88 -30.50
N PHE D 270 -20.15 -1.59 -31.61
CA PHE D 270 -18.94 -1.55 -32.42
C PHE D 270 -18.91 -0.39 -33.41
N GLY D 271 -19.67 0.66 -33.15
CA GLY D 271 -19.63 1.84 -33.99
C GLY D 271 -20.59 1.83 -35.14
N ASN D 272 -21.76 1.21 -34.99
CA ASN D 272 -22.69 0.98 -36.09
C ASN D 272 -21.99 0.27 -37.25
N ARG D 273 -21.08 -0.64 -36.89
CA ARG D 273 -20.36 -1.50 -37.82
C ARG D 273 -20.74 -2.95 -37.54
N GLU D 274 -20.39 -3.84 -38.46
CA GLU D 274 -20.60 -5.26 -38.24
C GLU D 274 -19.64 -5.76 -37.16
N PRO D 275 -20.14 -6.42 -36.11
CA PRO D 275 -19.24 -6.92 -35.04
C PRO D 275 -18.20 -7.89 -35.59
N PRO D 276 -16.97 -7.83 -35.10
CA PRO D 276 -15.96 -8.80 -35.54
C PRO D 276 -16.31 -10.22 -35.13
N THR D 277 -15.80 -11.17 -35.89
CA THR D 277 -16.09 -12.58 -35.68
C THR D 277 -14.81 -13.40 -35.91
N ASP D 278 -14.80 -14.59 -35.32
CA ASP D 278 -13.66 -15.50 -35.47
C ASP D 278 -13.80 -16.37 -36.71
N LEU D 284 -16.46 -11.95 -31.31
CA LEU D 284 -15.24 -11.60 -30.59
C LEU D 284 -15.49 -10.47 -29.61
N LEU D 285 -16.03 -10.82 -28.44
CA LEU D 285 -16.42 -9.83 -27.47
C LEU D 285 -15.24 -9.12 -26.80
N ASP D 286 -14.04 -9.68 -26.86
CA ASP D 286 -12.89 -9.01 -26.26
C ASP D 286 -12.54 -7.70 -26.95
N ASP D 287 -12.81 -7.58 -28.25
CA ASP D 287 -12.52 -6.34 -28.95
C ASP D 287 -13.53 -5.23 -28.64
N ALA D 288 -14.64 -5.56 -27.99
CA ALA D 288 -15.61 -4.54 -27.64
C ALA D 288 -15.02 -3.58 -26.61
N GLU D 289 -15.43 -2.32 -26.69
CA GLU D 289 -15.00 -1.30 -25.74
C GLU D 289 -16.28 -0.71 -25.15
N LEU D 290 -16.82 -1.39 -24.14
CA LEU D 290 -18.12 -0.99 -23.61
C LEU D 290 -18.08 0.39 -23.02
N ALA D 291 -17.11 0.65 -22.15
CA ALA D 291 -17.05 1.93 -21.45
C ALA D 291 -16.81 3.08 -22.43
N ARG D 292 -15.95 2.86 -23.42
CA ARG D 292 -15.65 3.92 -24.38
C ARG D 292 -16.86 4.26 -25.24
N SER D 293 -17.56 3.24 -25.73
CA SER D 293 -18.73 3.49 -26.58
C SER D 293 -19.78 4.29 -25.82
N LEU D 294 -20.03 3.91 -24.57
CA LEU D 294 -20.99 4.66 -23.75
C LEU D 294 -20.50 6.09 -23.52
N SER D 295 -19.18 6.28 -23.41
CA SER D 295 -18.62 7.62 -23.20
C SER D 295 -18.88 8.53 -24.39
N GLU D 296 -18.69 8.01 -25.62
CA GLU D 296 -18.90 8.83 -26.81
C GLU D 296 -20.36 9.25 -26.94
N GLU D 297 -21.28 8.30 -26.76
CA GLU D 297 -22.70 8.62 -26.89
C GLU D 297 -23.13 9.61 -25.81
N LEU D 298 -22.70 9.40 -24.58
CA LEU D 298 -23.13 10.28 -23.49
C LEU D 298 -22.55 11.68 -23.62
N LEU D 299 -21.38 11.81 -24.27
CA LEU D 299 -20.83 13.14 -24.54
C LEU D 299 -21.67 13.88 -25.58
N LYS D 300 -22.20 13.16 -26.57
CA LYS D 300 -23.09 13.79 -27.53
C LYS D 300 -24.31 14.38 -26.83
N ARG D 301 -24.90 13.62 -25.90
CA ARG D 301 -26.16 14.01 -25.29
C ARG D 301 -25.99 15.02 -24.17
N LEU D 302 -24.86 14.98 -23.46
CA LEU D 302 -24.70 15.74 -22.23
C LEU D 302 -23.52 16.70 -22.24
N GLY D 303 -22.70 16.70 -23.28
CA GLY D 303 -21.54 17.58 -23.29
C GLY D 303 -21.92 19.04 -23.19
N ASN D 304 -23.03 19.42 -23.82
CA ASN D 304 -23.51 20.80 -23.76
C ASN D 304 -23.84 21.23 -22.35
N LEU D 305 -24.06 20.28 -21.44
CA LEU D 305 -24.37 20.61 -20.04
C LEU D 305 -23.13 20.86 -19.21
N GLY D 306 -21.94 20.75 -19.79
CA GLY D 306 -20.71 20.84 -19.03
C GLY D 306 -20.21 19.54 -18.45
N ILE D 307 -20.61 18.41 -19.01
CA ILE D 307 -20.23 17.09 -18.53
C ILE D 307 -19.16 16.51 -19.43
N ARG D 308 -18.07 16.06 -18.85
CA ARG D 308 -17.05 15.30 -19.56
C ARG D 308 -16.97 13.90 -18.98
N ILE D 309 -16.74 12.93 -19.86
CA ILE D 309 -16.82 11.50 -19.56
C ILE D 309 -15.58 10.81 -20.10
N THR D 310 -15.01 9.92 -19.28
CA THR D 310 -13.78 9.20 -19.59
C THR D 310 -13.90 7.73 -19.22
N PRO D 311 -13.54 6.81 -20.11
CA PRO D 311 -13.55 5.39 -19.75
C PRO D 311 -12.25 4.95 -19.10
N LYS D 312 -12.36 3.89 -18.31
CA LYS D 312 -11.19 3.34 -17.60
C LYS D 312 -11.49 1.89 -17.27
N LYS D 313 -10.62 0.97 -17.70
CA LYS D 313 -10.85 -0.44 -17.42
C LYS D 313 -9.99 -0.88 -16.24
N ILE D 314 -10.55 -1.73 -15.40
CA ILE D 314 -9.85 -2.32 -14.26
C ILE D 314 -9.86 -3.83 -14.48
N GLY D 315 -8.78 -4.32 -15.07
CA GLY D 315 -8.64 -5.70 -15.47
C GLY D 315 -7.42 -6.43 -14.93
N TYR D 316 -6.42 -6.54 -15.81
CA TYR D 316 -5.27 -7.39 -15.60
C TYR D 316 -4.38 -6.99 -14.43
N GLU D 317 -4.46 -5.75 -13.98
CA GLU D 317 -3.63 -5.38 -12.83
C GLU D 317 -4.12 -6.04 -11.54
N LEU D 318 -5.30 -6.64 -11.55
CA LEU D 318 -5.82 -7.31 -10.35
C LEU D 318 -5.37 -8.77 -10.23
N ARG D 319 -5.06 -9.42 -11.34
CA ARG D 319 -4.94 -10.87 -11.34
C ARG D 319 -3.74 -11.37 -10.53
N CYS D 320 -2.64 -10.62 -10.50
CA CYS D 320 -1.43 -11.07 -9.82
C CYS D 320 -1.01 -10.13 -8.70
N ALA D 321 -1.96 -9.42 -8.11
CA ALA D 321 -1.69 -8.70 -6.87
C ALA D 321 -1.37 -9.69 -5.75
N ASP D 322 -0.51 -9.27 -4.84
CA ASP D 322 -0.18 -10.13 -3.71
C ASP D 322 -1.44 -10.37 -2.88
N PRO D 323 -1.66 -11.58 -2.39
CA PRO D 323 -2.93 -11.87 -1.70
C PRO D 323 -3.07 -11.10 -0.41
N VAL D 324 -4.31 -10.68 -0.14
CA VAL D 324 -4.65 -10.08 1.15
C VAL D 324 -4.77 -11.22 2.16
N ALA D 325 -4.79 -10.87 3.46
CA ALA D 325 -4.69 -11.92 4.48
C ALA D 325 -5.79 -12.96 4.33
N PHE D 326 -6.99 -12.54 3.93
CA PHE D 326 -8.08 -13.49 3.82
C PHE D 326 -7.77 -14.57 2.80
N ASP D 327 -7.19 -14.19 1.65
CA ASP D 327 -6.83 -15.17 0.63
C ASP D 327 -5.57 -15.97 1.00
N ALA D 328 -4.65 -15.39 1.76
CA ALA D 328 -3.48 -16.17 2.20
C ALA D 328 -3.91 -17.31 3.11
N VAL D 329 -4.80 -17.03 4.07
CA VAL D 329 -5.35 -18.08 4.93
C VAL D 329 -6.17 -19.06 4.10
N TYR D 330 -7.00 -18.52 3.20
CA TYR D 330 -7.90 -19.34 2.40
C TYR D 330 -7.12 -20.38 1.61
N THR D 331 -6.09 -19.95 0.89
CA THR D 331 -5.38 -20.87 0.02
C THR D 331 -4.49 -21.83 0.80
N ARG D 332 -3.99 -21.42 1.96
CA ARG D 332 -3.24 -22.38 2.78
C ARG D 332 -4.14 -23.54 3.20
N GLU D 333 -5.37 -23.24 3.59
CA GLU D 333 -6.30 -24.29 3.96
C GLU D 333 -6.71 -25.13 2.76
N LEU D 334 -6.77 -24.53 1.56
CA LEU D 334 -7.10 -25.30 0.38
C LEU D 334 -5.96 -26.26 0.03
N GLY D 335 -4.72 -25.80 0.12
CA GLY D 335 -3.59 -26.68 -0.15
C GLY D 335 -3.54 -27.84 0.83
N TYR D 336 -3.76 -27.58 2.11
CA TYR D 336 -3.83 -28.66 3.09
C TYR D 336 -4.95 -29.63 2.74
N GLY D 337 -6.12 -29.11 2.37
CA GLY D 337 -7.24 -29.96 2.07
C GLY D 337 -7.03 -30.85 0.87
N ALA D 338 -6.26 -30.39 -0.11
CA ALA D 338 -5.97 -31.24 -1.27
C ALA D 338 -5.15 -32.46 -0.86
N ILE D 339 -4.11 -32.25 -0.05
CA ILE D 339 -3.29 -33.36 0.40
C ILE D 339 -4.10 -34.29 1.30
N ASP D 340 -4.98 -33.72 2.12
CA ASP D 340 -5.83 -34.52 2.99
C ASP D 340 -6.75 -35.42 2.18
N ALA D 341 -7.30 -34.90 1.09
CA ALA D 341 -8.18 -35.70 0.24
C ALA D 341 -7.44 -36.86 -0.40
N PHE D 342 -6.21 -36.63 -0.87
CA PHE D 342 -5.41 -37.72 -1.43
C PHE D 342 -5.20 -38.81 -0.38
N LEU D 343 -4.86 -38.41 0.85
CA LEU D 343 -4.59 -39.38 1.90
C LEU D 343 -5.81 -40.25 2.20
N ASN D 344 -7.01 -39.70 2.02
CA ASN D 344 -8.26 -40.42 2.26
C ASN D 344 -8.80 -41.08 1.00
N GLY D 345 -7.98 -41.19 -0.04
CA GLY D 345 -8.36 -41.95 -1.21
C GLY D 345 -9.30 -41.25 -2.17
N HIS D 346 -9.55 -39.97 -1.98
CA HIS D 346 -10.44 -39.26 -2.87
C HIS D 346 -9.79 -39.04 -4.23
N SER D 347 -10.61 -38.99 -5.26
CA SER D 347 -10.16 -38.70 -6.61
C SER D 347 -11.36 -38.15 -7.37
N ALA D 348 -11.07 -37.50 -8.49
CA ALA D 348 -12.10 -36.83 -9.28
C ALA D 348 -12.97 -35.93 -8.39
N ALA D 349 -12.31 -35.16 -7.53
CA ALA D 349 -12.99 -34.29 -6.58
C ALA D 349 -12.44 -32.86 -6.63
N LEU D 350 -13.26 -31.94 -6.11
CA LEU D 350 -12.94 -30.52 -6.03
C LEU D 350 -12.71 -30.13 -4.57
N ILE D 351 -11.60 -29.46 -4.31
CA ILE D 351 -11.32 -28.96 -2.97
C ILE D 351 -12.01 -27.61 -2.83
N VAL D 352 -13.05 -27.55 -2.01
CA VAL D 352 -13.81 -26.32 -1.78
C VAL D 352 -13.95 -26.13 -0.28
N ARG D 353 -14.18 -24.88 0.12
CA ARG D 353 -14.40 -24.56 1.51
C ARG D 353 -15.83 -24.03 1.67
N GLU D 354 -16.57 -24.65 2.58
CA GLU D 354 -17.96 -24.32 2.84
C GLU D 354 -18.17 -24.30 4.33
N ASN D 355 -18.73 -23.20 4.83
CA ASN D 355 -19.00 -23.04 6.25
C ASN D 355 -17.75 -23.30 7.09
N GLY D 356 -16.63 -22.75 6.61
CA GLY D 356 -15.37 -22.82 7.34
C GLY D 356 -14.69 -24.17 7.30
N GLN D 357 -15.12 -25.07 6.43
CA GLN D 357 -14.56 -26.42 6.36
C GLN D 357 -14.11 -26.71 4.94
N VAL D 358 -12.85 -27.13 4.79
CA VAL D 358 -12.36 -27.59 3.50
C VAL D 358 -12.75 -29.06 3.33
N LYS D 359 -13.37 -29.39 2.20
CA LYS D 359 -13.92 -30.71 1.97
C LYS D 359 -13.76 -31.06 0.50
N PRO D 360 -13.61 -32.34 0.17
CA PRO D 360 -13.68 -32.73 -1.25
C PRO D 360 -15.13 -32.87 -1.69
N VAL D 361 -15.39 -32.47 -2.93
CA VAL D 361 -16.74 -32.53 -3.51
C VAL D 361 -16.62 -33.09 -4.92
N GLN D 362 -17.29 -34.20 -5.20
CA GLN D 362 -17.14 -34.85 -6.50
C GLN D 362 -17.58 -33.89 -7.61
N PHE D 363 -16.85 -33.94 -8.73
CA PHE D 363 -17.01 -32.91 -9.75
C PHE D 363 -18.45 -32.80 -10.22
N LYS D 364 -19.08 -33.92 -10.53
CA LYS D 364 -20.43 -33.86 -11.10
C LYS D 364 -21.44 -33.33 -10.09
N ASP D 365 -21.19 -33.51 -8.79
CA ASP D 365 -22.13 -32.99 -7.81
C ASP D 365 -22.28 -31.48 -7.93
N LEU D 366 -21.27 -30.80 -8.48
CA LEU D 366 -21.31 -29.36 -8.67
C LEU D 366 -21.70 -28.97 -10.09
N LEU D 367 -21.74 -29.93 -11.02
CA LEU D 367 -22.05 -29.62 -12.41
C LEU D 367 -23.51 -29.24 -12.58
N ASP D 368 -23.76 -28.32 -13.51
CA ASP D 368 -25.10 -27.99 -13.96
C ASP D 368 -25.46 -28.91 -15.11
N PRO D 369 -26.50 -29.74 -14.99
CA PRO D 369 -26.78 -30.71 -16.08
C PRO D 369 -26.98 -30.04 -17.43
N ALA D 370 -27.54 -28.83 -17.45
CA ALA D 370 -27.81 -28.16 -18.72
C ALA D 370 -26.52 -27.75 -19.43
N THR D 371 -25.43 -27.55 -18.68
CA THR D 371 -24.20 -27.00 -19.23
C THR D 371 -23.08 -27.99 -19.41
N GLY D 372 -22.98 -29.00 -18.55
CA GLY D 372 -21.82 -29.85 -18.53
C GLY D 372 -20.62 -29.24 -17.85
N ARG D 373 -20.73 -28.01 -17.37
CA ARG D 373 -19.67 -27.34 -16.63
C ARG D 373 -20.20 -27.01 -15.23
N VAL D 374 -19.28 -26.67 -14.32
CA VAL D 374 -19.67 -26.35 -12.96
C VAL D 374 -20.65 -25.17 -12.99
N ARG D 375 -21.68 -25.25 -12.16
CA ARG D 375 -22.72 -24.23 -12.17
C ARG D 375 -22.15 -22.86 -11.80
N THR D 376 -22.70 -21.83 -12.43
CA THR D 376 -22.24 -20.45 -12.23
C THR D 376 -23.16 -19.76 -11.23
N ARG D 377 -22.59 -19.30 -10.12
CA ARG D 377 -23.33 -18.51 -9.14
C ARG D 377 -23.23 -17.05 -9.56
N LEU D 378 -24.38 -16.44 -9.84
CA LEU D 378 -24.44 -15.04 -10.21
C LEU D 378 -24.87 -14.21 -9.01
N VAL D 379 -24.82 -12.89 -9.18
CA VAL D 379 -25.33 -12.01 -8.15
C VAL D 379 -26.83 -12.24 -7.98
N ASP D 380 -27.25 -12.36 -6.72
CA ASP D 380 -28.67 -12.49 -6.38
C ASP D 380 -29.23 -11.09 -6.18
N VAL D 381 -29.90 -10.55 -7.20
CA VAL D 381 -30.39 -9.18 -7.12
C VAL D 381 -31.63 -9.06 -6.25
N THR D 382 -32.18 -10.18 -5.77
CA THR D 382 -33.27 -10.15 -4.83
C THR D 382 -32.81 -10.14 -3.38
N SER D 383 -31.52 -10.37 -3.12
CA SER D 383 -31.02 -10.42 -1.76
C SER D 383 -31.02 -9.02 -1.14
N GLN D 384 -30.99 -8.98 0.20
CA GLN D 384 -30.93 -7.70 0.87
C GLN D 384 -29.62 -6.97 0.57
N SER D 385 -28.52 -7.70 0.38
CA SER D 385 -27.26 -7.05 0.10
C SER D 385 -27.34 -6.22 -1.18
N PHE D 386 -27.98 -6.77 -2.20
CA PHE D 386 -28.09 -6.03 -3.45
C PHE D 386 -28.95 -4.78 -3.27
N LYS D 387 -30.06 -4.90 -2.53
CA LYS D 387 -30.88 -3.71 -2.29
C LYS D 387 -30.12 -2.67 -1.49
N VAL D 388 -29.34 -3.10 -0.50
CA VAL D 388 -28.56 -2.14 0.29
C VAL D 388 -27.56 -1.41 -0.60
N ALA D 389 -26.86 -2.14 -1.46
CA ALA D 389 -25.94 -1.50 -2.39
C ALA D 389 -26.67 -0.50 -3.27
N ARG D 390 -27.86 -0.86 -3.71
CA ARG D 390 -28.64 0.04 -4.58
C ARG D 390 -29.09 1.29 -3.83
N VAL D 391 -29.30 1.19 -2.51
CA VAL D 391 -29.77 2.34 -1.74
C VAL D 391 -28.77 3.49 -1.83
N TYR D 392 -27.48 3.19 -1.75
CA TYR D 392 -26.44 4.21 -1.73
C TYR D 392 -25.99 4.63 -3.13
N MET D 393 -26.57 4.08 -4.18
CA MET D 393 -26.34 4.55 -5.53
C MET D 393 -27.24 5.73 -5.83
N TRP D 394 -26.80 6.58 -6.76
CA TRP D 394 -27.63 7.65 -7.29
C TRP D 394 -28.37 7.16 -8.52
N ARG D 395 -29.70 7.21 -8.47
CA ARG D 395 -30.54 6.65 -9.52
C ARG D 395 -31.98 7.11 -9.33
N MET D 396 -32.77 6.95 -10.39
CA MET D 396 -34.19 7.28 -10.38
C MET D 396 -35.00 6.00 -10.20
N SER D 397 -35.68 5.87 -9.08
CA SER D 397 -36.53 4.73 -8.79
C SER D 397 -37.93 4.95 -9.36
N LYS D 398 -38.80 3.94 -9.18
CA LYS D 398 -40.20 4.13 -9.52
C LYS D 398 -40.80 5.29 -8.73
N LYS D 399 -40.55 5.32 -7.42
CA LYS D 399 -41.07 6.40 -6.60
C LYS D 399 -40.51 7.75 -7.02
N ASP D 400 -39.25 7.79 -7.48
CA ASP D 400 -38.66 9.05 -7.88
C ASP D 400 -39.36 9.66 -9.10
N TYR D 401 -39.72 8.82 -10.07
CA TYR D 401 -40.42 9.33 -11.25
C TYR D 401 -41.80 9.86 -10.88
N GLU D 402 -42.38 9.34 -9.80
CA GLU D 402 -43.68 9.80 -9.33
C GLU D 402 -43.59 11.04 -8.45
N ASN D 403 -42.38 11.47 -8.09
CA ASN D 403 -42.17 12.68 -7.30
C ASN D 403 -42.10 13.85 -8.28
N LYS D 404 -43.15 14.66 -8.33
CA LYS D 404 -43.23 15.69 -9.34
C LYS D 404 -42.16 16.74 -9.13
N ASP D 405 -41.88 17.11 -7.86
CA ASP D 405 -40.83 18.09 -7.60
C ASP D 405 -39.47 17.57 -8.04
N LEU D 406 -39.17 16.32 -7.72
CA LEU D 406 -37.88 15.75 -8.11
C LEU D 406 -37.75 15.69 -9.63
N VAL D 407 -38.80 15.23 -10.31
CA VAL D 407 -38.71 15.10 -11.76
C VAL D 407 -38.51 16.46 -12.41
N ALA D 408 -39.12 17.50 -11.85
CA ALA D 408 -38.94 18.83 -12.41
C ALA D 408 -37.50 19.31 -12.29
N ARG D 409 -36.87 19.07 -11.14
CA ARG D 409 -35.49 19.50 -10.96
C ARG D 409 -34.54 18.72 -11.86
N VAL D 410 -34.73 17.41 -11.98
CA VAL D 410 -33.83 16.61 -12.79
C VAL D 410 -33.97 16.97 -14.28
N ALA D 411 -35.21 17.13 -14.74
CA ALA D 411 -35.43 17.51 -16.12
C ALA D 411 -34.82 18.88 -16.41
N ALA D 412 -34.98 19.82 -15.47
CA ALA D 412 -34.38 21.14 -15.64
C ALA D 412 -32.86 21.05 -15.72
N ALA D 413 -32.26 20.16 -14.93
CA ALA D 413 -30.81 19.98 -14.99
C ALA D 413 -30.38 19.55 -16.39
N GLY D 414 -31.19 18.72 -17.04
CA GLY D 414 -30.95 18.30 -18.40
C GLY D 414 -31.49 19.24 -19.45
N LYS D 415 -32.02 20.39 -19.04
CA LYS D 415 -32.55 21.39 -19.95
C LYS D 415 -33.58 20.77 -20.90
N MET D 416 -34.59 20.15 -20.28
CA MET D 416 -35.72 19.59 -21.01
C MET D 416 -36.92 19.68 -20.10
N THR D 417 -38.11 19.57 -20.69
CA THR D 417 -39.34 19.70 -19.92
C THR D 417 -39.57 18.46 -19.07
N PRO D 418 -40.31 18.58 -17.96
CA PRO D 418 -40.62 17.37 -17.17
C PRO D 418 -41.31 16.30 -17.99
N GLU D 419 -42.15 16.70 -18.96
CA GLU D 419 -42.80 15.72 -19.82
C GLU D 419 -41.80 15.01 -20.73
N ALA D 420 -40.83 15.74 -21.27
CA ALA D 420 -39.82 15.11 -22.12
C ALA D 420 -38.97 14.14 -21.32
N PHE D 421 -38.61 14.51 -20.09
CA PHE D 421 -37.79 13.63 -19.26
C PHE D 421 -38.54 12.34 -18.92
N THR D 422 -39.81 12.46 -18.53
CA THR D 422 -40.60 11.28 -18.24
C THR D 422 -40.76 10.42 -19.48
N GLU D 423 -40.92 11.06 -20.65
CA GLU D 423 -41.10 10.33 -21.89
C GLU D 423 -39.89 9.48 -22.23
N LYS D 424 -38.69 9.99 -21.95
CA LYS D 424 -37.48 9.28 -22.35
C LYS D 424 -37.07 8.23 -21.34
N PHE D 425 -37.15 8.54 -20.05
CA PHE D 425 -36.48 7.75 -19.02
C PHE D 425 -37.40 6.91 -18.14
N ALA D 426 -38.69 7.23 -18.05
CA ALA D 426 -39.55 6.58 -17.07
C ALA D 426 -39.70 5.09 -17.34
N HIS D 427 -39.53 4.65 -18.59
CA HIS D 427 -39.70 3.24 -18.92
C HIS D 427 -38.60 2.36 -18.32
N LEU D 428 -37.49 2.96 -17.86
CA LEU D 428 -36.38 2.16 -17.36
C LEU D 428 -36.73 1.39 -16.09
N THR D 429 -37.82 1.74 -15.42
CA THR D 429 -38.23 0.98 -14.23
C THR D 429 -38.73 -0.42 -14.58
N ASP D 430 -39.09 -0.66 -15.84
CA ASP D 430 -39.42 -1.99 -16.33
C ASP D 430 -38.22 -2.68 -16.98
N VAL D 431 -37.08 -2.01 -17.08
CA VAL D 431 -35.89 -2.60 -17.67
C VAL D 431 -35.03 -3.30 -16.62
N VAL D 432 -34.96 -2.72 -15.42
CA VAL D 432 -34.10 -3.23 -14.35
C VAL D 432 -34.92 -3.41 -13.08
N VAL D 433 -34.57 -4.45 -12.32
CA VAL D 433 -35.26 -4.72 -11.06
C VAL D 433 -35.16 -3.49 -10.15
N GLU D 434 -36.18 -3.29 -9.33
CA GLU D 434 -36.22 -2.15 -8.44
C GLU D 434 -36.07 -2.53 -6.98
P AMP E . 24.67 -13.32 -24.46
O1P AMP E . 23.78 -13.71 -25.62
O2P AMP E . 25.49 -14.46 -23.88
O3P AMP E . 25.42 -12.04 -24.68
O5' AMP E . 23.64 -12.96 -23.30
C5' AMP E . 23.87 -11.82 -22.47
C4' AMP E . 23.04 -11.84 -21.22
O4' AMP E . 22.24 -10.62 -21.18
C3' AMP E . 22.04 -12.97 -21.08
O3' AMP E . 21.78 -13.21 -19.69
C2' AMP E . 20.80 -12.42 -21.76
O2' AMP E . 19.58 -12.99 -21.31
C1' AMP E . 20.87 -10.93 -21.43
N9 AMP E . 20.44 -10.02 -22.51
C8 AMP E . 20.53 -10.26 -23.84
N7 AMP E . 20.08 -9.20 -24.55
C5 AMP E . 19.70 -8.25 -23.67
C6 AMP E . 19.12 -6.89 -23.76
N6 AMP E . 18.88 -6.37 -25.00
N1 AMP E . 18.87 -6.23 -22.61
C2 AMP E . 19.12 -6.76 -21.39
N3 AMP E . 19.64 -8.00 -21.25
C4 AMP E . 19.94 -8.78 -22.33
P AMP F . -2.85 33.08 16.81
O1P AMP F . -2.76 32.56 18.23
O2P AMP F . -4.25 33.46 16.39
O3P AMP F . -1.79 34.09 16.43
O5' AMP F . -2.53 31.80 15.92
C5' AMP F . -2.75 31.81 14.51
C4' AMP F . -2.86 30.42 13.94
O4' AMP F . -1.62 29.70 14.18
C3' AMP F . -3.97 29.56 14.55
O3' AMP F . -4.55 28.75 13.52
C2' AMP F . -3.22 28.70 15.57
O2' AMP F . -3.86 27.47 15.90
C1' AMP F . -1.89 28.48 14.86
N9 AMP F . -0.74 28.19 15.73
C8 AMP F . -0.52 28.71 16.95
N7 AMP F . 0.66 28.24 17.44
C5 AMP F . 1.21 27.41 16.52
C6 AMP F . 2.44 26.59 16.41
N6 AMP F . 3.32 26.58 17.45
N1 AMP F . 2.63 25.87 15.27
C2 AMP F . 1.74 25.88 14.25
N3 AMP F . 0.61 26.61 14.29
C4 AMP F . 0.28 27.39 15.38
O11 PPV G . -1.09 23.98 -15.74
P1 PPV G . -0.78 22.63 -16.39
O21 PPV G . -0.79 21.46 -15.41
O31 PPV G . 0.45 22.66 -17.31
OPP PPV G . -2.05 22.24 -17.38
P2 PPV G . -2.35 20.98 -18.42
O12 PPV G . -3.42 21.48 -19.41
O22 PPV G . -1.01 20.65 -19.08
O32 PPV G . -2.82 19.89 -17.45
C1 GOL H . -9.51 1.13 -34.52
O1 GOL H . -10.23 2.33 -34.72
C2 GOL H . -8.06 1.46 -34.24
O2 GOL H . -7.74 0.95 -32.96
C3 GOL H . -7.15 0.90 -35.32
O3 GOL H . -5.98 1.69 -35.40
C1 G6P I . 14.22 -5.77 -18.05
C2 G6P I . 15.63 -5.69 -17.48
C3 G6P I . 15.91 -6.56 -16.29
C4 G6P I . 14.74 -7.40 -15.88
C5 G6P I . 14.02 -8.00 -17.09
C6 G6P I . 12.93 -8.97 -16.70
O1 G6P I . 14.23 -5.48 -19.43
O2 G6P I . 16.62 -6.04 -18.45
O3 G6P I . 16.21 -5.72 -15.17
O4 G6P I . 15.23 -8.48 -15.13
O5 G6P I . 13.45 -6.89 -17.74
O6 G6P I . 13.38 -10.31 -16.72
P G6P I . 12.40 -11.58 -17.35
O1P G6P I . 13.25 -12.16 -18.46
O2P G6P I . 12.16 -12.53 -16.18
O3P G6P I . 11.13 -10.91 -17.86
P PO4 J . -7.38 -14.08 -20.99
O1 PO4 J . -8.68 -13.76 -20.18
O2 PO4 J . -7.77 -14.98 -22.21
O3 PO4 J . -6.78 -12.73 -21.53
O4 PO4 J . -6.32 -14.82 -20.08
P PO4 K . -7.32 15.55 -19.35
O1 PO4 K . -7.42 15.98 -17.84
O2 PO4 K . -8.51 14.59 -19.68
O3 PO4 K . -7.43 16.84 -20.24
O4 PO4 K . -5.96 14.81 -19.64
CL CL L . -15.39 19.80 -36.87
MG MG M . 1.35 21.23 -19.34
P AMP N . -33.74 15.68 -0.16
O1P AMP N . -33.34 17.07 0.30
O2P AMP N . -35.15 15.27 0.21
O3P AMP N . -33.34 15.37 -1.58
O5' AMP N . -32.85 14.74 0.76
C5' AMP N . -32.30 13.53 0.26
C4' AMP N . -30.87 13.37 0.70
O4' AMP N . -30.32 12.19 0.08
C3' AMP N . -29.94 14.51 0.33
O3' AMP N . -28.86 14.58 1.28
C2' AMP N . -29.43 14.08 -1.04
O2' AMP N . -28.16 14.62 -1.36
C1' AMP N . -29.39 12.56 -0.93
N9 AMP N . -29.81 11.85 -2.15
C8 AMP N . -30.76 12.23 -3.03
N7 AMP N . -30.91 11.30 -4.01
C5 AMP N . -30.05 10.30 -3.74
C6 AMP N . -29.69 9.01 -4.37
N6 AMP N . -30.32 8.66 -5.49
N1 AMP N . -28.74 8.25 -3.77
C2 AMP N . -28.12 8.63 -2.64
N3 AMP N . -28.40 9.79 -2.02
C4 AMP N . -29.33 10.65 -2.51
C1 G6P O . 6.38 -21.40 8.42
C2 G6P O . 5.57 -22.30 7.49
C3 G6P O . 5.90 -22.28 6.03
C4 G6P O . 6.94 -21.26 5.65
C5 G6P O . 8.05 -21.20 6.68
C6 G6P O . 9.16 -20.25 6.29
O1 G6P O . 6.72 -22.06 9.62
O2 G6P O . 5.69 -23.68 7.86
O3 G6P O . 4.72 -21.97 5.29
O4 G6P O . 7.51 -21.67 4.43
O5 G6P O . 7.44 -20.71 7.85
O6 G6P O . 10.24 -20.96 5.74
P G6P O . 11.88 -20.45 5.95
O1P G6P O . 12.57 -21.77 6.30
O2P G6P O . 12.30 -19.90 4.60
O3P G6P O . 11.86 -19.42 7.07
P PO4 P . -20.25 13.43 -3.39
O1 PO4 P . -20.08 11.90 -3.07
O2 PO4 P . -21.79 13.74 -3.46
O3 PO4 P . -19.60 14.36 -2.31
O4 PO4 P . -19.54 13.75 -4.74
P PO4 Q . -6.37 1.46 25.19
O1 PO4 Q . -6.66 1.20 26.71
O2 PO4 Q . -7.63 2.10 24.52
O3 PO4 Q . -5.16 2.46 25.07
O4 PO4 Q . -5.98 0.11 24.46
P PO4 R . -13.79 -1.85 24.16
O1 PO4 R . -15.03 -0.90 24.08
O2 PO4 R . -14.11 -3.22 23.45
O3 PO4 R . -12.53 -1.18 23.48
O4 PO4 R . -13.44 -2.13 25.68
P PO4 S . 21.84 -6.19 12.25
O1 PO4 S . 21.67 -6.17 13.81
O2 PO4 S . 20.62 -6.93 11.59
O3 PO4 S . 21.93 -4.69 11.75
O4 PO4 S . 23.14 -6.97 11.82
P PO4 T . -5.02 19.14 14.46
O1 PO4 T . -3.99 18.19 15.18
O2 PO4 T . -6.48 18.61 14.67
O3 PO4 T . -4.90 20.60 15.02
O4 PO4 T . -4.69 19.14 12.92
P PO4 U . 26.38 -0.48 9.31
O1 PO4 U . 26.55 0.90 8.57
O2 PO4 U . 25.77 -0.22 10.74
O3 PO4 U . 25.41 -1.43 8.50
O4 PO4 U . 27.78 -1.18 9.43
P AMP V . 12.11 -34.30 7.29
O1P AMP V . 13.59 -34.07 6.99
O2P AMP V . 11.43 -35.33 6.41
O3P AMP V . 11.77 -34.39 8.76
O5' AMP V . 11.47 -32.91 6.85
C5' AMP V . 10.35 -32.85 5.97
C4' AMP V . 10.13 -31.44 5.45
O4' AMP V . 9.27 -30.72 6.36
C3' AMP V . 11.40 -30.60 5.31
O3' AMP V . 11.26 -29.69 4.21
C2' AMP V . 11.45 -29.85 6.63
O2' AMP V . 12.19 -28.64 6.58
C1' AMP V . 9.97 -29.59 6.89
N9 AMP V . 9.58 -29.49 8.31
C8 AMP V . 10.13 -30.16 9.35
N7 AMP V . 9.50 -29.83 10.52
C5 AMP V . 8.53 -28.93 10.22
C6 AMP V . 7.52 -28.19 10.99
N6 AMP V . 7.44 -28.37 12.32
N1 AMP V . 6.70 -27.34 10.30
C2 AMP V . 6.78 -27.18 8.96
N3 AMP V . 7.69 -27.83 8.22
C4 AMP V . 8.59 -28.70 8.77
P PO4 W . -10.62 -20.24 -16.12
O1 PO4 W . -9.71 -19.81 -14.91
O2 PO4 W . -12.09 -20.47 -15.61
O3 PO4 W . -10.63 -19.05 -17.16
O4 PO4 W . -10.06 -21.55 -16.77
#